data_3JW6
# 
_entry.id   3JW6 
# 
_audit_conform.dict_name       mmcif_pdbx.dic 
_audit_conform.dict_version    5.398 
_audit_conform.dict_location   http://mmcif.pdb.org/dictionaries/ascii/mmcif_pdbx.dic 
# 
loop_
_database_2.database_id 
_database_2.database_code 
_database_2.pdbx_database_accession 
_database_2.pdbx_DOI 
PDB   3JW6         pdb_00003jw6 10.2210/pdb3jw6/pdb 
RCSB  RCSB055235   ?            ?                   
WWPDB D_1000055235 ?            ?                   
# 
loop_
_pdbx_audit_revision_history.ordinal 
_pdbx_audit_revision_history.data_content_type 
_pdbx_audit_revision_history.major_revision 
_pdbx_audit_revision_history.minor_revision 
_pdbx_audit_revision_history.revision_date 
1 'Structure model' 1 0 2009-12-08 
2 'Structure model' 1 1 2011-07-13 
3 'Structure model' 1 2 2017-11-01 
4 'Structure model' 1 3 2018-07-25 
5 'Structure model' 1 4 2024-11-13 
# 
_pdbx_audit_revision_details.ordinal             1 
_pdbx_audit_revision_details.revision_ordinal    1 
_pdbx_audit_revision_details.data_content_type   'Structure model' 
_pdbx_audit_revision_details.provider            repository 
_pdbx_audit_revision_details.type                'Initial release' 
_pdbx_audit_revision_details.description         ? 
_pdbx_audit_revision_details.details             ? 
# 
loop_
_pdbx_audit_revision_group.ordinal 
_pdbx_audit_revision_group.revision_ordinal 
_pdbx_audit_revision_group.data_content_type 
_pdbx_audit_revision_group.group 
1  2 'Structure model' 'Version format compliance' 
2  3 'Structure model' 'Refinement description'    
3  4 'Structure model' 'Data collection'           
4  4 'Structure model' 'Database references'       
5  4 'Structure model' 'Derived calculations'      
6  4 'Structure model' 'Refinement description'    
7  4 'Structure model' 'Source and taxonomy'       
8  4 'Structure model' 'Structure summary'         
9  5 'Structure model' 'Data collection'           
10 5 'Structure model' 'Database references'       
11 5 'Structure model' 'Derived calculations'      
12 5 'Structure model' 'Structure summary'         
# 
loop_
_pdbx_audit_revision_category.ordinal 
_pdbx_audit_revision_category.revision_ordinal 
_pdbx_audit_revision_category.data_content_type 
_pdbx_audit_revision_category.category 
1  3 'Structure model' software                  
2  4 'Structure model' entity                    
3  4 'Structure model' entity_src_gen            
4  4 'Structure model' entity_src_nat            
5  4 'Structure model' pdbx_struct_mod_residue   
6  4 'Structure model' software                  
7  4 'Structure model' struct_ref_seq_dif        
8  5 'Structure model' chem_comp_atom            
9  5 'Structure model' chem_comp_bond            
10 5 'Structure model' database_2                
11 5 'Structure model' pdbx_entry_details        
12 5 'Structure model' pdbx_modification_feature 
13 5 'Structure model' struct_conn               
14 5 'Structure model' struct_site               
# 
loop_
_pdbx_audit_revision_item.ordinal 
_pdbx_audit_revision_item.revision_ordinal 
_pdbx_audit_revision_item.data_content_type 
_pdbx_audit_revision_item.item 
1 4 'Structure model' '_entity.src_method'                  
2 4 'Structure model' '_pdbx_struct_mod_residue.details'    
3 4 'Structure model' '_struct_ref_seq_dif.details'         
4 5 'Structure model' '_database_2.pdbx_DOI'                
5 5 'Structure model' '_database_2.pdbx_database_accession' 
6 5 'Structure model' '_struct_conn.pdbx_leaving_atom_flag' 
7 5 'Structure model' '_struct_site.pdbx_auth_asym_id'      
8 5 'Structure model' '_struct_site.pdbx_auth_comp_id'      
9 5 'Structure model' '_struct_site.pdbx_auth_seq_id'       
# 
_pdbx_database_status.entry_id                        3JW6 
_pdbx_database_status.deposit_site                    RCSB 
_pdbx_database_status.process_site                    PDBJ 
_pdbx_database_status.recvd_initial_deposition_date   2009-09-17 
_pdbx_database_status.status_code                     REL 
_pdbx_database_status.status_code_sf                  REL 
_pdbx_database_status.status_code_mr                  ? 
_pdbx_database_status.SG_entry                        ? 
_pdbx_database_status.pdb_format_compatible           Y 
_pdbx_database_status.status_code_cs                  ? 
_pdbx_database_status.methods_development_category    ? 
_pdbx_database_status.status_code_nmr_data            ? 
# 
_pdbx_database_related.db_name        PDB 
_pdbx_database_related.db_id          3JVB 
_pdbx_database_related.details        'Polyhedrin protein of Wiseana spp. nucleopolyhedrosis virus' 
_pdbx_database_related.content_type   unspecified 
# 
loop_
_audit_author.name 
_audit_author.pdbx_ordinal 
'Coulibaly, F.' 1 
'Chiu, E.'      2 
'Metcalf, P.'   3 
# 
_citation.id                        primary 
_citation.title                     
'The atomic structure of baculovirus polyhedra reveals the independent emergence of infectious crystals in DNA and RNA viruses' 
_citation.journal_abbrev            Proc.Natl.Acad.Sci.USA 
_citation.journal_volume            106 
_citation.page_first                22205 
_citation.page_last                 22210 
_citation.year                      2009 
_citation.journal_id_ASTM           PNASA6 
_citation.country                   US 
_citation.journal_id_ISSN           0027-8424 
_citation.journal_id_CSD            0040 
_citation.book_publisher            ? 
_citation.pdbx_database_id_PubMed   20007786 
_citation.pdbx_database_id_DOI      10.1073/pnas.0910686106 
# 
loop_
_citation_author.citation_id 
_citation_author.name 
_citation_author.ordinal 
_citation_author.identifier_ORCID 
primary 'Coulibaly, F.'      1  ? 
primary 'Chiu, E.'           2  ? 
primary 'Gutmann, S.'        3  ? 
primary 'Rajendran, C.'      4  ? 
primary 'Haebel, P.W.'       5  ? 
primary 'Ikeda, K.'          6  ? 
primary 'Mori, H.'           7  ? 
primary 'Ward, V.K.'         8  ? 
primary 'Schulze-Briese, C.' 9  ? 
primary 'Metcalf, P.'        10 ? 
# 
loop_
_entity.id 
_entity.type 
_entity.src_method 
_entity.pdbx_description 
_entity.formula_weight 
_entity.pdbx_number_of_molecules 
_entity.pdbx_ec 
_entity.pdbx_mutation 
_entity.pdbx_fragment 
_entity.details 
1 polymer     man Polyhedrin     29018.131 1  ? G25D ? ? 
2 non-polymer syn 1,2-ETHANEDIOL 62.068    1  ? ?    ? ? 
3 water       nat water          18.015    74 ? ?    ? ? 
# 
_entity_name_com.entity_id   1 
_entity_name_com.name        'Major occlusion protein' 
# 
_entity_poly.entity_id                      1 
_entity_poly.type                           'polypeptide(L)' 
_entity_poly.nstd_linkage                   no 
_entity_poly.nstd_monomer                   yes 
_entity_poly.pdbx_seq_one_letter_code       
;(MSE)PDYSYRPTIGRTYVYDNKYYKNLDAVIKNAKRKKHFAEHEIEEATLDPLDNYLVAEDPFLGPGKNQKLTLFKEIR
NVKPDT(MSE)KLVVGWKGKEFYRETWTRF(MSE)EDSFPIVNDQEV(MSE)DVFLVVN(MSE)RPTRPNRCYKFLAQHA
LRCDPDYVPHDVIRIVEPSWVGSNNEYRISLAKKGGGCPI(MSE)NLHSEYTNSFEQFIDRVIWENFYKPIVYIGTDSAE
EEEILLEVSLVFKVKEFAPDAPLFTGPAY
;
_entity_poly.pdbx_seq_one_letter_code_can   
;MPDYSYRPTIGRTYVYDNKYYKNLDAVIKNAKRKKHFAEHEIEEATLDPLDNYLVAEDPFLGPGKNQKLTLFKEIRNVKP
DTMKLVVGWKGKEFYRETWTRFMEDSFPIVNDQEVMDVFLVVNMRPTRPNRCYKFLAQHALRCDPDYVPHDVIRIVEPSW
VGSNNEYRISLAKKGGGCPIMNLHSEYTNSFEQFIDRVIWENFYKPIVYIGTDSAEEEEILLEVSLVFKVKEFAPDAPLF
TGPAY
;
_entity_poly.pdbx_strand_id                 A 
_entity_poly.pdbx_target_identifier         ? 
# 
loop_
_pdbx_entity_nonpoly.entity_id 
_pdbx_entity_nonpoly.name 
_pdbx_entity_nonpoly.comp_id 
2 1,2-ETHANEDIOL EDO 
3 water          HOH 
# 
loop_
_entity_poly_seq.entity_id 
_entity_poly_seq.num 
_entity_poly_seq.mon_id 
_entity_poly_seq.hetero 
1 1   MSE n 
1 2   PRO n 
1 3   ASP n 
1 4   TYR n 
1 5   SER n 
1 6   TYR n 
1 7   ARG n 
1 8   PRO n 
1 9   THR n 
1 10  ILE n 
1 11  GLY n 
1 12  ARG n 
1 13  THR n 
1 14  TYR n 
1 15  VAL n 
1 16  TYR n 
1 17  ASP n 
1 18  ASN n 
1 19  LYS n 
1 20  TYR n 
1 21  TYR n 
1 22  LYS n 
1 23  ASN n 
1 24  LEU n 
1 25  ASP n 
1 26  ALA n 
1 27  VAL n 
1 28  ILE n 
1 29  LYS n 
1 30  ASN n 
1 31  ALA n 
1 32  LYS n 
1 33  ARG n 
1 34  LYS n 
1 35  LYS n 
1 36  HIS n 
1 37  PHE n 
1 38  ALA n 
1 39  GLU n 
1 40  HIS n 
1 41  GLU n 
1 42  ILE n 
1 43  GLU n 
1 44  GLU n 
1 45  ALA n 
1 46  THR n 
1 47  LEU n 
1 48  ASP n 
1 49  PRO n 
1 50  LEU n 
1 51  ASP n 
1 52  ASN n 
1 53  TYR n 
1 54  LEU n 
1 55  VAL n 
1 56  ALA n 
1 57  GLU n 
1 58  ASP n 
1 59  PRO n 
1 60  PHE n 
1 61  LEU n 
1 62  GLY n 
1 63  PRO n 
1 64  GLY n 
1 65  LYS n 
1 66  ASN n 
1 67  GLN n 
1 68  LYS n 
1 69  LEU n 
1 70  THR n 
1 71  LEU n 
1 72  PHE n 
1 73  LYS n 
1 74  GLU n 
1 75  ILE n 
1 76  ARG n 
1 77  ASN n 
1 78  VAL n 
1 79  LYS n 
1 80  PRO n 
1 81  ASP n 
1 82  THR n 
1 83  MSE n 
1 84  LYS n 
1 85  LEU n 
1 86  VAL n 
1 87  VAL n 
1 88  GLY n 
1 89  TRP n 
1 90  LYS n 
1 91  GLY n 
1 92  LYS n 
1 93  GLU n 
1 94  PHE n 
1 95  TYR n 
1 96  ARG n 
1 97  GLU n 
1 98  THR n 
1 99  TRP n 
1 100 THR n 
1 101 ARG n 
1 102 PHE n 
1 103 MSE n 
1 104 GLU n 
1 105 ASP n 
1 106 SER n 
1 107 PHE n 
1 108 PRO n 
1 109 ILE n 
1 110 VAL n 
1 111 ASN n 
1 112 ASP n 
1 113 GLN n 
1 114 GLU n 
1 115 VAL n 
1 116 MSE n 
1 117 ASP n 
1 118 VAL n 
1 119 PHE n 
1 120 LEU n 
1 121 VAL n 
1 122 VAL n 
1 123 ASN n 
1 124 MSE n 
1 125 ARG n 
1 126 PRO n 
1 127 THR n 
1 128 ARG n 
1 129 PRO n 
1 130 ASN n 
1 131 ARG n 
1 132 CYS n 
1 133 TYR n 
1 134 LYS n 
1 135 PHE n 
1 136 LEU n 
1 137 ALA n 
1 138 GLN n 
1 139 HIS n 
1 140 ALA n 
1 141 LEU n 
1 142 ARG n 
1 143 CYS n 
1 144 ASP n 
1 145 PRO n 
1 146 ASP n 
1 147 TYR n 
1 148 VAL n 
1 149 PRO n 
1 150 HIS n 
1 151 ASP n 
1 152 VAL n 
1 153 ILE n 
1 154 ARG n 
1 155 ILE n 
1 156 VAL n 
1 157 GLU n 
1 158 PRO n 
1 159 SER n 
1 160 TRP n 
1 161 VAL n 
1 162 GLY n 
1 163 SER n 
1 164 ASN n 
1 165 ASN n 
1 166 GLU n 
1 167 TYR n 
1 168 ARG n 
1 169 ILE n 
1 170 SER n 
1 171 LEU n 
1 172 ALA n 
1 173 LYS n 
1 174 LYS n 
1 175 GLY n 
1 176 GLY n 
1 177 GLY n 
1 178 CYS n 
1 179 PRO n 
1 180 ILE n 
1 181 MSE n 
1 182 ASN n 
1 183 LEU n 
1 184 HIS n 
1 185 SER n 
1 186 GLU n 
1 187 TYR n 
1 188 THR n 
1 189 ASN n 
1 190 SER n 
1 191 PHE n 
1 192 GLU n 
1 193 GLN n 
1 194 PHE n 
1 195 ILE n 
1 196 ASP n 
1 197 ARG n 
1 198 VAL n 
1 199 ILE n 
1 200 TRP n 
1 201 GLU n 
1 202 ASN n 
1 203 PHE n 
1 204 TYR n 
1 205 LYS n 
1 206 PRO n 
1 207 ILE n 
1 208 VAL n 
1 209 TYR n 
1 210 ILE n 
1 211 GLY n 
1 212 THR n 
1 213 ASP n 
1 214 SER n 
1 215 ALA n 
1 216 GLU n 
1 217 GLU n 
1 218 GLU n 
1 219 GLU n 
1 220 ILE n 
1 221 LEU n 
1 222 LEU n 
1 223 GLU n 
1 224 VAL n 
1 225 SER n 
1 226 LEU n 
1 227 VAL n 
1 228 PHE n 
1 229 LYS n 
1 230 VAL n 
1 231 LYS n 
1 232 GLU n 
1 233 PHE n 
1 234 ALA n 
1 235 PRO n 
1 236 ASP n 
1 237 ALA n 
1 238 PRO n 
1 239 LEU n 
1 240 PHE n 
1 241 THR n 
1 242 GLY n 
1 243 PRO n 
1 244 ALA n 
1 245 TYR n 
# 
_entity_src_gen.entity_id                          1 
_entity_src_gen.pdbx_src_id                        1 
_entity_src_gen.pdbx_alt_source_flag               sample 
_entity_src_gen.pdbx_seq_type                      'Biological sequence' 
_entity_src_gen.pdbx_beg_seq_num                   1 
_entity_src_gen.pdbx_end_seq_num                   245 
_entity_src_gen.gene_src_common_name               AcMNPV 
_entity_src_gen.gene_src_genus                     ? 
_entity_src_gen.pdbx_gene_src_gene                 'PH, P29, POLH' 
_entity_src_gen.gene_src_species                   ? 
_entity_src_gen.gene_src_strain                    ? 
_entity_src_gen.gene_src_tissue                    ? 
_entity_src_gen.gene_src_tissue_fraction           ? 
_entity_src_gen.gene_src_details                   ? 
_entity_src_gen.pdbx_gene_src_fragment             ? 
_entity_src_gen.pdbx_gene_src_scientific_name      'Autographa californica nuclear polyhedrosis virus' 
_entity_src_gen.pdbx_gene_src_ncbi_taxonomy_id     46015 
_entity_src_gen.pdbx_gene_src_variant              ? 
_entity_src_gen.pdbx_gene_src_cell_line            ? 
_entity_src_gen.pdbx_gene_src_atcc                 ? 
_entity_src_gen.pdbx_gene_src_organ                ? 
_entity_src_gen.pdbx_gene_src_organelle            ? 
_entity_src_gen.pdbx_gene_src_cell                 Sf21 
_entity_src_gen.pdbx_gene_src_cellular_location    ? 
_entity_src_gen.host_org_common_name               ? 
_entity_src_gen.pdbx_host_org_scientific_name      'Spodoptera frugiperda' 
_entity_src_gen.pdbx_host_org_ncbi_taxonomy_id     7108 
_entity_src_gen.host_org_genus                     ? 
_entity_src_gen.pdbx_host_org_gene                 ? 
_entity_src_gen.pdbx_host_org_organ                ? 
_entity_src_gen.host_org_species                   ? 
_entity_src_gen.pdbx_host_org_tissue               ? 
_entity_src_gen.pdbx_host_org_tissue_fraction      ? 
_entity_src_gen.pdbx_host_org_strain               ? 
_entity_src_gen.pdbx_host_org_variant              ? 
_entity_src_gen.pdbx_host_org_cell_line            sf9 
_entity_src_gen.pdbx_host_org_atcc                 ? 
_entity_src_gen.pdbx_host_org_culture_collection   ? 
_entity_src_gen.pdbx_host_org_cell                 ? 
_entity_src_gen.pdbx_host_org_organelle            ? 
_entity_src_gen.pdbx_host_org_cellular_location    ? 
_entity_src_gen.pdbx_host_org_vector_type          baculovirus 
_entity_src_gen.pdbx_host_org_vector               ? 
_entity_src_gen.host_org_details                   ? 
_entity_src_gen.expression_system_id               ? 
_entity_src_gen.plasmid_name                       ? 
_entity_src_gen.plasmid_details                    ? 
_entity_src_gen.pdbx_description                   
'Crystals were purified from Sf21 cells infected by the Autographa californica Multicapsid Nucleopolyhedrovirus (AcMNPV)' 
# 
loop_
_chem_comp.id 
_chem_comp.type 
_chem_comp.mon_nstd_flag 
_chem_comp.name 
_chem_comp.pdbx_synonyms 
_chem_comp.formula 
_chem_comp.formula_weight 
ALA 'L-peptide linking' y ALANINE          ?                 'C3 H7 N O2'     89.093  
ARG 'L-peptide linking' y ARGININE         ?                 'C6 H15 N4 O2 1' 175.209 
ASN 'L-peptide linking' y ASPARAGINE       ?                 'C4 H8 N2 O3'    132.118 
ASP 'L-peptide linking' y 'ASPARTIC ACID'  ?                 'C4 H7 N O4'     133.103 
CYS 'L-peptide linking' y CYSTEINE         ?                 'C3 H7 N O2 S'   121.158 
EDO non-polymer         . 1,2-ETHANEDIOL   'ETHYLENE GLYCOL' 'C2 H6 O2'       62.068  
GLN 'L-peptide linking' y GLUTAMINE        ?                 'C5 H10 N2 O3'   146.144 
GLU 'L-peptide linking' y 'GLUTAMIC ACID'  ?                 'C5 H9 N O4'     147.129 
GLY 'peptide linking'   y GLYCINE          ?                 'C2 H5 N O2'     75.067  
HIS 'L-peptide linking' y HISTIDINE        ?                 'C6 H10 N3 O2 1' 156.162 
HOH non-polymer         . WATER            ?                 'H2 O'           18.015  
ILE 'L-peptide linking' y ISOLEUCINE       ?                 'C6 H13 N O2'    131.173 
LEU 'L-peptide linking' y LEUCINE          ?                 'C6 H13 N O2'    131.173 
LYS 'L-peptide linking' y LYSINE           ?                 'C6 H15 N2 O2 1' 147.195 
MSE 'L-peptide linking' n SELENOMETHIONINE ?                 'C5 H11 N O2 Se' 196.106 
PHE 'L-peptide linking' y PHENYLALANINE    ?                 'C9 H11 N O2'    165.189 
PRO 'L-peptide linking' y PROLINE          ?                 'C5 H9 N O2'     115.130 
SER 'L-peptide linking' y SERINE           ?                 'C3 H7 N O3'     105.093 
THR 'L-peptide linking' y THREONINE        ?                 'C4 H9 N O3'     119.119 
TRP 'L-peptide linking' y TRYPTOPHAN       ?                 'C11 H12 N2 O2'  204.225 
TYR 'L-peptide linking' y TYROSINE         ?                 'C9 H11 N O3'    181.189 
VAL 'L-peptide linking' y VALINE           ?                 'C5 H11 N O2'    117.146 
# 
loop_
_pdbx_poly_seq_scheme.asym_id 
_pdbx_poly_seq_scheme.entity_id 
_pdbx_poly_seq_scheme.seq_id 
_pdbx_poly_seq_scheme.mon_id 
_pdbx_poly_seq_scheme.ndb_seq_num 
_pdbx_poly_seq_scheme.pdb_seq_num 
_pdbx_poly_seq_scheme.auth_seq_num 
_pdbx_poly_seq_scheme.pdb_mon_id 
_pdbx_poly_seq_scheme.auth_mon_id 
_pdbx_poly_seq_scheme.pdb_strand_id 
_pdbx_poly_seq_scheme.pdb_ins_code 
_pdbx_poly_seq_scheme.hetero 
A 1 1   MSE 1   1   ?   ?   ?   A . n 
A 1 2   PRO 2   2   ?   ?   ?   A . n 
A 1 3   ASP 3   3   ?   ?   ?   A . n 
A 1 4   TYR 4   4   ?   ?   ?   A . n 
A 1 5   SER 5   5   ?   ?   ?   A . n 
A 1 6   TYR 6   6   ?   ?   ?   A . n 
A 1 7   ARG 7   7   ?   ?   ?   A . n 
A 1 8   PRO 8   8   ?   ?   ?   A . n 
A 1 9   THR 9   9   ?   ?   ?   A . n 
A 1 10  ILE 10  10  ?   ?   ?   A . n 
A 1 11  GLY 11  11  11  GLY GLY A . n 
A 1 12  ARG 12  12  12  ARG ARG A . n 
A 1 13  THR 13  13  13  THR THR A . n 
A 1 14  TYR 14  14  14  TYR TYR A . n 
A 1 15  VAL 15  15  15  VAL VAL A . n 
A 1 16  TYR 16  16  16  TYR TYR A . n 
A 1 17  ASP 17  17  17  ASP ASP A . n 
A 1 18  ASN 18  18  18  ASN ASN A . n 
A 1 19  LYS 19  19  19  LYS LYS A . n 
A 1 20  TYR 20  20  20  TYR TYR A . n 
A 1 21  TYR 21  21  21  TYR TYR A . n 
A 1 22  LYS 22  22  22  LYS LYS A . n 
A 1 23  ASN 23  23  23  ASN ASN A . n 
A 1 24  LEU 24  24  24  LEU LEU A . n 
A 1 25  ASP 25  25  25  ASP ASP A . n 
A 1 26  ALA 26  26  26  ALA ALA A . n 
A 1 27  VAL 27  27  27  VAL VAL A . n 
A 1 28  ILE 28  28  28  ILE ILE A . n 
A 1 29  LYS 29  29  ?   ?   ?   A . n 
A 1 30  ASN 30  30  ?   ?   ?   A . n 
A 1 31  ALA 31  31  ?   ?   ?   A . n 
A 1 32  LYS 32  32  ?   ?   ?   A . n 
A 1 33  ARG 33  33  ?   ?   ?   A . n 
A 1 34  LYS 34  34  ?   ?   ?   A . n 
A 1 35  LYS 35  35  ?   ?   ?   A . n 
A 1 36  HIS 36  36  ?   ?   ?   A . n 
A 1 37  PHE 37  37  ?   ?   ?   A . n 
A 1 38  ALA 38  38  ?   ?   ?   A . n 
A 1 39  GLU 39  39  ?   ?   ?   A . n 
A 1 40  HIS 40  40  ?   ?   ?   A . n 
A 1 41  GLU 41  41  ?   ?   ?   A . n 
A 1 42  ILE 42  42  ?   ?   ?   A . n 
A 1 43  GLU 43  43  ?   ?   ?   A . n 
A 1 44  GLU 44  44  ?   ?   ?   A . n 
A 1 45  ALA 45  45  ?   ?   ?   A . n 
A 1 46  THR 46  46  ?   ?   ?   A . n 
A 1 47  LEU 47  47  ?   ?   ?   A . n 
A 1 48  ASP 48  48  ?   ?   ?   A . n 
A 1 49  PRO 49  49  49  PRO PRO A . n 
A 1 50  LEU 50  50  50  LEU LEU A . n 
A 1 51  ASP 51  51  51  ASP ASP A . n 
A 1 52  ASN 52  52  52  ASN ASN A . n 
A 1 53  TYR 53  53  53  TYR TYR A . n 
A 1 54  LEU 54  54  54  LEU LEU A . n 
A 1 55  VAL 55  55  55  VAL VAL A . n 
A 1 56  ALA 56  56  56  ALA ALA A . n 
A 1 57  GLU 57  57  57  GLU GLU A . n 
A 1 58  ASP 58  58  58  ASP ASP A . n 
A 1 59  PRO 59  59  59  PRO PRO A . n 
A 1 60  PHE 60  60  60  PHE PHE A . n 
A 1 61  LEU 61  61  61  LEU LEU A . n 
A 1 62  GLY 62  62  62  GLY GLY A . n 
A 1 63  PRO 63  63  63  PRO PRO A . n 
A 1 64  GLY 64  64  64  GLY GLY A . n 
A 1 65  LYS 65  65  65  LYS LYS A . n 
A 1 66  ASN 66  66  66  ASN ASN A . n 
A 1 67  GLN 67  67  67  GLN GLN A . n 
A 1 68  LYS 68  68  68  LYS LYS A . n 
A 1 69  LEU 69  69  69  LEU LEU A . n 
A 1 70  THR 70  70  70  THR THR A . n 
A 1 71  LEU 71  71  71  LEU LEU A . n 
A 1 72  PHE 72  72  72  PHE PHE A . n 
A 1 73  LYS 73  73  73  LYS LYS A . n 
A 1 74  GLU 74  74  74  GLU GLU A . n 
A 1 75  ILE 75  75  75  ILE ILE A . n 
A 1 76  ARG 76  76  76  ARG ARG A . n 
A 1 77  ASN 77  77  77  ASN ASN A . n 
A 1 78  VAL 78  78  78  VAL VAL A . n 
A 1 79  LYS 79  79  79  LYS LYS A . n 
A 1 80  PRO 80  80  80  PRO PRO A . n 
A 1 81  ASP 81  81  81  ASP ASP A . n 
A 1 82  THR 82  82  82  THR THR A . n 
A 1 83  MSE 83  83  83  MSE MSE A . n 
A 1 84  LYS 84  84  84  LYS LYS A . n 
A 1 85  LEU 85  85  85  LEU LEU A . n 
A 1 86  VAL 86  86  86  VAL VAL A . n 
A 1 87  VAL 87  87  87  VAL VAL A . n 
A 1 88  GLY 88  88  88  GLY GLY A . n 
A 1 89  TRP 89  89  89  TRP TRP A . n 
A 1 90  LYS 90  90  90  LYS LYS A . n 
A 1 91  GLY 91  91  91  GLY GLY A . n 
A 1 92  LYS 92  92  92  LYS LYS A . n 
A 1 93  GLU 93  93  93  GLU GLU A . n 
A 1 94  PHE 94  94  94  PHE PHE A . n 
A 1 95  TYR 95  95  95  TYR TYR A . n 
A 1 96  ARG 96  96  96  ARG ARG A . n 
A 1 97  GLU 97  97  97  GLU GLU A . n 
A 1 98  THR 98  98  98  THR THR A . n 
A 1 99  TRP 99  99  99  TRP TRP A . n 
A 1 100 THR 100 100 100 THR THR A . n 
A 1 101 ARG 101 101 101 ARG ARG A . n 
A 1 102 PHE 102 102 102 PHE PHE A . n 
A 1 103 MSE 103 103 103 MSE MSE A . n 
A 1 104 GLU 104 104 104 GLU GLU A . n 
A 1 105 ASP 105 105 105 ASP ASP A . n 
A 1 106 SER 106 106 106 SER SER A . n 
A 1 107 PHE 107 107 107 PHE PHE A . n 
A 1 108 PRO 108 108 108 PRO PRO A . n 
A 1 109 ILE 109 109 109 ILE ILE A . n 
A 1 110 VAL 110 110 110 VAL VAL A . n 
A 1 111 ASN 111 111 111 ASN ASN A . n 
A 1 112 ASP 112 112 112 ASP ASP A . n 
A 1 113 GLN 113 113 113 GLN GLN A . n 
A 1 114 GLU 114 114 114 GLU GLU A . n 
A 1 115 VAL 115 115 115 VAL VAL A . n 
A 1 116 MSE 116 116 116 MSE MSE A . n 
A 1 117 ASP 117 117 117 ASP ASP A . n 
A 1 118 VAL 118 118 118 VAL VAL A . n 
A 1 119 PHE 119 119 119 PHE PHE A . n 
A 1 120 LEU 120 120 120 LEU LEU A . n 
A 1 121 VAL 121 121 121 VAL VAL A . n 
A 1 122 VAL 122 122 122 VAL VAL A . n 
A 1 123 ASN 123 123 123 ASN ASN A . n 
A 1 124 MSE 124 124 124 MSE MSE A . n 
A 1 125 ARG 125 125 125 ARG ARG A . n 
A 1 126 PRO 126 126 126 PRO PRO A . n 
A 1 127 THR 127 127 127 THR THR A . n 
A 1 128 ARG 128 128 128 ARG ARG A . n 
A 1 129 PRO 129 129 129 PRO PRO A . n 
A 1 130 ASN 130 130 130 ASN ASN A . n 
A 1 131 ARG 131 131 131 ARG ARG A . n 
A 1 132 CYS 132 132 132 CYS CYS A . n 
A 1 133 TYR 133 133 133 TYR TYR A . n 
A 1 134 LYS 134 134 134 LYS LYS A . n 
A 1 135 PHE 135 135 135 PHE PHE A . n 
A 1 136 LEU 136 136 136 LEU LEU A . n 
A 1 137 ALA 137 137 137 ALA ALA A . n 
A 1 138 GLN 138 138 138 GLN GLN A . n 
A 1 139 HIS 139 139 139 HIS HIS A . n 
A 1 140 ALA 140 140 140 ALA ALA A . n 
A 1 141 LEU 141 141 141 LEU LEU A . n 
A 1 142 ARG 142 142 ?   ?   ?   A . n 
A 1 143 CYS 143 143 ?   ?   ?   A . n 
A 1 144 ASP 144 144 ?   ?   ?   A . n 
A 1 145 PRO 145 145 ?   ?   ?   A . n 
A 1 146 ASP 146 146 ?   ?   ?   A . n 
A 1 147 TYR 147 147 147 TYR TYR A . n 
A 1 148 VAL 148 148 148 VAL VAL A . n 
A 1 149 PRO 149 149 149 PRO PRO A . n 
A 1 150 HIS 150 150 150 HIS HIS A . n 
A 1 151 ASP 151 151 151 ASP ASP A . n 
A 1 152 VAL 152 152 152 VAL VAL A . n 
A 1 153 ILE 153 153 153 ILE ILE A . n 
A 1 154 ARG 154 154 154 ARG ARG A . n 
A 1 155 ILE 155 155 155 ILE ILE A . n 
A 1 156 VAL 156 156 156 VAL VAL A . n 
A 1 157 GLU 157 157 157 GLU GLU A . n 
A 1 158 PRO 158 158 158 PRO PRO A . n 
A 1 159 SER 159 159 159 SER SER A . n 
A 1 160 TRP 160 160 160 TRP TRP A . n 
A 1 161 VAL 161 161 161 VAL VAL A . n 
A 1 162 GLY 162 162 162 GLY GLY A . n 
A 1 163 SER 163 163 163 SER SER A . n 
A 1 164 ASN 164 164 164 ASN ASN A . n 
A 1 165 ASN 165 165 165 ASN ASN A . n 
A 1 166 GLU 166 166 166 GLU GLU A . n 
A 1 167 TYR 167 167 167 TYR TYR A . n 
A 1 168 ARG 168 168 168 ARG ARG A . n 
A 1 169 ILE 169 169 169 ILE ILE A . n 
A 1 170 SER 170 170 170 SER SER A . n 
A 1 171 LEU 171 171 171 LEU LEU A . n 
A 1 172 ALA 172 172 172 ALA ALA A . n 
A 1 173 LYS 173 173 ?   ?   ?   A . n 
A 1 174 LYS 174 174 ?   ?   ?   A . n 
A 1 175 GLY 175 175 ?   ?   ?   A . n 
A 1 176 GLY 176 176 ?   ?   ?   A . n 
A 1 177 GLY 177 177 ?   ?   ?   A . n 
A 1 178 CYS 178 178 ?   ?   ?   A . n 
A 1 179 PRO 179 179 ?   ?   ?   A . n 
A 1 180 ILE 180 180 ?   ?   ?   A . n 
A 1 181 MSE 181 181 ?   ?   ?   A . n 
A 1 182 ASN 182 182 ?   ?   ?   A . n 
A 1 183 LEU 183 183 ?   ?   ?   A . n 
A 1 184 HIS 184 184 ?   ?   ?   A . n 
A 1 185 SER 185 185 ?   ?   ?   A . n 
A 1 186 GLU 186 186 ?   ?   ?   A . n 
A 1 187 TYR 187 187 ?   ?   ?   A . n 
A 1 188 THR 188 188 188 THR THR A . n 
A 1 189 ASN 189 189 189 ASN ASN A . n 
A 1 190 SER 190 190 190 SER SER A . n 
A 1 191 PHE 191 191 191 PHE PHE A . n 
A 1 192 GLU 192 192 192 GLU GLU A . n 
A 1 193 GLN 193 193 193 GLN GLN A . n 
A 1 194 PHE 194 194 194 PHE PHE A . n 
A 1 195 ILE 195 195 195 ILE ILE A . n 
A 1 196 ASP 196 196 196 ASP ASP A . n 
A 1 197 ARG 197 197 197 ARG ARG A . n 
A 1 198 VAL 198 198 198 VAL VAL A . n 
A 1 199 ILE 199 199 ?   ?   ?   A . n 
A 1 200 TRP 200 200 ?   ?   ?   A . n 
A 1 201 GLU 201 201 ?   ?   ?   A . n 
A 1 202 ASN 202 202 ?   ?   ?   A . n 
A 1 203 PHE 203 203 203 PHE PHE A . n 
A 1 204 TYR 204 204 204 TYR TYR A . n 
A 1 205 LYS 205 205 205 LYS LYS A . n 
A 1 206 PRO 206 206 206 PRO PRO A . n 
A 1 207 ILE 207 207 207 ILE ILE A . n 
A 1 208 VAL 208 208 208 VAL VAL A . n 
A 1 209 TYR 209 209 209 TYR TYR A . n 
A 1 210 ILE 210 210 210 ILE ILE A . n 
A 1 211 GLY 211 211 211 GLY GLY A . n 
A 1 212 THR 212 212 212 THR THR A . n 
A 1 213 ASP 213 213 213 ASP ASP A . n 
A 1 214 SER 214 214 214 SER SER A . n 
A 1 215 ALA 215 215 215 ALA ALA A . n 
A 1 216 GLU 216 216 216 GLU GLU A . n 
A 1 217 GLU 217 217 217 GLU GLU A . n 
A 1 218 GLU 218 218 218 GLU GLU A . n 
A 1 219 GLU 219 219 219 GLU GLU A . n 
A 1 220 ILE 220 220 220 ILE ILE A . n 
A 1 221 LEU 221 221 221 LEU LEU A . n 
A 1 222 LEU 222 222 222 LEU LEU A . n 
A 1 223 GLU 223 223 223 GLU GLU A . n 
A 1 224 VAL 224 224 224 VAL VAL A . n 
A 1 225 SER 225 225 225 SER SER A . n 
A 1 226 LEU 226 226 226 LEU LEU A . n 
A 1 227 VAL 227 227 227 VAL VAL A . n 
A 1 228 PHE 228 228 228 PHE PHE A . n 
A 1 229 LYS 229 229 229 LYS LYS A . n 
A 1 230 VAL 230 230 230 VAL VAL A . n 
A 1 231 LYS 231 231 231 LYS LYS A . n 
A 1 232 GLU 232 232 232 GLU GLU A . n 
A 1 233 PHE 233 233 233 PHE PHE A . n 
A 1 234 ALA 234 234 234 ALA ALA A . n 
A 1 235 PRO 235 235 235 PRO PRO A . n 
A 1 236 ASP 236 236 236 ASP ASP A . n 
A 1 237 ALA 237 237 237 ALA ALA A . n 
A 1 238 PRO 238 238 238 PRO PRO A . n 
A 1 239 LEU 239 239 239 LEU LEU A . n 
A 1 240 PHE 240 240 240 PHE PHE A . n 
A 1 241 THR 241 241 241 THR THR A . n 
A 1 242 GLY 242 242 242 GLY GLY A . n 
A 1 243 PRO 243 243 243 PRO PRO A . n 
A 1 244 ALA 244 244 244 ALA ALA A . n 
A 1 245 TYR 245 245 245 TYR TYR A . n 
# 
loop_
_pdbx_nonpoly_scheme.asym_id 
_pdbx_nonpoly_scheme.entity_id 
_pdbx_nonpoly_scheme.mon_id 
_pdbx_nonpoly_scheme.ndb_seq_num 
_pdbx_nonpoly_scheme.pdb_seq_num 
_pdbx_nonpoly_scheme.auth_seq_num 
_pdbx_nonpoly_scheme.pdb_mon_id 
_pdbx_nonpoly_scheme.auth_mon_id 
_pdbx_nonpoly_scheme.pdb_strand_id 
_pdbx_nonpoly_scheme.pdb_ins_code 
B 2 EDO 1  246 246 EDO EDO A . 
C 3 HOH 1  247 247 HOH HOH A . 
C 3 HOH 2  248 248 HOH HOH A . 
C 3 HOH 3  249 249 HOH HOH A . 
C 3 HOH 4  250 250 HOH HOH A . 
C 3 HOH 5  251 251 HOH HOH A . 
C 3 HOH 6  252 252 HOH HOH A . 
C 3 HOH 7  253 253 HOH HOH A . 
C 3 HOH 8  254 254 HOH HOH A . 
C 3 HOH 9  255 255 HOH HOH A . 
C 3 HOH 10 256 256 HOH HOH A . 
C 3 HOH 11 257 257 HOH HOH A . 
C 3 HOH 12 258 258 HOH HOH A . 
C 3 HOH 13 259 259 HOH HOH A . 
C 3 HOH 14 260 260 HOH HOH A . 
C 3 HOH 15 261 261 HOH HOH A . 
C 3 HOH 16 262 262 HOH HOH A . 
C 3 HOH 17 263 263 HOH HOH A . 
C 3 HOH 18 264 264 HOH HOH A . 
C 3 HOH 19 265 265 HOH HOH A . 
C 3 HOH 20 266 266 HOH HOH A . 
C 3 HOH 21 267 267 HOH HOH A . 
C 3 HOH 22 268 268 HOH HOH A . 
C 3 HOH 23 269 269 HOH HOH A . 
C 3 HOH 24 270 270 HOH HOH A . 
C 3 HOH 25 271 271 HOH HOH A . 
C 3 HOH 26 272 272 HOH HOH A . 
C 3 HOH 27 273 273 HOH HOH A . 
C 3 HOH 28 274 274 HOH HOH A . 
C 3 HOH 29 275 275 HOH HOH A . 
C 3 HOH 30 276 276 HOH HOH A . 
C 3 HOH 31 277 277 HOH HOH A . 
C 3 HOH 32 278 278 HOH HOH A . 
C 3 HOH 33 279 279 HOH HOH A . 
C 3 HOH 34 280 280 HOH HOH A . 
C 3 HOH 35 281 281 HOH HOH A . 
C 3 HOH 36 282 282 HOH HOH A . 
C 3 HOH 37 283 283 HOH HOH A . 
C 3 HOH 38 284 284 HOH HOH A . 
C 3 HOH 39 285 285 HOH HOH A . 
C 3 HOH 40 286 286 HOH HOH A . 
C 3 HOH 41 287 287 HOH HOH A . 
C 3 HOH 42 288 288 HOH HOH A . 
C 3 HOH 43 289 289 HOH HOH A . 
C 3 HOH 44 290 290 HOH HOH A . 
C 3 HOH 45 291 291 HOH HOH A . 
C 3 HOH 46 292 292 HOH HOH A . 
C 3 HOH 47 293 293 HOH HOH A . 
C 3 HOH 48 294 294 HOH HOH A . 
C 3 HOH 49 295 295 HOH HOH A . 
C 3 HOH 50 296 296 HOH HOH A . 
C 3 HOH 51 297 297 HOH HOH A . 
C 3 HOH 52 298 298 HOH HOH A . 
C 3 HOH 53 299 299 HOH HOH A . 
C 3 HOH 54 300 300 HOH HOH A . 
C 3 HOH 55 301 301 HOH HOH A . 
C 3 HOH 56 302 302 HOH HOH A . 
C 3 HOH 57 303 303 HOH HOH A . 
C 3 HOH 58 304 304 HOH HOH A . 
C 3 HOH 59 305 305 HOH HOH A . 
C 3 HOH 60 306 306 HOH HOH A . 
C 3 HOH 61 307 307 HOH HOH A . 
C 3 HOH 62 308 308 HOH HOH A . 
C 3 HOH 63 309 309 HOH HOH A . 
C 3 HOH 64 310 310 HOH HOH A . 
C 3 HOH 65 311 311 HOH HOH A . 
C 3 HOH 66 312 312 HOH HOH A . 
C 3 HOH 67 313 313 HOH HOH A . 
C 3 HOH 68 314 314 HOH HOH A . 
C 3 HOH 69 315 315 HOH HOH A . 
C 3 HOH 70 316 316 HOH HOH A . 
C 3 HOH 71 317 317 HOH HOH A . 
C 3 HOH 72 318 318 HOH HOH A . 
C 3 HOH 73 319 319 HOH HOH A . 
C 3 HOH 74 320 320 HOH HOH A . 
# 
loop_
_pdbx_unobs_or_zero_occ_atoms.id 
_pdbx_unobs_or_zero_occ_atoms.PDB_model_num 
_pdbx_unobs_or_zero_occ_atoms.polymer_flag 
_pdbx_unobs_or_zero_occ_atoms.occupancy_flag 
_pdbx_unobs_or_zero_occ_atoms.auth_asym_id 
_pdbx_unobs_or_zero_occ_atoms.auth_comp_id 
_pdbx_unobs_or_zero_occ_atoms.auth_seq_id 
_pdbx_unobs_or_zero_occ_atoms.PDB_ins_code 
_pdbx_unobs_or_zero_occ_atoms.auth_atom_id 
_pdbx_unobs_or_zero_occ_atoms.label_alt_id 
_pdbx_unobs_or_zero_occ_atoms.label_asym_id 
_pdbx_unobs_or_zero_occ_atoms.label_comp_id 
_pdbx_unobs_or_zero_occ_atoms.label_seq_id 
_pdbx_unobs_or_zero_occ_atoms.label_atom_id 
1  1 Y 1 A LYS 19  ? CG  ? A LYS 19  CG  
2  1 Y 1 A LYS 19  ? CD  ? A LYS 19  CD  
3  1 Y 1 A LYS 19  ? CE  ? A LYS 19  CE  
4  1 Y 1 A LYS 19  ? NZ  ? A LYS 19  NZ  
5  1 Y 1 A ASP 51  ? CG  ? A ASP 51  CG  
6  1 Y 1 A ASP 51  ? OD1 ? A ASP 51  OD1 
7  1 Y 1 A ASP 51  ? OD2 ? A ASP 51  OD2 
8  1 Y 1 A TYR 147 ? CG  ? A TYR 147 CG  
9  1 Y 1 A TYR 147 ? CD1 ? A TYR 147 CD1 
10 1 Y 1 A TYR 147 ? CD2 ? A TYR 147 CD2 
11 1 Y 1 A TYR 147 ? CE1 ? A TYR 147 CE1 
12 1 Y 1 A TYR 147 ? CE2 ? A TYR 147 CE2 
13 1 Y 1 A TYR 147 ? CZ  ? A TYR 147 CZ  
14 1 Y 1 A TYR 147 ? OH  ? A TYR 147 OH  
15 1 Y 1 A ARG 197 ? CG  ? A ARG 197 CG  
16 1 Y 1 A ARG 197 ? CD  ? A ARG 197 CD  
17 1 Y 1 A ARG 197 ? NE  ? A ARG 197 NE  
18 1 Y 1 A ARG 197 ? CZ  ? A ARG 197 CZ  
19 1 Y 1 A ARG 197 ? NH1 ? A ARG 197 NH1 
20 1 Y 1 A ARG 197 ? NH2 ? A ARG 197 NH2 
21 1 Y 1 A VAL 198 ? CG1 ? A VAL 198 CG1 
22 1 Y 1 A VAL 198 ? CG2 ? A VAL 198 CG2 
# 
loop_
_software.pdbx_ordinal 
_software.name 
_software.version 
_software.date 
_software.type 
_software.contact_author 
_software.contact_author_email 
_software.classification 
_software.location 
_software.language 
_software.citation_id 
1 DENZO       .     ?               package 'Zbyszek Otwinowski'  hkl@hkl-xray.com                'data reduction'  
http://www.hkl-xray.com/                  ?   ? 
2 SCALEPACK   .     ?               package 'Zbyszek Otwinowski'  hkl@hkl-xray.com                'data scaling'    
http://www.hkl-xray.com/                  ?   ? 
3 SHARP       .     ?               package 'Eric de La Fortelle' sharp-develop@globalphasing.com phasing           
http://www.globalphasing.com/sharp/       ?   ? 
4 PDB_EXTRACT 3.005 'June 11, 2008' package PDB                   help@deposit.rcsb.org           'data extraction' 
http://sw-tools.pdb.org/apps/PDB_EXTRACT/ C++ ? 
5 MAR345      .     ?               ?       ?                     ?                               'data collection' ? ?   ? 
6 BUSTER-TNT  2.8.0 ?               ?       ?                     ?                               refinement        ? ?   ? 
# 
_cell.entry_id           3JW6 
_cell.length_a           103.183 
_cell.length_b           103.183 
_cell.length_c           103.183 
_cell.angle_alpha        90.00 
_cell.angle_beta         90.00 
_cell.angle_gamma        90.00 
_cell.Z_PDB              24 
_cell.pdbx_unique_axis   ? 
_cell.length_a_esd       ? 
_cell.length_b_esd       ? 
_cell.length_c_esd       ? 
_cell.angle_alpha_esd    ? 
_cell.angle_beta_esd     ? 
_cell.angle_gamma_esd    ? 
# 
_symmetry.entry_id                         3JW6 
_symmetry.space_group_name_H-M             'I 2 3' 
_symmetry.pdbx_full_space_group_name_H-M   ? 
_symmetry.cell_setting                     ? 
_symmetry.Int_Tables_number                197 
_symmetry.space_group_name_Hall            ? 
# 
_exptl.crystals_number   5 
_exptl.entry_id          3JW6 
_exptl.method            'X-RAY DIFFRACTION' 
# 
_exptl_crystal.id                    1 
_exptl_crystal.pdbx_mosaicity        0.477 
_exptl_crystal.pdbx_mosaicity_esd    ? 
_exptl_crystal.density_Matthews      1.579947 
_exptl_crystal.density_diffrn        ? 
_exptl_crystal.density_meas          ? 
_exptl_crystal.density_meas_temp     ? 
_exptl_crystal.density_percent_sol   22.149273 
_exptl_crystal.size_max              ? 
_exptl_crystal.size_mid              ? 
_exptl_crystal.size_min              ? 
_exptl_crystal.size_rad              ? 
_exptl_crystal.description           ? 
_exptl_crystal.F_000                 ? 
_exptl_crystal.preparation           ? 
# 
_exptl_crystal_grow.crystal_id      1 
_exptl_crystal_grow.method          ? 
_exptl_crystal_grow.pH              7 
_exptl_crystal_grow.temp            300 
_exptl_crystal_grow.temp_details    ? 
_exptl_crystal_grow.pdbx_details    
'Natural intracellular crystals were directly purified from Sf21 cells infected by the AcMNPV baculovirus, pH 7, temperature 300K' 
_exptl_crystal_grow.pdbx_pH_range   . 
# 
_diffrn.id                     1 
_diffrn.ambient_temp           100 
_diffrn.ambient_temp_details   ? 
_diffrn.crystal_id             1 
# 
_diffrn_detector.diffrn_id              1 
_diffrn_detector.detector               CCD 
_diffrn_detector.type                   'MAR CCD 165 mm' 
_diffrn_detector.pdbx_collection_date   2007-02-17 
_diffrn_detector.details                'MD2 microdiffractometer' 
# 
_diffrn_radiation.diffrn_id                        1 
_diffrn_radiation.wavelength_id                    1 
_diffrn_radiation.pdbx_diffrn_protocol             'SINGLE WAVELENGTH' 
_diffrn_radiation.monochromator                    
'SAGITALLY HORIZONTAL FOCUSSING SI(111) MERIDIONALLY VERTICAL FOCUSSING RH-COATED MIRROR' 
_diffrn_radiation.pdbx_monochromatic_or_laue_m_l   M 
_diffrn_radiation.pdbx_scattering_type             x-ray 
# 
_diffrn_radiation_wavelength.id           1 
_diffrn_radiation_wavelength.wavelength   0.9789 
_diffrn_radiation_wavelength.wt           1.0 
# 
_diffrn_source.diffrn_id                   1 
_diffrn_source.source                      SYNCHROTRON 
_diffrn_source.type                        'SLS BEAMLINE X06SA' 
_diffrn_source.pdbx_wavelength             ? 
_diffrn_source.pdbx_wavelength_list        0.9789 
_diffrn_source.pdbx_synchrotron_site       SLS 
_diffrn_source.pdbx_synchrotron_beamline   X06SA 
# 
_reflns.entry_id                     3JW6 
_reflns.d_resolution_high            2.300 
_reflns.d_resolution_low             20.000 
_reflns.number_obs                   8256 
_reflns.pdbx_Rmerge_I_obs            0.149 
_reflns.pdbx_netI_over_sigmaI        6.200 
_reflns.pdbx_chi_squared             0.998 
_reflns.pdbx_redundancy              6.600 
_reflns.percent_possible_obs         99.700 
_reflns.observed_criterion_sigma_F   -3.0 
_reflns.observed_criterion_sigma_I   -3.0 
_reflns.number_all                   8281 
_reflns.pdbx_Rsym_value              ? 
_reflns.B_iso_Wilson_estimate        31.1 
_reflns.R_free_details               ? 
_reflns.limit_h_max                  ? 
_reflns.limit_h_min                  ? 
_reflns.limit_k_max                  ? 
_reflns.limit_k_min                  ? 
_reflns.limit_l_max                  ? 
_reflns.limit_l_min                  ? 
_reflns.observed_criterion_F_max     ? 
_reflns.observed_criterion_F_min     ? 
_reflns.pdbx_scaling_rejects         ? 
_reflns.pdbx_diffrn_id               1 
_reflns.pdbx_ordinal                 1 
# 
_reflns_shell.d_res_high             2.30 
_reflns_shell.d_res_low              2.38 
_reflns_shell.number_measured_obs    ? 
_reflns_shell.number_measured_all    ? 
_reflns_shell.number_unique_obs      ? 
_reflns_shell.Rmerge_I_obs           0.550 
_reflns_shell.meanI_over_sigI_obs    3.8 
_reflns_shell.pdbx_Rsym_value        ? 
_reflns_shell.pdbx_chi_squared       0.963 
_reflns_shell.pdbx_redundancy        6.30 
_reflns_shell.percent_possible_obs   ? 
_reflns_shell.number_unique_all      800 
_reflns_shell.percent_possible_all   99.10 
_reflns_shell.pdbx_diffrn_id         ? 
_reflns_shell.pdbx_ordinal           1 
# 
_refine.entry_id                                 3JW6 
_refine.ls_d_res_high                            2.300 
_refine.ls_d_res_low                             18.840 
_refine.pdbx_ls_sigma_F                          0.00 
_refine.pdbx_data_cutoff_high_absF               ? 
_refine.pdbx_data_cutoff_low_absF                ? 
_refine.ls_percent_reflns_obs                    99.7 
_refine.ls_number_reflns_obs                     8240 
_refine.ls_number_reflns_all                     8240 
_refine.pdbx_ls_cross_valid_method               THROUGHOUT 
_refine.pdbx_R_Free_selection_details            RANDOM 
_refine.details                                  
;Residue ACys132 forms a disulfide bond with residue BCys132 of symmetry molecule 4566. By symmetry, this also implies that residue BCys132 forms a disulfide bond with residue ACys132 of symmetry molecule 4566.
;
_refine.ls_R_factor_all                          0.166 
_refine.ls_R_factor_obs                          0.166 
_refine.ls_R_factor_R_work                       0.161 
_refine.ls_wR_factor_R_work                      ? 
_refine.ls_R_factor_R_free                       0.214 
_refine.ls_wR_factor_R_free                      ? 
_refine.ls_percent_reflns_R_free                 9.840 
_refine.ls_number_reflns_R_free                  811 
_refine.ls_R_factor_R_free_error                 ? 
_refine.B_iso_mean                               24.422 
_refine.solvent_model_param_bsol                 ? 
_refine.solvent_model_param_ksol                 ? 
_refine.pdbx_isotropic_thermal_model             Isotropic 
_refine.aniso_B[1][1]                            0.000 
_refine.aniso_B[2][2]                            0.000 
_refine.aniso_B[3][3]                            0.000 
_refine.aniso_B[1][2]                            0.000 
_refine.aniso_B[1][3]                            0.000 
_refine.aniso_B[2][3]                            0.000 
_refine.correlation_coeff_Fo_to_Fc               0.947 
_refine.correlation_coeff_Fo_to_Fc_free          0.918 
_refine.overall_SU_R_Cruickshank_DPI             ? 
_refine.overall_SU_R_free                        ? 
_refine.pdbx_overall_ESU_R                       ? 
_refine.pdbx_overall_ESU_R_Free                  ? 
_refine.overall_SU_ML                            ? 
_refine.overall_SU_B                             ? 
_refine.solvent_model_details                    ? 
_refine.pdbx_solvent_vdw_probe_radii             ? 
_refine.pdbx_solvent_ion_probe_radii             ? 
_refine.pdbx_solvent_shrinkage_radii             ? 
_refine.ls_number_parameters                     ? 
_refine.ls_number_restraints                     ? 
_refine.pdbx_starting_model                      ? 
_refine.pdbx_method_to_determine_struct          MIR 
_refine.pdbx_stereochemistry_target_values       'Engh & Huber' 
_refine.pdbx_stereochem_target_val_spec_case     ? 
_refine.overall_FOM_work_R_set                   ? 
_refine.B_iso_max                                87.92 
_refine.B_iso_min                                7.20 
_refine.occupancy_max                            1.00 
_refine.occupancy_min                            0.50 
_refine.pdbx_ls_sigma_I                          ? 
_refine.ls_redundancy_reflns_obs                 ? 
_refine.ls_R_factor_R_free_error_details         ? 
_refine.pdbx_data_cutoff_high_rms_absF           ? 
_refine.overall_FOM_free_R_set                   ? 
_refine.pdbx_refine_id                           'X-RAY DIFFRACTION' 
_refine.pdbx_overall_phase_error                 ? 
_refine.pdbx_diffrn_id                           1 
_refine.pdbx_TLS_residual_ADP_flag               ? 
_refine.pdbx_overall_SU_R_free_Cruickshank_DPI   ? 
_refine.pdbx_overall_SU_R_Blow_DPI               ? 
_refine.pdbx_overall_SU_R_free_Blow_DPI          ? 
# 
_refine_analyze.entry_id                        3JW6 
_refine_analyze.Luzzati_coordinate_error_obs    0.199 
_refine_analyze.Luzzati_sigma_a_obs             ? 
_refine_analyze.Luzzati_d_res_low_obs           ? 
_refine_analyze.Luzzati_coordinate_error_free   ? 
_refine_analyze.Luzzati_sigma_a_free            ? 
_refine_analyze.Luzzati_d_res_low_free          ? 
_refine_analyze.number_disordered_residues      ? 
_refine_analyze.occupancy_sum_non_hydrogen      ? 
_refine_analyze.occupancy_sum_hydrogen          ? 
_refine_analyze.pdbx_Luzzati_d_res_high_obs     ? 
_refine_analyze.pdbx_refine_id                  'X-RAY DIFFRACTION' 
# 
_refine_hist.pdbx_refine_id                   'X-RAY DIFFRACTION' 
_refine_hist.cycle_id                         LAST 
_refine_hist.pdbx_number_atoms_protein        1577 
_refine_hist.pdbx_number_atoms_nucleic_acid   0 
_refine_hist.pdbx_number_atoms_ligand         4 
_refine_hist.number_atoms_solvent             74 
_refine_hist.number_atoms_total               1655 
_refine_hist.d_res_high                       2.300 
_refine_hist.d_res_low                        18.840 
# 
loop_
_refine_ls_restr.type 
_refine_ls_restr.dev_ideal 
_refine_ls_restr.dev_ideal_target 
_refine_ls_restr.number 
_refine_ls_restr.weight 
_refine_ls_restr.pdbx_refine_id 
_refine_ls_restr.pdbx_restraint_function 
o_bond_d           0.008 ? ? ? 'X-RAY DIFFRACTION' ? 
o_angle_deg        1.04  ? ? ? 'X-RAY DIFFRACTION' ? 
o_dihedral_angle_d 18.55 ? ? ? 'X-RAY DIFFRACTION' ? 
# 
_refine_ls_shell.d_res_high                       2.300 
_refine_ls_shell.d_res_low                        2.570 
_refine_ls_shell.pdbx_total_number_of_bins_used   5 
_refine_ls_shell.percent_reflns_obs               ? 
_refine_ls_shell.number_reflns_R_work             2069 
_refine_ls_shell.R_factor_all                     0.171 
_refine_ls_shell.R_factor_R_work                  0.164 
_refine_ls_shell.R_factor_R_free                  0.235 
_refine_ls_shell.percent_reflns_R_free            10.000 
_refine_ls_shell.number_reflns_R_free             230 
_refine_ls_shell.R_factor_R_free_error            ? 
_refine_ls_shell.number_reflns_all                2299 
_refine_ls_shell.number_reflns_obs                ? 
_refine_ls_shell.redundancy_reflns_obs            ? 
_refine_ls_shell.pdbx_refine_id                   'X-RAY DIFFRACTION' 
# 
_struct.entry_id                  3JW6 
_struct.title                     'Crystal structure of AcMNPV baculovirus polyhedra' 
_struct.pdbx_model_details        ? 
_struct.pdbx_CASP_flag            ? 
_struct.pdbx_model_type_details   ? 
# 
_struct_keywords.entry_id        3JW6 
_struct_keywords.pdbx_keywords   'VIRAL PROTEIN' 
_struct_keywords.text            'Jelly-roll, disulfide bond, domain swapping, Viral occlusion body, VIRAL PROTEIN' 
# 
loop_
_struct_asym.id 
_struct_asym.pdbx_blank_PDB_chainid_flag 
_struct_asym.pdbx_modified 
_struct_asym.entity_id 
_struct_asym.details 
A N N 1 ? 
B N N 2 ? 
C N N 3 ? 
# 
_struct_ref.id                         1 
_struct_ref.db_name                    UNP 
_struct_ref.db_code                    PYHD_NPVAC 
_struct_ref.pdbx_db_accession          P04871 
_struct_ref.pdbx_db_isoform            ? 
_struct_ref.entity_id                  1 
_struct_ref.pdbx_seq_one_letter_code   
;MPDYSYRPTIGRTYVYDNKYYKNLGAVIKNAKRKKHFAEHEIEEATLDPLDNYLVAEDPFLGPGKNQKLTLFKEIRNVKP
DTMKLVVGWKGKEFYRETWTRFMEDSFPIVNDQEVMDVFLVVNMRPTRPNRCYKFLAQHALRCDPDYVPHDVIRIVEPSW
VGSNNEYRISLAKKGGGCPIMNLHSEYTNSFEQFIDRVIWENFYKPIVYIGTDSAEEEEILLEVSLVFKVKEFAPDAPLF
TGPAY
;
_struct_ref.pdbx_align_begin           1 
# 
_struct_ref_seq.align_id                      1 
_struct_ref_seq.ref_id                        1 
_struct_ref_seq.pdbx_PDB_id_code              3JW6 
_struct_ref_seq.pdbx_strand_id                A 
_struct_ref_seq.seq_align_beg                 1 
_struct_ref_seq.pdbx_seq_align_beg_ins_code   ? 
_struct_ref_seq.seq_align_end                 245 
_struct_ref_seq.pdbx_seq_align_end_ins_code   ? 
_struct_ref_seq.pdbx_db_accession             P04871 
_struct_ref_seq.db_align_beg                  1 
_struct_ref_seq.pdbx_db_align_beg_ins_code    ? 
_struct_ref_seq.db_align_end                  245 
_struct_ref_seq.pdbx_db_align_end_ins_code    ? 
_struct_ref_seq.pdbx_auth_seq_align_beg       1 
_struct_ref_seq.pdbx_auth_seq_align_end       245 
# 
_struct_ref_seq_dif.align_id                     1 
_struct_ref_seq_dif.pdbx_pdb_id_code             3JW6 
_struct_ref_seq_dif.mon_id                       ASP 
_struct_ref_seq_dif.pdbx_pdb_strand_id           A 
_struct_ref_seq_dif.seq_num                      25 
_struct_ref_seq_dif.pdbx_pdb_ins_code            ? 
_struct_ref_seq_dif.pdbx_seq_db_name             UNP 
_struct_ref_seq_dif.pdbx_seq_db_accession_code   P04871 
_struct_ref_seq_dif.db_mon_id                    GLY 
_struct_ref_seq_dif.pdbx_seq_db_seq_num          25 
_struct_ref_seq_dif.details                      'engineered mutation' 
_struct_ref_seq_dif.pdbx_auth_seq_num            25 
_struct_ref_seq_dif.pdbx_ordinal                 1 
# 
_pdbx_struct_assembly.id                   1 
_pdbx_struct_assembly.details              author_and_software_defined_assembly 
_pdbx_struct_assembly.method_details       PISA 
_pdbx_struct_assembly.oligomeric_details   dodecameric 
_pdbx_struct_assembly.oligomeric_count     12 
# 
loop_
_pdbx_struct_assembly_prop.biol_id 
_pdbx_struct_assembly_prop.type 
_pdbx_struct_assembly_prop.value 
_pdbx_struct_assembly_prop.details 
1 'ABSA (A^2)' 56170  ? 
1 MORE         -266   ? 
1 'SSA (A^2)'  107520 ? 
# 
_pdbx_struct_assembly_gen.assembly_id       1 
_pdbx_struct_assembly_gen.oper_expression   1,2,3,4,5,6,7,8,9,10,11,12 
_pdbx_struct_assembly_gen.asym_id_list      A,B,C 
# 
loop_
_pdbx_struct_oper_list.id 
_pdbx_struct_oper_list.type 
_pdbx_struct_oper_list.name 
_pdbx_struct_oper_list.symmetry_operation 
_pdbx_struct_oper_list.matrix[1][1] 
_pdbx_struct_oper_list.matrix[1][2] 
_pdbx_struct_oper_list.matrix[1][3] 
_pdbx_struct_oper_list.vector[1] 
_pdbx_struct_oper_list.matrix[2][1] 
_pdbx_struct_oper_list.matrix[2][2] 
_pdbx_struct_oper_list.matrix[2][3] 
_pdbx_struct_oper_list.vector[2] 
_pdbx_struct_oper_list.matrix[3][1] 
_pdbx_struct_oper_list.matrix[3][2] 
_pdbx_struct_oper_list.matrix[3][3] 
_pdbx_struct_oper_list.vector[3] 
1  'identity operation'         1_555  x,y,z       1.0000000000  0.0000000000  0.0000000000  0.0000000000  0.0000000000  1.0000000000  0.0000000000  0.0000000000   0.0000000000  0.0000000000  1.0000000000  0.0000000000   
2  'crystal symmetry operation' 2_665  -x+1,-y+1,z -0.9958243600 0.0882713536  0.0232811561  76.9029324816 0.0882713536  0.8660209707  0.4921542913  5.2780624245   0.0232811561  0.4921542913  -0.8701966107 -33.8050514036 
3  'crystal symmetry operation' 3_656  -x+1,y,-z+1 -0.8991465016 0.1071441401  -0.4243297090 64.7199175904 0.1071441401  -0.8861728453 -0.4507968738 -24.7314902624 -0.4243297090 -0.4507968738 0.7853193469  9.1376959138   
4  'crystal symmetry operation' 4_566  x,-y+1,-z+1 0.8949708615  -0.1954154937 0.4010485529  10.4829159726 -0.1954154937 -0.9798481254 -0.0413574175 -5.9298557914  0.4010485529  -0.0413574175 -0.9151227362 -52.4215979772 
5  'crystal symmetry operation' 5_555  z,x,y       0.2733206136  0.9285798030  0.2510684998  38.3642842853 0.4445376154  0.1095309666  -0.8890383996 -39.6887005925 -0.8530428774 0.3546019131  -0.3828515803 8.0377800370   
6  'crystal symmetry operation' 6_566  z,-x+1,-y+1 -0.1843671641 0.9518604025  0.2448887971  55.7971596070 -0.4537107814 -0.3034480124 0.8378936870  25.1296457029  0.8718688409  0.0433713954  0.4878151764  -42.7497903831 
7  'crystal symmetry operation' 7_665  -z+1,-x+1,y -0.2527992125 -0.9067783988 -0.3374099785 35.3825971248 -0.0107234351 0.3513419634  -0.9361857896 -21.7508893464 0.9674593356  -0.2330488364 -0.0985427510 -59.4392997716 
8  'crystal symmetry operation' 8_656  -z+1,x,-y+1 0.1638457629  -0.9736618067 -0.1585473185 22.5617250275 0.0198966011  -0.1574249177 0.9873305022  10.9266606067  -0.9862852991 -0.1649244721 -0.0064208452 17.0623566507  
9  'crystal symmetry operation' 9_555  y,z,x       0.2733206136  0.4445376154  -0.8530428774 14.0139416058 0.9285798030  0.1095309666  0.3546019131  -34.1273699821 0.2510684998  -0.8890383996 -0.3828515803 -41.8395653675 
10 'crystal symmetry operation' 10_656 -y+1,z,-x+1 -0.2527992125 -0.0107234351 0.9674593356  66.2165539068 -0.9067783988 0.3513419634  -0.2330488364 25.8739152915  -0.3374099785 -0.9361857896 -0.0985427510 -14.2817442979 
11 'crystal symmetry operation' 11_566 y,-z+1,-x+1 0.1638457629  0.0198966011  -0.9862852991 12.9143050761 -0.9736618067 -0.1574249177 -0.1649244721 26.5016187626  -0.1585473185 0.9873305022  -0.0064208452 -7.1015695499  
12 'crystal symmetry operation' 12_665 -y+1,-z+1,x -0.1843671641 -0.4537107814 0.8718688409  58.9609654559 0.9518604025  -0.3034480124 0.0433713954  -43.6314477014 0.2448887971  0.8378936870  0.4878151764  -13.8660742517   
# 
_struct_biol.id        1 
_struct_biol.details   
;POLYHEDRA ARE VIRUS-CONTAINING CRYSTALS, WHICH REPRESENT THE MAIN INFECTIOUS FORM OF BACULOVIRUS. THE BIOLOGICAL ASSEMBLY IS THE WHOLE CRYSTAL. DODECAMERS OF THE POLYHEDRIN PROTEIN ARE PUTATIVE BUILDING BLOCKS OF THE CRYSTAL, WHICH ARE GENERATED BY THE SYMMETRY OPERATIONS.
;
# 
loop_
_struct_conf.conf_type_id 
_struct_conf.id 
_struct_conf.pdbx_PDB_helix_id 
_struct_conf.beg_label_comp_id 
_struct_conf.beg_label_asym_id 
_struct_conf.beg_label_seq_id 
_struct_conf.pdbx_beg_PDB_ins_code 
_struct_conf.end_label_comp_id 
_struct_conf.end_label_asym_id 
_struct_conf.end_label_seq_id 
_struct_conf.pdbx_end_PDB_ins_code 
_struct_conf.beg_auth_comp_id 
_struct_conf.beg_auth_asym_id 
_struct_conf.beg_auth_seq_id 
_struct_conf.end_auth_comp_id 
_struct_conf.end_auth_asym_id 
_struct_conf.end_auth_seq_id 
_struct_conf.pdbx_PDB_helix_class 
_struct_conf.details 
_struct_conf.pdbx_PDB_helix_length 
HELX_P HELX_P1 1 ASN A 23  ? ILE A 28  ? ASN A 23  ILE A 28  1 ? 6  
HELX_P HELX_P2 2 PRO A 49  ? TYR A 53  ? PRO A 49  TYR A 53  5 ? 5  
HELX_P HELX_P3 3 LYS A 90  ? PHE A 107 ? LYS A 90  PHE A 107 1 ? 18 
HELX_P HELX_P4 4 SER A 190 ? ARG A 197 ? SER A 190 ARG A 197 1 ? 8  
# 
_struct_conf_type.id          HELX_P 
_struct_conf_type.criteria    ? 
_struct_conf_type.reference   ? 
# 
loop_
_struct_conn.id 
_struct_conn.conn_type_id 
_struct_conn.pdbx_leaving_atom_flag 
_struct_conn.pdbx_PDB_id 
_struct_conn.ptnr1_label_asym_id 
_struct_conn.ptnr1_label_comp_id 
_struct_conn.ptnr1_label_seq_id 
_struct_conn.ptnr1_label_atom_id 
_struct_conn.pdbx_ptnr1_label_alt_id 
_struct_conn.pdbx_ptnr1_PDB_ins_code 
_struct_conn.pdbx_ptnr1_standard_comp_id 
_struct_conn.ptnr1_symmetry 
_struct_conn.ptnr2_label_asym_id 
_struct_conn.ptnr2_label_comp_id 
_struct_conn.ptnr2_label_seq_id 
_struct_conn.ptnr2_label_atom_id 
_struct_conn.pdbx_ptnr2_label_alt_id 
_struct_conn.pdbx_ptnr2_PDB_ins_code 
_struct_conn.ptnr1_auth_asym_id 
_struct_conn.ptnr1_auth_comp_id 
_struct_conn.ptnr1_auth_seq_id 
_struct_conn.ptnr2_auth_asym_id 
_struct_conn.ptnr2_auth_comp_id 
_struct_conn.ptnr2_auth_seq_id 
_struct_conn.ptnr2_symmetry 
_struct_conn.pdbx_ptnr3_label_atom_id 
_struct_conn.pdbx_ptnr3_label_seq_id 
_struct_conn.pdbx_ptnr3_label_comp_id 
_struct_conn.pdbx_ptnr3_label_asym_id 
_struct_conn.pdbx_ptnr3_label_alt_id 
_struct_conn.pdbx_ptnr3_PDB_ins_code 
_struct_conn.details 
_struct_conn.pdbx_dist_value 
_struct_conn.pdbx_value_order 
_struct_conn.pdbx_role 
disulf1 disulf ?    ? A CYS 132 SG B ? ? 1_555 A CYS 132 SG B ? A CYS 132 A CYS 132 4_566 ? ? ? ? ? ? ? 2.416 ? ? 
covale1 covale both ? A THR 82  C  ? ? ? 1_555 A MSE 83  N  ? ? A THR 82  A MSE 83  1_555 ? ? ? ? ? ? ? 1.345 ? ? 
covale2 covale both ? A MSE 83  C  ? ? ? 1_555 A LYS 84  N  ? ? A MSE 83  A LYS 84  1_555 ? ? ? ? ? ? ? 1.340 ? ? 
covale3 covale both ? A PHE 102 C  ? ? ? 1_555 A MSE 103 N  ? ? A PHE 102 A MSE 103 1_555 ? ? ? ? ? ? ? 1.346 ? ? 
covale4 covale both ? A MSE 103 C  ? ? ? 1_555 A GLU 104 N  ? ? A MSE 103 A GLU 104 1_555 ? ? ? ? ? ? ? 1.350 ? ? 
covale5 covale both ? A VAL 115 C  ? ? ? 1_555 A MSE 116 N  ? ? A VAL 115 A MSE 116 1_555 ? ? ? ? ? ? ? 1.340 ? ? 
covale6 covale both ? A MSE 116 C  ? ? ? 1_555 A ASP 117 N  ? ? A MSE 116 A ASP 117 1_555 ? ? ? ? ? ? ? 1.353 ? ? 
covale7 covale both ? A ASN 123 C  ? ? ? 1_555 A MSE 124 N  ? ? A ASN 123 A MSE 124 1_555 ? ? ? ? ? ? ? 1.343 ? ? 
covale8 covale both ? A MSE 124 C  ? ? ? 1_555 A ARG 125 N  ? ? A MSE 124 A ARG 125 1_555 ? ? ? ? ? ? ? 1.329 ? ? 
# 
loop_
_struct_conn_type.id 
_struct_conn_type.criteria 
_struct_conn_type.reference 
disulf ? ? 
covale ? ? 
# 
loop_
_pdbx_modification_feature.ordinal 
_pdbx_modification_feature.label_comp_id 
_pdbx_modification_feature.label_asym_id 
_pdbx_modification_feature.label_seq_id 
_pdbx_modification_feature.label_alt_id 
_pdbx_modification_feature.modified_residue_label_comp_id 
_pdbx_modification_feature.modified_residue_label_asym_id 
_pdbx_modification_feature.modified_residue_label_seq_id 
_pdbx_modification_feature.modified_residue_label_alt_id 
_pdbx_modification_feature.auth_comp_id 
_pdbx_modification_feature.auth_asym_id 
_pdbx_modification_feature.auth_seq_id 
_pdbx_modification_feature.PDB_ins_code 
_pdbx_modification_feature.symmetry 
_pdbx_modification_feature.modified_residue_auth_comp_id 
_pdbx_modification_feature.modified_residue_auth_asym_id 
_pdbx_modification_feature.modified_residue_auth_seq_id 
_pdbx_modification_feature.modified_residue_PDB_ins_code 
_pdbx_modification_feature.modified_residue_symmetry 
_pdbx_modification_feature.comp_id_linking_atom 
_pdbx_modification_feature.modified_residue_id_linking_atom 
_pdbx_modification_feature.modified_residue_id 
_pdbx_modification_feature.ref_pcm_id 
_pdbx_modification_feature.ref_comp_id 
_pdbx_modification_feature.type 
_pdbx_modification_feature.category 
1 MSE A 83  ? .   . .   . MSE A 83  ? 1_555 .   . .   . .     .  .  MET 1 MSE Selenomethionine 'Named protein modification' 
2 MSE A 103 ? .   . .   . MSE A 103 ? 1_555 .   . .   . .     .  .  MET 1 MSE Selenomethionine 'Named protein modification' 
3 MSE A 116 ? .   . .   . MSE A 116 ? 1_555 .   . .   . .     .  .  MET 1 MSE Selenomethionine 'Named protein modification' 
4 MSE A 124 ? .   . .   . MSE A 124 ? 1_555 .   . .   . .     .  .  MET 1 MSE Selenomethionine 'Named protein modification' 
5 CYS A 132 B CYS A 132 B CYS A 132 ? 1_555 CYS A 132 ? 4_566 SG SG .   . .   None             'Disulfide bridge'           
# 
loop_
_struct_mon_prot_cis.pdbx_id 
_struct_mon_prot_cis.label_comp_id 
_struct_mon_prot_cis.label_seq_id 
_struct_mon_prot_cis.label_asym_id 
_struct_mon_prot_cis.label_alt_id 
_struct_mon_prot_cis.pdbx_PDB_ins_code 
_struct_mon_prot_cis.auth_comp_id 
_struct_mon_prot_cis.auth_seq_id 
_struct_mon_prot_cis.auth_asym_id 
_struct_mon_prot_cis.pdbx_label_comp_id_2 
_struct_mon_prot_cis.pdbx_label_seq_id_2 
_struct_mon_prot_cis.pdbx_label_asym_id_2 
_struct_mon_prot_cis.pdbx_PDB_ins_code_2 
_struct_mon_prot_cis.pdbx_auth_comp_id_2 
_struct_mon_prot_cis.pdbx_auth_seq_id_2 
_struct_mon_prot_cis.pdbx_auth_asym_id_2 
_struct_mon_prot_cis.pdbx_PDB_model_num 
_struct_mon_prot_cis.pdbx_omega_angle 
1 PHE 107 A . ? PHE 107 A PRO 108 A ? PRO 108 A 1 -0.40 
2 PHE 107 A . ? PHE 107 A PRO 108 A ? PRO 108 A 1 0.53  
3 GLY 242 A . ? GLY 242 A PRO 243 A ? PRO 243 A 1 -2.34 
# 
loop_
_struct_sheet.id 
_struct_sheet.type 
_struct_sheet.number_strands 
_struct_sheet.details 
A ? 2 ? 
B ? 4 ? 
C ? 5 ? 
# 
loop_
_struct_sheet_order.sheet_id 
_struct_sheet_order.range_id_1 
_struct_sheet_order.range_id_2 
_struct_sheet_order.offset 
_struct_sheet_order.sense 
A 1 2 ? anti-parallel 
B 1 2 ? anti-parallel 
B 2 3 ? anti-parallel 
B 3 4 ? anti-parallel 
C 1 2 ? anti-parallel 
C 2 3 ? anti-parallel 
C 3 4 ? anti-parallel 
C 4 5 ? anti-parallel 
# 
loop_
_struct_sheet_range.sheet_id 
_struct_sheet_range.id 
_struct_sheet_range.beg_label_comp_id 
_struct_sheet_range.beg_label_asym_id 
_struct_sheet_range.beg_label_seq_id 
_struct_sheet_range.pdbx_beg_PDB_ins_code 
_struct_sheet_range.end_label_comp_id 
_struct_sheet_range.end_label_asym_id 
_struct_sheet_range.end_label_seq_id 
_struct_sheet_range.pdbx_end_PDB_ins_code 
_struct_sheet_range.beg_auth_comp_id 
_struct_sheet_range.beg_auth_asym_id 
_struct_sheet_range.beg_auth_seq_id 
_struct_sheet_range.end_auth_comp_id 
_struct_sheet_range.end_auth_asym_id 
_struct_sheet_range.end_auth_seq_id 
A 1 THR A 13  ? TYR A 16  ? THR A 13  TYR A 16  
A 2 LYS A 19  ? LYS A 22  ? LYS A 19  LYS A 22  
B 1 LYS A 65  ? VAL A 78  ? LYS A 65  VAL A 78  
B 2 GLU A 218 ? PHE A 233 ? GLU A 218 PHE A 233 
B 3 ASP A 112 ? PRO A 126 ? ASP A 112 PRO A 126 
B 4 GLU A 166 ? SER A 170 ? GLU A 166 SER A 170 
C 1 VAL A 152 ? ARG A 154 ? VAL A 152 ARG A 154 
C 2 THR A 82  ? LEU A 85  ? THR A 82  LEU A 85  
C 3 ILE A 207 ? THR A 212 ? ILE A 207 THR A 212 
C 4 PHE A 135 ? ALA A 140 ? PHE A 135 ALA A 140 
C 5 SER A 159 ? TRP A 160 ? SER A 159 TRP A 160 
# 
loop_
_pdbx_struct_sheet_hbond.sheet_id 
_pdbx_struct_sheet_hbond.range_id_1 
_pdbx_struct_sheet_hbond.range_id_2 
_pdbx_struct_sheet_hbond.range_1_label_atom_id 
_pdbx_struct_sheet_hbond.range_1_label_comp_id 
_pdbx_struct_sheet_hbond.range_1_label_asym_id 
_pdbx_struct_sheet_hbond.range_1_label_seq_id 
_pdbx_struct_sheet_hbond.range_1_PDB_ins_code 
_pdbx_struct_sheet_hbond.range_1_auth_atom_id 
_pdbx_struct_sheet_hbond.range_1_auth_comp_id 
_pdbx_struct_sheet_hbond.range_1_auth_asym_id 
_pdbx_struct_sheet_hbond.range_1_auth_seq_id 
_pdbx_struct_sheet_hbond.range_2_label_atom_id 
_pdbx_struct_sheet_hbond.range_2_label_comp_id 
_pdbx_struct_sheet_hbond.range_2_label_asym_id 
_pdbx_struct_sheet_hbond.range_2_label_seq_id 
_pdbx_struct_sheet_hbond.range_2_PDB_ins_code 
_pdbx_struct_sheet_hbond.range_2_auth_atom_id 
_pdbx_struct_sheet_hbond.range_2_auth_comp_id 
_pdbx_struct_sheet_hbond.range_2_auth_asym_id 
_pdbx_struct_sheet_hbond.range_2_auth_seq_id 
A 1 2 N TYR A 14  ? N TYR A 14  O TYR A 21  ? O TYR A 21  
B 1 2 N GLU A 74  ? N GLU A 74  O LEU A 222 ? O LEU A 222 
B 2 3 O SER A 225 ? O SER A 225 N VAL A 121 ? N VAL A 121 
B 3 4 N LEU A 120 ? N LEU A 120 O ILE A 169 ? O ILE A 169 
C 1 2 O ILE A 153 ? O ILE A 153 N MSE A 83  ? N MSE A 83  
C 2 3 N LYS A 84  ? N LYS A 84  O ILE A 210 ? O ILE A 210 
C 3 4 O GLY A 211 ? O GLY A 211 N LEU A 136 ? N LEU A 136 
C 4 5 N ALA A 137 ? N ALA A 137 O SER A 159 ? O SER A 159 
# 
_struct_site.id                   AC1 
_struct_site.pdbx_evidence_code   Software 
_struct_site.pdbx_auth_asym_id    A 
_struct_site.pdbx_auth_comp_id    EDO 
_struct_site.pdbx_auth_seq_id     246 
_struct_site.pdbx_auth_ins_code   ? 
_struct_site.pdbx_num_residues    4 
_struct_site.details              'BINDING SITE FOR RESIDUE EDO A 246' 
# 
loop_
_struct_site_gen.id 
_struct_site_gen.site_id 
_struct_site_gen.pdbx_num_res 
_struct_site_gen.label_comp_id 
_struct_site_gen.label_asym_id 
_struct_site_gen.label_seq_id 
_struct_site_gen.pdbx_auth_ins_code 
_struct_site_gen.auth_comp_id 
_struct_site_gen.auth_asym_id 
_struct_site_gen.auth_seq_id 
_struct_site_gen.label_atom_id 
_struct_site_gen.label_alt_id 
_struct_site_gen.symmetry 
_struct_site_gen.details 
1 AC1 4 ARG A 154 ? ARG A 154 . ? 8_656 ? 
2 AC1 4 VAL A 156 ? VAL A 156 . ? 8_656 ? 
3 AC1 4 GLU A 232 ? GLU A 232 . ? 1_555 ? 
4 AC1 4 HOH C .   ? HOH A 284 . ? 8_656 ? 
# 
_pdbx_entry_details.entry_id                   3JW6 
_pdbx_entry_details.compound_details           ? 
_pdbx_entry_details.source_details             ? 
_pdbx_entry_details.nonpolymer_details         ? 
_pdbx_entry_details.sequence_details           ? 
_pdbx_entry_details.has_ligand_of_interest     ? 
_pdbx_entry_details.has_protein_modification   Y 
# 
loop_
_pdbx_validate_torsion.id 
_pdbx_validate_torsion.PDB_model_num 
_pdbx_validate_torsion.auth_comp_id 
_pdbx_validate_torsion.auth_asym_id 
_pdbx_validate_torsion.auth_seq_id 
_pdbx_validate_torsion.PDB_ins_code 
_pdbx_validate_torsion.label_alt_id 
_pdbx_validate_torsion.phi 
_pdbx_validate_torsion.psi 
1 1 PRO A 63  ? ? -48.76  151.12 
2 1 PHE A 233 ? ? -112.20 75.82  
# 
loop_
_pdbx_struct_mod_residue.id 
_pdbx_struct_mod_residue.label_asym_id 
_pdbx_struct_mod_residue.label_comp_id 
_pdbx_struct_mod_residue.label_seq_id 
_pdbx_struct_mod_residue.auth_asym_id 
_pdbx_struct_mod_residue.auth_comp_id 
_pdbx_struct_mod_residue.auth_seq_id 
_pdbx_struct_mod_residue.PDB_ins_code 
_pdbx_struct_mod_residue.parent_comp_id 
_pdbx_struct_mod_residue.details 
1 A MSE 83  A MSE 83  ? MET 'modified residue' 
2 A MSE 103 A MSE 103 ? MET 'modified residue' 
3 A MSE 116 A MSE 116 ? MET 'modified residue' 
4 A MSE 124 A MSE 124 ? MET 'modified residue' 
# 
loop_
_pdbx_struct_special_symmetry.id 
_pdbx_struct_special_symmetry.PDB_model_num 
_pdbx_struct_special_symmetry.auth_asym_id 
_pdbx_struct_special_symmetry.auth_comp_id 
_pdbx_struct_special_symmetry.auth_seq_id 
_pdbx_struct_special_symmetry.PDB_ins_code 
_pdbx_struct_special_symmetry.label_asym_id 
_pdbx_struct_special_symmetry.label_comp_id 
_pdbx_struct_special_symmetry.label_seq_id 
1 1 A HOH 308 ? C HOH . 
2 1 A HOH 309 ? C HOH . 
# 
_phasing.method   MIR 
# 
loop_
_pdbx_unobs_or_zero_occ_residues.id 
_pdbx_unobs_or_zero_occ_residues.PDB_model_num 
_pdbx_unobs_or_zero_occ_residues.polymer_flag 
_pdbx_unobs_or_zero_occ_residues.occupancy_flag 
_pdbx_unobs_or_zero_occ_residues.auth_asym_id 
_pdbx_unobs_or_zero_occ_residues.auth_comp_id 
_pdbx_unobs_or_zero_occ_residues.auth_seq_id 
_pdbx_unobs_or_zero_occ_residues.PDB_ins_code 
_pdbx_unobs_or_zero_occ_residues.label_asym_id 
_pdbx_unobs_or_zero_occ_residues.label_comp_id 
_pdbx_unobs_or_zero_occ_residues.label_seq_id 
1  1 Y 1 A MSE 1   ? A MSE 1   
2  1 Y 1 A PRO 2   ? A PRO 2   
3  1 Y 1 A ASP 3   ? A ASP 3   
4  1 Y 1 A TYR 4   ? A TYR 4   
5  1 Y 1 A SER 5   ? A SER 5   
6  1 Y 1 A TYR 6   ? A TYR 6   
7  1 Y 1 A ARG 7   ? A ARG 7   
8  1 Y 1 A PRO 8   ? A PRO 8   
9  1 Y 1 A THR 9   ? A THR 9   
10 1 Y 1 A ILE 10  ? A ILE 10  
11 1 Y 1 A LYS 29  ? A LYS 29  
12 1 Y 1 A ASN 30  ? A ASN 30  
13 1 Y 1 A ALA 31  ? A ALA 31  
14 1 Y 1 A LYS 32  ? A LYS 32  
15 1 Y 1 A ARG 33  ? A ARG 33  
16 1 Y 1 A LYS 34  ? A LYS 34  
17 1 Y 1 A LYS 35  ? A LYS 35  
18 1 Y 1 A HIS 36  ? A HIS 36  
19 1 Y 1 A PHE 37  ? A PHE 37  
20 1 Y 1 A ALA 38  ? A ALA 38  
21 1 Y 1 A GLU 39  ? A GLU 39  
22 1 Y 1 A HIS 40  ? A HIS 40  
23 1 Y 1 A GLU 41  ? A GLU 41  
24 1 Y 1 A ILE 42  ? A ILE 42  
25 1 Y 1 A GLU 43  ? A GLU 43  
26 1 Y 1 A GLU 44  ? A GLU 44  
27 1 Y 1 A ALA 45  ? A ALA 45  
28 1 Y 1 A THR 46  ? A THR 46  
29 1 Y 1 A LEU 47  ? A LEU 47  
30 1 Y 1 A ASP 48  ? A ASP 48  
31 1 Y 1 A ARG 142 ? A ARG 142 
32 1 Y 1 A CYS 143 ? A CYS 143 
33 1 Y 1 A ASP 144 ? A ASP 144 
34 1 Y 1 A PRO 145 ? A PRO 145 
35 1 Y 1 A ASP 146 ? A ASP 146 
36 1 Y 1 A LYS 173 ? A LYS 173 
37 1 Y 1 A LYS 174 ? A LYS 174 
38 1 Y 1 A GLY 175 ? A GLY 175 
39 1 Y 1 A GLY 176 ? A GLY 176 
40 1 Y 1 A GLY 177 ? A GLY 177 
41 1 Y 1 A CYS 178 ? A CYS 178 
42 1 Y 1 A PRO 179 ? A PRO 179 
43 1 Y 1 A ILE 180 ? A ILE 180 
44 1 Y 1 A MSE 181 ? A MSE 181 
45 1 Y 1 A ASN 182 ? A ASN 182 
46 1 Y 1 A LEU 183 ? A LEU 183 
47 1 Y 1 A HIS 184 ? A HIS 184 
48 1 Y 1 A SER 185 ? A SER 185 
49 1 Y 1 A GLU 186 ? A GLU 186 
50 1 Y 1 A TYR 187 ? A TYR 187 
51 1 Y 1 A ILE 199 ? A ILE 199 
52 1 Y 1 A TRP 200 ? A TRP 200 
53 1 Y 1 A GLU 201 ? A GLU 201 
54 1 Y 1 A ASN 202 ? A ASN 202 
# 
loop_
_chem_comp_atom.comp_id 
_chem_comp_atom.atom_id 
_chem_comp_atom.type_symbol 
_chem_comp_atom.pdbx_aromatic_flag 
_chem_comp_atom.pdbx_stereo_config 
_chem_comp_atom.pdbx_ordinal 
ALA N    N  N N 1   
ALA CA   C  N S 2   
ALA C    C  N N 3   
ALA O    O  N N 4   
ALA CB   C  N N 5   
ALA OXT  O  N N 6   
ALA H    H  N N 7   
ALA H2   H  N N 8   
ALA HA   H  N N 9   
ALA HB1  H  N N 10  
ALA HB2  H  N N 11  
ALA HB3  H  N N 12  
ALA HXT  H  N N 13  
ARG N    N  N N 14  
ARG CA   C  N S 15  
ARG C    C  N N 16  
ARG O    O  N N 17  
ARG CB   C  N N 18  
ARG CG   C  N N 19  
ARG CD   C  N N 20  
ARG NE   N  N N 21  
ARG CZ   C  N N 22  
ARG NH1  N  N N 23  
ARG NH2  N  N N 24  
ARG OXT  O  N N 25  
ARG H    H  N N 26  
ARG H2   H  N N 27  
ARG HA   H  N N 28  
ARG HB2  H  N N 29  
ARG HB3  H  N N 30  
ARG HG2  H  N N 31  
ARG HG3  H  N N 32  
ARG HD2  H  N N 33  
ARG HD3  H  N N 34  
ARG HE   H  N N 35  
ARG HH11 H  N N 36  
ARG HH12 H  N N 37  
ARG HH21 H  N N 38  
ARG HH22 H  N N 39  
ARG HXT  H  N N 40  
ASN N    N  N N 41  
ASN CA   C  N S 42  
ASN C    C  N N 43  
ASN O    O  N N 44  
ASN CB   C  N N 45  
ASN CG   C  N N 46  
ASN OD1  O  N N 47  
ASN ND2  N  N N 48  
ASN OXT  O  N N 49  
ASN H    H  N N 50  
ASN H2   H  N N 51  
ASN HA   H  N N 52  
ASN HB2  H  N N 53  
ASN HB3  H  N N 54  
ASN HD21 H  N N 55  
ASN HD22 H  N N 56  
ASN HXT  H  N N 57  
ASP N    N  N N 58  
ASP CA   C  N S 59  
ASP C    C  N N 60  
ASP O    O  N N 61  
ASP CB   C  N N 62  
ASP CG   C  N N 63  
ASP OD1  O  N N 64  
ASP OD2  O  N N 65  
ASP OXT  O  N N 66  
ASP H    H  N N 67  
ASP H2   H  N N 68  
ASP HA   H  N N 69  
ASP HB2  H  N N 70  
ASP HB3  H  N N 71  
ASP HD2  H  N N 72  
ASP HXT  H  N N 73  
CYS N    N  N N 74  
CYS CA   C  N R 75  
CYS C    C  N N 76  
CYS O    O  N N 77  
CYS CB   C  N N 78  
CYS SG   S  N N 79  
CYS OXT  O  N N 80  
CYS H    H  N N 81  
CYS H2   H  N N 82  
CYS HA   H  N N 83  
CYS HB2  H  N N 84  
CYS HB3  H  N N 85  
CYS HG   H  N N 86  
CYS HXT  H  N N 87  
EDO C1   C  N N 88  
EDO O1   O  N N 89  
EDO C2   C  N N 90  
EDO O2   O  N N 91  
EDO H11  H  N N 92  
EDO H12  H  N N 93  
EDO HO1  H  N N 94  
EDO H21  H  N N 95  
EDO H22  H  N N 96  
EDO HO2  H  N N 97  
GLN N    N  N N 98  
GLN CA   C  N S 99  
GLN C    C  N N 100 
GLN O    O  N N 101 
GLN CB   C  N N 102 
GLN CG   C  N N 103 
GLN CD   C  N N 104 
GLN OE1  O  N N 105 
GLN NE2  N  N N 106 
GLN OXT  O  N N 107 
GLN H    H  N N 108 
GLN H2   H  N N 109 
GLN HA   H  N N 110 
GLN HB2  H  N N 111 
GLN HB3  H  N N 112 
GLN HG2  H  N N 113 
GLN HG3  H  N N 114 
GLN HE21 H  N N 115 
GLN HE22 H  N N 116 
GLN HXT  H  N N 117 
GLU N    N  N N 118 
GLU CA   C  N S 119 
GLU C    C  N N 120 
GLU O    O  N N 121 
GLU CB   C  N N 122 
GLU CG   C  N N 123 
GLU CD   C  N N 124 
GLU OE1  O  N N 125 
GLU OE2  O  N N 126 
GLU OXT  O  N N 127 
GLU H    H  N N 128 
GLU H2   H  N N 129 
GLU HA   H  N N 130 
GLU HB2  H  N N 131 
GLU HB3  H  N N 132 
GLU HG2  H  N N 133 
GLU HG3  H  N N 134 
GLU HE2  H  N N 135 
GLU HXT  H  N N 136 
GLY N    N  N N 137 
GLY CA   C  N N 138 
GLY C    C  N N 139 
GLY O    O  N N 140 
GLY OXT  O  N N 141 
GLY H    H  N N 142 
GLY H2   H  N N 143 
GLY HA2  H  N N 144 
GLY HA3  H  N N 145 
GLY HXT  H  N N 146 
HIS N    N  N N 147 
HIS CA   C  N S 148 
HIS C    C  N N 149 
HIS O    O  N N 150 
HIS CB   C  N N 151 
HIS CG   C  Y N 152 
HIS ND1  N  Y N 153 
HIS CD2  C  Y N 154 
HIS CE1  C  Y N 155 
HIS NE2  N  Y N 156 
HIS OXT  O  N N 157 
HIS H    H  N N 158 
HIS H2   H  N N 159 
HIS HA   H  N N 160 
HIS HB2  H  N N 161 
HIS HB3  H  N N 162 
HIS HD1  H  N N 163 
HIS HD2  H  N N 164 
HIS HE1  H  N N 165 
HIS HE2  H  N N 166 
HIS HXT  H  N N 167 
HOH O    O  N N 168 
HOH H1   H  N N 169 
HOH H2   H  N N 170 
ILE N    N  N N 171 
ILE CA   C  N S 172 
ILE C    C  N N 173 
ILE O    O  N N 174 
ILE CB   C  N S 175 
ILE CG1  C  N N 176 
ILE CG2  C  N N 177 
ILE CD1  C  N N 178 
ILE OXT  O  N N 179 
ILE H    H  N N 180 
ILE H2   H  N N 181 
ILE HA   H  N N 182 
ILE HB   H  N N 183 
ILE HG12 H  N N 184 
ILE HG13 H  N N 185 
ILE HG21 H  N N 186 
ILE HG22 H  N N 187 
ILE HG23 H  N N 188 
ILE HD11 H  N N 189 
ILE HD12 H  N N 190 
ILE HD13 H  N N 191 
ILE HXT  H  N N 192 
LEU N    N  N N 193 
LEU CA   C  N S 194 
LEU C    C  N N 195 
LEU O    O  N N 196 
LEU CB   C  N N 197 
LEU CG   C  N N 198 
LEU CD1  C  N N 199 
LEU CD2  C  N N 200 
LEU OXT  O  N N 201 
LEU H    H  N N 202 
LEU H2   H  N N 203 
LEU HA   H  N N 204 
LEU HB2  H  N N 205 
LEU HB3  H  N N 206 
LEU HG   H  N N 207 
LEU HD11 H  N N 208 
LEU HD12 H  N N 209 
LEU HD13 H  N N 210 
LEU HD21 H  N N 211 
LEU HD22 H  N N 212 
LEU HD23 H  N N 213 
LEU HXT  H  N N 214 
LYS N    N  N N 215 
LYS CA   C  N S 216 
LYS C    C  N N 217 
LYS O    O  N N 218 
LYS CB   C  N N 219 
LYS CG   C  N N 220 
LYS CD   C  N N 221 
LYS CE   C  N N 222 
LYS NZ   N  N N 223 
LYS OXT  O  N N 224 
LYS H    H  N N 225 
LYS H2   H  N N 226 
LYS HA   H  N N 227 
LYS HB2  H  N N 228 
LYS HB3  H  N N 229 
LYS HG2  H  N N 230 
LYS HG3  H  N N 231 
LYS HD2  H  N N 232 
LYS HD3  H  N N 233 
LYS HE2  H  N N 234 
LYS HE3  H  N N 235 
LYS HZ1  H  N N 236 
LYS HZ2  H  N N 237 
LYS HZ3  H  N N 238 
LYS HXT  H  N N 239 
MSE N    N  N N 240 
MSE CA   C  N S 241 
MSE C    C  N N 242 
MSE O    O  N N 243 
MSE OXT  O  N N 244 
MSE CB   C  N N 245 
MSE CG   C  N N 246 
MSE SE   SE N N 247 
MSE CE   C  N N 248 
MSE H    H  N N 249 
MSE H2   H  N N 250 
MSE HA   H  N N 251 
MSE HXT  H  N N 252 
MSE HB2  H  N N 253 
MSE HB3  H  N N 254 
MSE HG2  H  N N 255 
MSE HG3  H  N N 256 
MSE HE1  H  N N 257 
MSE HE2  H  N N 258 
MSE HE3  H  N N 259 
PHE N    N  N N 260 
PHE CA   C  N S 261 
PHE C    C  N N 262 
PHE O    O  N N 263 
PHE CB   C  N N 264 
PHE CG   C  Y N 265 
PHE CD1  C  Y N 266 
PHE CD2  C  Y N 267 
PHE CE1  C  Y N 268 
PHE CE2  C  Y N 269 
PHE CZ   C  Y N 270 
PHE OXT  O  N N 271 
PHE H    H  N N 272 
PHE H2   H  N N 273 
PHE HA   H  N N 274 
PHE HB2  H  N N 275 
PHE HB3  H  N N 276 
PHE HD1  H  N N 277 
PHE HD2  H  N N 278 
PHE HE1  H  N N 279 
PHE HE2  H  N N 280 
PHE HZ   H  N N 281 
PHE HXT  H  N N 282 
PRO N    N  N N 283 
PRO CA   C  N S 284 
PRO C    C  N N 285 
PRO O    O  N N 286 
PRO CB   C  N N 287 
PRO CG   C  N N 288 
PRO CD   C  N N 289 
PRO OXT  O  N N 290 
PRO H    H  N N 291 
PRO HA   H  N N 292 
PRO HB2  H  N N 293 
PRO HB3  H  N N 294 
PRO HG2  H  N N 295 
PRO HG3  H  N N 296 
PRO HD2  H  N N 297 
PRO HD3  H  N N 298 
PRO HXT  H  N N 299 
SER N    N  N N 300 
SER CA   C  N S 301 
SER C    C  N N 302 
SER O    O  N N 303 
SER CB   C  N N 304 
SER OG   O  N N 305 
SER OXT  O  N N 306 
SER H    H  N N 307 
SER H2   H  N N 308 
SER HA   H  N N 309 
SER HB2  H  N N 310 
SER HB3  H  N N 311 
SER HG   H  N N 312 
SER HXT  H  N N 313 
THR N    N  N N 314 
THR CA   C  N S 315 
THR C    C  N N 316 
THR O    O  N N 317 
THR CB   C  N R 318 
THR OG1  O  N N 319 
THR CG2  C  N N 320 
THR OXT  O  N N 321 
THR H    H  N N 322 
THR H2   H  N N 323 
THR HA   H  N N 324 
THR HB   H  N N 325 
THR HG1  H  N N 326 
THR HG21 H  N N 327 
THR HG22 H  N N 328 
THR HG23 H  N N 329 
THR HXT  H  N N 330 
TRP N    N  N N 331 
TRP CA   C  N S 332 
TRP C    C  N N 333 
TRP O    O  N N 334 
TRP CB   C  N N 335 
TRP CG   C  Y N 336 
TRP CD1  C  Y N 337 
TRP CD2  C  Y N 338 
TRP NE1  N  Y N 339 
TRP CE2  C  Y N 340 
TRP CE3  C  Y N 341 
TRP CZ2  C  Y N 342 
TRP CZ3  C  Y N 343 
TRP CH2  C  Y N 344 
TRP OXT  O  N N 345 
TRP H    H  N N 346 
TRP H2   H  N N 347 
TRP HA   H  N N 348 
TRP HB2  H  N N 349 
TRP HB3  H  N N 350 
TRP HD1  H  N N 351 
TRP HE1  H  N N 352 
TRP HE3  H  N N 353 
TRP HZ2  H  N N 354 
TRP HZ3  H  N N 355 
TRP HH2  H  N N 356 
TRP HXT  H  N N 357 
TYR N    N  N N 358 
TYR CA   C  N S 359 
TYR C    C  N N 360 
TYR O    O  N N 361 
TYR CB   C  N N 362 
TYR CG   C  Y N 363 
TYR CD1  C  Y N 364 
TYR CD2  C  Y N 365 
TYR CE1  C  Y N 366 
TYR CE2  C  Y N 367 
TYR CZ   C  Y N 368 
TYR OH   O  N N 369 
TYR OXT  O  N N 370 
TYR H    H  N N 371 
TYR H2   H  N N 372 
TYR HA   H  N N 373 
TYR HB2  H  N N 374 
TYR HB3  H  N N 375 
TYR HD1  H  N N 376 
TYR HD2  H  N N 377 
TYR HE1  H  N N 378 
TYR HE2  H  N N 379 
TYR HH   H  N N 380 
TYR HXT  H  N N 381 
VAL N    N  N N 382 
VAL CA   C  N S 383 
VAL C    C  N N 384 
VAL O    O  N N 385 
VAL CB   C  N N 386 
VAL CG1  C  N N 387 
VAL CG2  C  N N 388 
VAL OXT  O  N N 389 
VAL H    H  N N 390 
VAL H2   H  N N 391 
VAL HA   H  N N 392 
VAL HB   H  N N 393 
VAL HG11 H  N N 394 
VAL HG12 H  N N 395 
VAL HG13 H  N N 396 
VAL HG21 H  N N 397 
VAL HG22 H  N N 398 
VAL HG23 H  N N 399 
VAL HXT  H  N N 400 
# 
loop_
_chem_comp_bond.comp_id 
_chem_comp_bond.atom_id_1 
_chem_comp_bond.atom_id_2 
_chem_comp_bond.value_order 
_chem_comp_bond.pdbx_aromatic_flag 
_chem_comp_bond.pdbx_stereo_config 
_chem_comp_bond.pdbx_ordinal 
ALA N   CA   sing N N 1   
ALA N   H    sing N N 2   
ALA N   H2   sing N N 3   
ALA CA  C    sing N N 4   
ALA CA  CB   sing N N 5   
ALA CA  HA   sing N N 6   
ALA C   O    doub N N 7   
ALA C   OXT  sing N N 8   
ALA CB  HB1  sing N N 9   
ALA CB  HB2  sing N N 10  
ALA CB  HB3  sing N N 11  
ALA OXT HXT  sing N N 12  
ARG N   CA   sing N N 13  
ARG N   H    sing N N 14  
ARG N   H2   sing N N 15  
ARG CA  C    sing N N 16  
ARG CA  CB   sing N N 17  
ARG CA  HA   sing N N 18  
ARG C   O    doub N N 19  
ARG C   OXT  sing N N 20  
ARG CB  CG   sing N N 21  
ARG CB  HB2  sing N N 22  
ARG CB  HB3  sing N N 23  
ARG CG  CD   sing N N 24  
ARG CG  HG2  sing N N 25  
ARG CG  HG3  sing N N 26  
ARG CD  NE   sing N N 27  
ARG CD  HD2  sing N N 28  
ARG CD  HD3  sing N N 29  
ARG NE  CZ   sing N N 30  
ARG NE  HE   sing N N 31  
ARG CZ  NH1  sing N N 32  
ARG CZ  NH2  doub N N 33  
ARG NH1 HH11 sing N N 34  
ARG NH1 HH12 sing N N 35  
ARG NH2 HH21 sing N N 36  
ARG NH2 HH22 sing N N 37  
ARG OXT HXT  sing N N 38  
ASN N   CA   sing N N 39  
ASN N   H    sing N N 40  
ASN N   H2   sing N N 41  
ASN CA  C    sing N N 42  
ASN CA  CB   sing N N 43  
ASN CA  HA   sing N N 44  
ASN C   O    doub N N 45  
ASN C   OXT  sing N N 46  
ASN CB  CG   sing N N 47  
ASN CB  HB2  sing N N 48  
ASN CB  HB3  sing N N 49  
ASN CG  OD1  doub N N 50  
ASN CG  ND2  sing N N 51  
ASN ND2 HD21 sing N N 52  
ASN ND2 HD22 sing N N 53  
ASN OXT HXT  sing N N 54  
ASP N   CA   sing N N 55  
ASP N   H    sing N N 56  
ASP N   H2   sing N N 57  
ASP CA  C    sing N N 58  
ASP CA  CB   sing N N 59  
ASP CA  HA   sing N N 60  
ASP C   O    doub N N 61  
ASP C   OXT  sing N N 62  
ASP CB  CG   sing N N 63  
ASP CB  HB2  sing N N 64  
ASP CB  HB3  sing N N 65  
ASP CG  OD1  doub N N 66  
ASP CG  OD2  sing N N 67  
ASP OD2 HD2  sing N N 68  
ASP OXT HXT  sing N N 69  
CYS N   CA   sing N N 70  
CYS N   H    sing N N 71  
CYS N   H2   sing N N 72  
CYS CA  C    sing N N 73  
CYS CA  CB   sing N N 74  
CYS CA  HA   sing N N 75  
CYS C   O    doub N N 76  
CYS C   OXT  sing N N 77  
CYS CB  SG   sing N N 78  
CYS CB  HB2  sing N N 79  
CYS CB  HB3  sing N N 80  
CYS SG  HG   sing N N 81  
CYS OXT HXT  sing N N 82  
EDO C1  O1   sing N N 83  
EDO C1  C2   sing N N 84  
EDO C1  H11  sing N N 85  
EDO C1  H12  sing N N 86  
EDO O1  HO1  sing N N 87  
EDO C2  O2   sing N N 88  
EDO C2  H21  sing N N 89  
EDO C2  H22  sing N N 90  
EDO O2  HO2  sing N N 91  
GLN N   CA   sing N N 92  
GLN N   H    sing N N 93  
GLN N   H2   sing N N 94  
GLN CA  C    sing N N 95  
GLN CA  CB   sing N N 96  
GLN CA  HA   sing N N 97  
GLN C   O    doub N N 98  
GLN C   OXT  sing N N 99  
GLN CB  CG   sing N N 100 
GLN CB  HB2  sing N N 101 
GLN CB  HB3  sing N N 102 
GLN CG  CD   sing N N 103 
GLN CG  HG2  sing N N 104 
GLN CG  HG3  sing N N 105 
GLN CD  OE1  doub N N 106 
GLN CD  NE2  sing N N 107 
GLN NE2 HE21 sing N N 108 
GLN NE2 HE22 sing N N 109 
GLN OXT HXT  sing N N 110 
GLU N   CA   sing N N 111 
GLU N   H    sing N N 112 
GLU N   H2   sing N N 113 
GLU CA  C    sing N N 114 
GLU CA  CB   sing N N 115 
GLU CA  HA   sing N N 116 
GLU C   O    doub N N 117 
GLU C   OXT  sing N N 118 
GLU CB  CG   sing N N 119 
GLU CB  HB2  sing N N 120 
GLU CB  HB3  sing N N 121 
GLU CG  CD   sing N N 122 
GLU CG  HG2  sing N N 123 
GLU CG  HG3  sing N N 124 
GLU CD  OE1  doub N N 125 
GLU CD  OE2  sing N N 126 
GLU OE2 HE2  sing N N 127 
GLU OXT HXT  sing N N 128 
GLY N   CA   sing N N 129 
GLY N   H    sing N N 130 
GLY N   H2   sing N N 131 
GLY CA  C    sing N N 132 
GLY CA  HA2  sing N N 133 
GLY CA  HA3  sing N N 134 
GLY C   O    doub N N 135 
GLY C   OXT  sing N N 136 
GLY OXT HXT  sing N N 137 
HIS N   CA   sing N N 138 
HIS N   H    sing N N 139 
HIS N   H2   sing N N 140 
HIS CA  C    sing N N 141 
HIS CA  CB   sing N N 142 
HIS CA  HA   sing N N 143 
HIS C   O    doub N N 144 
HIS C   OXT  sing N N 145 
HIS CB  CG   sing N N 146 
HIS CB  HB2  sing N N 147 
HIS CB  HB3  sing N N 148 
HIS CG  ND1  sing Y N 149 
HIS CG  CD2  doub Y N 150 
HIS ND1 CE1  doub Y N 151 
HIS ND1 HD1  sing N N 152 
HIS CD2 NE2  sing Y N 153 
HIS CD2 HD2  sing N N 154 
HIS CE1 NE2  sing Y N 155 
HIS CE1 HE1  sing N N 156 
HIS NE2 HE2  sing N N 157 
HIS OXT HXT  sing N N 158 
HOH O   H1   sing N N 159 
HOH O   H2   sing N N 160 
ILE N   CA   sing N N 161 
ILE N   H    sing N N 162 
ILE N   H2   sing N N 163 
ILE CA  C    sing N N 164 
ILE CA  CB   sing N N 165 
ILE CA  HA   sing N N 166 
ILE C   O    doub N N 167 
ILE C   OXT  sing N N 168 
ILE CB  CG1  sing N N 169 
ILE CB  CG2  sing N N 170 
ILE CB  HB   sing N N 171 
ILE CG1 CD1  sing N N 172 
ILE CG1 HG12 sing N N 173 
ILE CG1 HG13 sing N N 174 
ILE CG2 HG21 sing N N 175 
ILE CG2 HG22 sing N N 176 
ILE CG2 HG23 sing N N 177 
ILE CD1 HD11 sing N N 178 
ILE CD1 HD12 sing N N 179 
ILE CD1 HD13 sing N N 180 
ILE OXT HXT  sing N N 181 
LEU N   CA   sing N N 182 
LEU N   H    sing N N 183 
LEU N   H2   sing N N 184 
LEU CA  C    sing N N 185 
LEU CA  CB   sing N N 186 
LEU CA  HA   sing N N 187 
LEU C   O    doub N N 188 
LEU C   OXT  sing N N 189 
LEU CB  CG   sing N N 190 
LEU CB  HB2  sing N N 191 
LEU CB  HB3  sing N N 192 
LEU CG  CD1  sing N N 193 
LEU CG  CD2  sing N N 194 
LEU CG  HG   sing N N 195 
LEU CD1 HD11 sing N N 196 
LEU CD1 HD12 sing N N 197 
LEU CD1 HD13 sing N N 198 
LEU CD2 HD21 sing N N 199 
LEU CD2 HD22 sing N N 200 
LEU CD2 HD23 sing N N 201 
LEU OXT HXT  sing N N 202 
LYS N   CA   sing N N 203 
LYS N   H    sing N N 204 
LYS N   H2   sing N N 205 
LYS CA  C    sing N N 206 
LYS CA  CB   sing N N 207 
LYS CA  HA   sing N N 208 
LYS C   O    doub N N 209 
LYS C   OXT  sing N N 210 
LYS CB  CG   sing N N 211 
LYS CB  HB2  sing N N 212 
LYS CB  HB3  sing N N 213 
LYS CG  CD   sing N N 214 
LYS CG  HG2  sing N N 215 
LYS CG  HG3  sing N N 216 
LYS CD  CE   sing N N 217 
LYS CD  HD2  sing N N 218 
LYS CD  HD3  sing N N 219 
LYS CE  NZ   sing N N 220 
LYS CE  HE2  sing N N 221 
LYS CE  HE3  sing N N 222 
LYS NZ  HZ1  sing N N 223 
LYS NZ  HZ2  sing N N 224 
LYS NZ  HZ3  sing N N 225 
LYS OXT HXT  sing N N 226 
MSE N   CA   sing N N 227 
MSE N   H    sing N N 228 
MSE N   H2   sing N N 229 
MSE CA  C    sing N N 230 
MSE CA  CB   sing N N 231 
MSE CA  HA   sing N N 232 
MSE C   O    doub N N 233 
MSE C   OXT  sing N N 234 
MSE OXT HXT  sing N N 235 
MSE CB  CG   sing N N 236 
MSE CB  HB2  sing N N 237 
MSE CB  HB3  sing N N 238 
MSE CG  SE   sing N N 239 
MSE CG  HG2  sing N N 240 
MSE CG  HG3  sing N N 241 
MSE SE  CE   sing N N 242 
MSE CE  HE1  sing N N 243 
MSE CE  HE2  sing N N 244 
MSE CE  HE3  sing N N 245 
PHE N   CA   sing N N 246 
PHE N   H    sing N N 247 
PHE N   H2   sing N N 248 
PHE CA  C    sing N N 249 
PHE CA  CB   sing N N 250 
PHE CA  HA   sing N N 251 
PHE C   O    doub N N 252 
PHE C   OXT  sing N N 253 
PHE CB  CG   sing N N 254 
PHE CB  HB2  sing N N 255 
PHE CB  HB3  sing N N 256 
PHE CG  CD1  doub Y N 257 
PHE CG  CD2  sing Y N 258 
PHE CD1 CE1  sing Y N 259 
PHE CD1 HD1  sing N N 260 
PHE CD2 CE2  doub Y N 261 
PHE CD2 HD2  sing N N 262 
PHE CE1 CZ   doub Y N 263 
PHE CE1 HE1  sing N N 264 
PHE CE2 CZ   sing Y N 265 
PHE CE2 HE2  sing N N 266 
PHE CZ  HZ   sing N N 267 
PHE OXT HXT  sing N N 268 
PRO N   CA   sing N N 269 
PRO N   CD   sing N N 270 
PRO N   H    sing N N 271 
PRO CA  C    sing N N 272 
PRO CA  CB   sing N N 273 
PRO CA  HA   sing N N 274 
PRO C   O    doub N N 275 
PRO C   OXT  sing N N 276 
PRO CB  CG   sing N N 277 
PRO CB  HB2  sing N N 278 
PRO CB  HB3  sing N N 279 
PRO CG  CD   sing N N 280 
PRO CG  HG2  sing N N 281 
PRO CG  HG3  sing N N 282 
PRO CD  HD2  sing N N 283 
PRO CD  HD3  sing N N 284 
PRO OXT HXT  sing N N 285 
SER N   CA   sing N N 286 
SER N   H    sing N N 287 
SER N   H2   sing N N 288 
SER CA  C    sing N N 289 
SER CA  CB   sing N N 290 
SER CA  HA   sing N N 291 
SER C   O    doub N N 292 
SER C   OXT  sing N N 293 
SER CB  OG   sing N N 294 
SER CB  HB2  sing N N 295 
SER CB  HB3  sing N N 296 
SER OG  HG   sing N N 297 
SER OXT HXT  sing N N 298 
THR N   CA   sing N N 299 
THR N   H    sing N N 300 
THR N   H2   sing N N 301 
THR CA  C    sing N N 302 
THR CA  CB   sing N N 303 
THR CA  HA   sing N N 304 
THR C   O    doub N N 305 
THR C   OXT  sing N N 306 
THR CB  OG1  sing N N 307 
THR CB  CG2  sing N N 308 
THR CB  HB   sing N N 309 
THR OG1 HG1  sing N N 310 
THR CG2 HG21 sing N N 311 
THR CG2 HG22 sing N N 312 
THR CG2 HG23 sing N N 313 
THR OXT HXT  sing N N 314 
TRP N   CA   sing N N 315 
TRP N   H    sing N N 316 
TRP N   H2   sing N N 317 
TRP CA  C    sing N N 318 
TRP CA  CB   sing N N 319 
TRP CA  HA   sing N N 320 
TRP C   O    doub N N 321 
TRP C   OXT  sing N N 322 
TRP CB  CG   sing N N 323 
TRP CB  HB2  sing N N 324 
TRP CB  HB3  sing N N 325 
TRP CG  CD1  doub Y N 326 
TRP CG  CD2  sing Y N 327 
TRP CD1 NE1  sing Y N 328 
TRP CD1 HD1  sing N N 329 
TRP CD2 CE2  doub Y N 330 
TRP CD2 CE3  sing Y N 331 
TRP NE1 CE2  sing Y N 332 
TRP NE1 HE1  sing N N 333 
TRP CE2 CZ2  sing Y N 334 
TRP CE3 CZ3  doub Y N 335 
TRP CE3 HE3  sing N N 336 
TRP CZ2 CH2  doub Y N 337 
TRP CZ2 HZ2  sing N N 338 
TRP CZ3 CH2  sing Y N 339 
TRP CZ3 HZ3  sing N N 340 
TRP CH2 HH2  sing N N 341 
TRP OXT HXT  sing N N 342 
TYR N   CA   sing N N 343 
TYR N   H    sing N N 344 
TYR N   H2   sing N N 345 
TYR CA  C    sing N N 346 
TYR CA  CB   sing N N 347 
TYR CA  HA   sing N N 348 
TYR C   O    doub N N 349 
TYR C   OXT  sing N N 350 
TYR CB  CG   sing N N 351 
TYR CB  HB2  sing N N 352 
TYR CB  HB3  sing N N 353 
TYR CG  CD1  doub Y N 354 
TYR CG  CD2  sing Y N 355 
TYR CD1 CE1  sing Y N 356 
TYR CD1 HD1  sing N N 357 
TYR CD2 CE2  doub Y N 358 
TYR CD2 HD2  sing N N 359 
TYR CE1 CZ   doub Y N 360 
TYR CE1 HE1  sing N N 361 
TYR CE2 CZ   sing Y N 362 
TYR CE2 HE2  sing N N 363 
TYR CZ  OH   sing N N 364 
TYR OH  HH   sing N N 365 
TYR OXT HXT  sing N N 366 
VAL N   CA   sing N N 367 
VAL N   H    sing N N 368 
VAL N   H2   sing N N 369 
VAL CA  C    sing N N 370 
VAL CA  CB   sing N N 371 
VAL CA  HA   sing N N 372 
VAL C   O    doub N N 373 
VAL C   OXT  sing N N 374 
VAL CB  CG1  sing N N 375 
VAL CB  CG2  sing N N 376 
VAL CB  HB   sing N N 377 
VAL CG1 HG11 sing N N 378 
VAL CG1 HG12 sing N N 379 
VAL CG1 HG13 sing N N 380 
VAL CG2 HG21 sing N N 381 
VAL CG2 HG22 sing N N 382 
VAL CG2 HG23 sing N N 383 
VAL OXT HXT  sing N N 384 
# 
_atom_sites.entry_id                    3JW6 
_atom_sites.fract_transf_matrix[1][1]   0.00943408 
_atom_sites.fract_transf_matrix[1][2]   -0.00097287 
_atom_sites.fract_transf_matrix[1][3]   0.00199661 
_atom_sites.fract_transf_matrix[2][1]   0.00217643 
_atom_sites.fract_transf_matrix[2][2]   0.00231218 
_atom_sites.fract_transf_matrix[2][3]   -0.00915707 
_atom_sites.fract_transf_matrix[3][1]   0.00044285 
_atom_sites.fract_transf_matrix[3][2]   0.00936174 
_atom_sites.fract_transf_matrix[3][3]   0.00246912 
_atom_sites.fract_transf_vector[1]      0.173586 
_atom_sites.fract_transf_vector[2]      0.255459 
_atom_sites.fract_transf_vector[3]      0.590178 
# 
loop_
_atom_type.symbol 
C  
N  
O  
S  
SE 
# 
loop_
_atom_site.group_PDB 
_atom_site.id 
_atom_site.type_symbol 
_atom_site.label_atom_id 
_atom_site.label_alt_id 
_atom_site.label_comp_id 
_atom_site.label_asym_id 
_atom_site.label_entity_id 
_atom_site.label_seq_id 
_atom_site.pdbx_PDB_ins_code 
_atom_site.Cartn_x 
_atom_site.Cartn_y 
_atom_site.Cartn_z 
_atom_site.occupancy 
_atom_site.B_iso_or_equiv 
_atom_site.pdbx_formal_charge 
_atom_site.auth_seq_id 
_atom_site.auth_comp_id 
_atom_site.auth_asym_id 
_atom_site.auth_atom_id 
_atom_site.pdbx_PDB_model_num 
ATOM   1    N  N   . GLY A 1 11  ? 37.114  -26.122 3.821   1.00 29.59 ? 11  GLY A N   1 
ATOM   2    C  CA  . GLY A 1 11  ? 38.290  -26.096 4.683   1.00 29.16 ? 11  GLY A CA  1 
ATOM   3    C  C   . GLY A 1 11  ? 38.444  -27.391 5.453   1.00 32.12 ? 11  GLY A C   1 
ATOM   4    O  O   . GLY A 1 11  ? 37.717  -27.623 6.420   1.00 31.32 ? 11  GLY A O   1 
ATOM   5    N  N   . ARG A 1 12  ? 39.369  -28.257 5.002   1.00 28.65 ? 12  ARG A N   1 
ATOM   6    C  CA  . ARG A 1 12  ? 39.633  -29.571 5.600   1.00 28.76 ? 12  ARG A CA  1 
ATOM   7    C  C   . ARG A 1 12  ? 41.101  -29.710 5.975   1.00 31.00 ? 12  ARG A C   1 
ATOM   8    O  O   . ARG A 1 12  ? 41.959  -29.257 5.222   1.00 31.32 ? 12  ARG A O   1 
ATOM   9    C  CB  . ARG A 1 12  ? 39.265  -30.698 4.612   1.00 30.55 ? 12  ARG A CB  1 
ATOM   10   C  CG  . ARG A 1 12  ? 37.889  -30.555 3.975   1.00 38.65 ? 12  ARG A CG  1 
ATOM   11   C  CD  . ARG A 1 12  ? 37.473  -31.788 3.208   1.00 44.23 ? 12  ARG A CD  1 
ATOM   12   N  NE  . ARG A 1 12  ? 38.364  -32.055 2.083   1.00 45.39 ? 12  ARG A NE  1 
ATOM   13   C  CZ  . ARG A 1 12  ? 38.219  -31.547 0.866   1.00 53.09 ? 12  ARG A CZ  1 
ATOM   14   N  NH1 . ARG A 1 12  ? 37.204  -30.737 0.593   1.00 36.27 ? 12  ARG A NH1 1 
ATOM   15   N  NH2 . ARG A 1 12  ? 39.088  -31.841 -0.087  1.00 39.25 ? 12  ARG A NH2 1 
ATOM   16   N  N   . THR A 1 13  ? 41.400  -30.343 7.124   1.00 25.84 ? 13  THR A N   1 
ATOM   17   C  CA  . THR A 1 13  ? 42.787  -30.551 7.549   1.00 25.23 ? 13  THR A CA  1 
ATOM   18   C  C   . THR A 1 13  ? 43.122  -32.035 7.737   1.00 28.13 ? 13  THR A C   1 
ATOM   19   O  O   . THR A 1 13  ? 42.305  -32.800 8.253   1.00 28.97 ? 13  THR A O   1 
ATOM   20   C  CB  . THR A 1 13  ? 43.182  -29.717 8.792   1.00 35.32 ? 13  THR A CB  1 
ATOM   21   O  OG1 . THR A 1 13  ? 42.488  -30.190 9.939   1.00 38.55 ? 13  THR A OG1 1 
ATOM   22   C  CG2 . THR A 1 13  ? 42.977  -28.213 8.612   1.00 33.70 ? 13  THR A CG2 1 
ATOM   23   N  N   . TYR A 1 14  ? 44.339  -32.417 7.338   1.00 21.22 ? 14  TYR A N   1 
ATOM   24   C  CA  . TYR A 1 14  ? 44.872  -33.761 7.455   1.00 20.27 ? 14  TYR A CA  1 
ATOM   25   C  C   . TYR A 1 14  ? 46.262  -33.714 8.071   1.00 22.98 ? 14  TYR A C   1 
ATOM   26   O  O   . TYR A 1 14  ? 47.047  -32.810 7.760   1.00 21.54 ? 14  TYR A O   1 
ATOM   27   C  CB  . TYR A 1 14  ? 44.984  -34.416 6.062   1.00 21.25 ? 14  TYR A CB  1 
ATOM   28   C  CG  . TYR A 1 14  ? 43.662  -34.852 5.478   1.00 22.48 ? 14  TYR A CG  1 
ATOM   29   C  CD1 . TYR A 1 14  ? 42.966  -34.035 4.588   1.00 23.60 ? 14  TYR A CD1 1 
ATOM   30   C  CD2 . TYR A 1 14  ? 43.101  -36.081 5.815   1.00 23.08 ? 14  TYR A CD2 1 
ATOM   31   C  CE1 . TYR A 1 14  ? 41.757  -34.443 4.028   1.00 22.64 ? 14  TYR A CE1 1 
ATOM   32   C  CE2 . TYR A 1 14  ? 41.887  -36.491 5.274   1.00 23.92 ? 14  TYR A CE2 1 
ATOM   33   C  CZ  . TYR A 1 14  ? 41.226  -35.677 4.370   1.00 31.42 ? 14  TYR A CZ  1 
ATOM   34   O  OH  . TYR A 1 14  ? 40.031  -36.094 3.844   1.00 34.69 ? 14  TYR A OH  1 
ATOM   35   N  N   . VAL A 1 15  ? 46.575  -34.703 8.920   1.00 19.90 ? 15  VAL A N   1 
ATOM   36   C  CA  . VAL A 1 15  ? 47.912  -34.847 9.496   1.00 20.35 ? 15  VAL A CA  1 
ATOM   37   C  C   . VAL A 1 15  ? 48.479  -36.205 9.102   1.00 25.64 ? 15  VAL A C   1 
ATOM   38   O  O   . VAL A 1 15  ? 47.841  -37.234 9.336   1.00 22.96 ? 15  VAL A O   1 
ATOM   39   C  CB  . VAL A 1 15  ? 48.044  -34.633 11.026  1.00 24.45 ? 15  VAL A CB  1 
ATOM   40   C  CG1 . VAL A 1 15  ? 49.497  -34.354 11.398  1.00 24.21 ? 15  VAL A CG1 1 
ATOM   41   C  CG2 . VAL A 1 15  ? 47.134  -33.523 11.536  1.00 24.52 ? 15  VAL A CG2 1 
ATOM   42   N  N   . TYR A 1 16  ? 49.686  -36.191 8.520   1.00 26.62 ? 16  TYR A N   1 
ATOM   43   C  CA  . TYR A 1 16  ? 50.477  -37.364 8.144   1.00 28.54 ? 16  TYR A CA  1 
ATOM   44   C  C   . TYR A 1 16  ? 51.868  -37.197 8.777   1.00 36.68 ? 16  TYR A C   1 
ATOM   45   O  O   . TYR A 1 16  ? 52.652  -36.370 8.302   1.00 36.52 ? 16  TYR A O   1 
ATOM   46   C  CB  . TYR A 1 16  ? 50.638  -37.449 6.622   1.00 29.86 ? 16  TYR A CB  1 
ATOM   47   C  CG  . TYR A 1 16  ? 49.418  -37.911 5.865   1.00 32.32 ? 16  TYR A CG  1 
ATOM   48   C  CD1 . TYR A 1 16  ? 49.224  -39.259 5.575   1.00 34.68 ? 16  TYR A CD1 1 
ATOM   49   C  CD2 . TYR A 1 16  ? 48.515  -36.994 5.336   1.00 33.33 ? 16  TYR A CD2 1 
ATOM   50   C  CE1 . TYR A 1 16  ? 48.136  -39.687 4.819   1.00 36.35 ? 16  TYR A CE1 1 
ATOM   51   C  CE2 . TYR A 1 16  ? 47.421  -37.410 4.581   1.00 34.39 ? 16  TYR A CE2 1 
ATOM   52   C  CZ  . TYR A 1 16  ? 47.236  -38.758 4.325   1.00 43.14 ? 16  TYR A CZ  1 
ATOM   53   O  OH  . TYR A 1 16  ? 46.167  -39.177 3.579   1.00 46.54 ? 16  TYR A OH  1 
ATOM   54   N  N   . ASP A 1 17  ? 52.167  -37.970 9.843   1.00 35.74 ? 17  ASP A N   1 
ATOM   55   C  CA  . ASP A 1 17  ? 53.453  -37.983 10.565  1.00 36.13 ? 17  ASP A CA  1 
ATOM   56   C  C   . ASP A 1 17  ? 54.038  -36.568 10.785  1.00 38.61 ? 17  ASP A C   1 
ATOM   57   O  O   . ASP A 1 17  ? 55.112  -36.225 10.265  1.00 39.05 ? 17  ASP A O   1 
ATOM   58   C  CB  . ASP A 1 17  ? 54.448  -38.945 9.880   1.00 39.34 ? 17  ASP A CB  1 
ATOM   59   C  CG  . ASP A 1 17  ? 55.602  -39.383 10.761  1.00 57.73 ? 17  ASP A CG  1 
ATOM   60   O  OD1 . ASP A 1 17  ? 56.713  -38.820 10.609  1.00 59.60 ? 17  ASP A OD1 1 
ATOM   61   O  OD2 . ASP A 1 17  ? 55.403  -40.303 11.589  1.00 64.89 ? 17  ASP A OD2 1 
ATOM   62   N  N   . ASN A 1 18  ? 53.283  -35.738 11.531  1.00 32.67 ? 18  ASN A N   1 
ATOM   63   C  CA  . ASN A 1 18  ? 53.604  -34.351 11.879  1.00 31.22 ? 18  ASN A CA  1 
ATOM   64   C  C   . ASN A 1 18  ? 53.702  -33.351 10.713  1.00 32.33 ? 18  ASN A C   1 
ATOM   65   O  O   . ASN A 1 18  ? 54.165  -32.221 10.900  1.00 31.08 ? 18  ASN A O   1 
ATOM   66   C  CB  . ASN A 1 18  ? 54.749  -34.250 12.896  1.00 31.34 ? 18  ASN A CB  1 
ATOM   67   C  CG  . ASN A 1 18  ? 54.346  -34.680 14.284  1.00 40.87 ? 18  ASN A CG  1 
ATOM   68   O  OD1 . ASN A 1 18  ? 53.289  -34.301 14.799  1.00 37.28 ? 18  ASN A OD1 1 
ATOM   69   N  ND2 . ASN A 1 18  ? 55.188  -35.465 14.930  1.00 26.71 ? 18  ASN A ND2 1 
ATOM   70   N  N   . LYS A 1 19  ? 53.222  -33.761 9.520   1.00 27.20 ? 19  LYS A N   1 
ATOM   71   C  CA  . LYS A 1 19  ? 53.137  -32.924 8.328   1.00 25.90 ? 19  LYS A CA  1 
ATOM   72   C  C   . LYS A 1 19  ? 51.653  -32.574 8.145   1.00 26.33 ? 19  LYS A C   1 
ATOM   73   O  O   . LYS A 1 19  ? 50.793  -33.466 8.170   1.00 24.76 ? 19  LYS A O   1 
ATOM   74   C  CB  . LYS A 1 19  ? 53.720  -33.642 7.102   1.00 29.16 ? 19  LYS A CB  1 
ATOM   75   N  N   . TYR A 1 20  ? 51.349  -31.269 8.016   1.00 20.57 ? 20  TYR A N   1 
ATOM   76   C  CA  . TYR A 1 20  ? 49.976  -30.764 7.930   1.00 18.89 ? 20  TYR A CA  1 
ATOM   77   C  C   . TYR A 1 20  ? 49.540  -30.447 6.515   1.00 24.84 ? 20  TYR A C   1 
ATOM   78   O  O   . TYR A 1 20  ? 50.326  -29.932 5.730   1.00 25.52 ? 20  TYR A O   1 
ATOM   79   C  CB  . TYR A 1 20  ? 49.778  -29.580 8.881   1.00 18.21 ? 20  TYR A CB  1 
ATOM   80   C  CG  . TYR A 1 20  ? 50.074  -29.960 10.315  1.00 18.00 ? 20  TYR A CG  1 
ATOM   81   C  CD1 . TYR A 1 20  ? 49.052  -30.338 11.182  1.00 19.23 ? 20  TYR A CD1 1 
ATOM   82   C  CD2 . TYR A 1 20  ? 51.386  -30.032 10.781  1.00 17.82 ? 20  TYR A CD2 1 
ATOM   83   C  CE1 . TYR A 1 20  ? 49.327  -30.729 12.495  1.00 19.51 ? 20  TYR A CE1 1 
ATOM   84   C  CE2 . TYR A 1 20  ? 51.672  -30.455 12.075  1.00 18.27 ? 20  TYR A CE2 1 
ATOM   85   C  CZ  . TYR A 1 20  ? 50.641  -30.777 12.938  1.00 22.78 ? 20  TYR A CZ  1 
ATOM   86   O  OH  . TYR A 1 20  ? 50.949  -31.188 14.213  1.00 22.13 ? 20  TYR A OH  1 
ATOM   87   N  N   . TYR A 1 21  ? 48.292  -30.798 6.185   1.00 21.09 ? 21  TYR A N   1 
ATOM   88   C  CA  . TYR A 1 21  ? 47.715  -30.628 4.853   1.00 20.13 ? 21  TYR A CA  1 
ATOM   89   C  C   . TYR A 1 21  ? 46.389  -29.906 4.910   1.00 22.57 ? 21  TYR A C   1 
ATOM   90   O  O   . TYR A 1 21  ? 45.640  -30.058 5.871   1.00 21.59 ? 21  TYR A O   1 
ATOM   91   C  CB  . TYR A 1 21  ? 47.516  -31.996 4.177   1.00 21.03 ? 21  TYR A CB  1 
ATOM   92   C  CG  . TYR A 1 21  ? 48.804  -32.705 3.834   1.00 22.42 ? 21  TYR A CG  1 
ATOM   93   C  CD1 . TYR A 1 21  ? 49.324  -32.664 2.544   1.00 24.40 ? 21  TYR A CD1 1 
ATOM   94   C  CD2 . TYR A 1 21  ? 49.489  -33.449 4.793   1.00 23.44 ? 21  TYR A CD2 1 
ATOM   95   C  CE1 . TYR A 1 21  ? 50.504  -33.334 2.218   1.00 26.19 ? 21  TYR A CE1 1 
ATOM   96   C  CE2 . TYR A 1 21  ? 50.678  -34.105 4.485   1.00 24.68 ? 21  TYR A CE2 1 
ATOM   97   C  CZ  . TYR A 1 21  ? 51.179  -34.052 3.195   1.00 33.13 ? 21  TYR A CZ  1 
ATOM   98   O  OH  . TYR A 1 21  ? 52.338  -34.732 2.901   1.00 35.92 ? 21  TYR A OH  1 
ATOM   99   N  N   . LYS A 1 22  ? 46.103  -29.134 3.863   1.00 20.13 ? 22  LYS A N   1 
ATOM   100  C  CA  . LYS A 1 22  ? 44.874  -28.363 3.680   1.00 21.03 ? 22  LYS A CA  1 
ATOM   101  C  C   . LYS A 1 22  ? 44.424  -28.557 2.235   1.00 25.36 ? 22  LYS A C   1 
ATOM   102  O  O   . LYS A 1 22  ? 45.270  -28.740 1.363   1.00 23.55 ? 22  LYS A O   1 
ATOM   103  C  CB  . LYS A 1 22  ? 45.141  -26.866 3.959   1.00 24.04 ? 22  LYS A CB  1 
ATOM   104  C  CG  . LYS A 1 22  ? 43.896  -25.982 4.018   1.00 39.89 ? 22  LYS A CG  1 
ATOM   105  C  CD  . LYS A 1 22  ? 43.375  -25.759 5.442   1.00 49.97 ? 22  LYS A CD  1 
ATOM   106  C  CE  . LYS A 1 22  ? 42.172  -24.837 5.469   1.00 56.79 ? 22  LYS A CE  1 
ATOM   107  N  NZ  . LYS A 1 22  ? 42.516  -23.447 5.059   1.00 60.05 ? 22  LYS A NZ  1 
ATOM   108  N  N   . ASN A 1 23  ? 43.101  -28.517 1.985   1.00 24.23 ? 23  ASN A N   1 
ATOM   109  C  CA  . ASN A 1 23  ? 42.543  -28.652 0.636   1.00 24.43 ? 23  ASN A CA  1 
ATOM   110  C  C   . ASN A 1 23  ? 42.921  -27.447 -0.211  1.00 30.47 ? 23  ASN A C   1 
ATOM   111  O  O   . ASN A 1 23  ? 42.929  -26.316 0.287   1.00 28.42 ? 23  ASN A O   1 
ATOM   112  C  CB  . ASN A 1 23  ? 41.024  -28.909 0.647   1.00 21.62 ? 23  ASN A CB  1 
ATOM   113  C  CG  . ASN A 1 23  ? 40.216  -27.950 1.482   1.00 39.42 ? 23  ASN A CG  1 
ATOM   114  O  OD1 . ASN A 1 23  ? 40.586  -27.592 2.609   1.00 31.95 ? 23  ASN A OD1 1 
ATOM   115  N  ND2 . ASN A 1 23  ? 39.049  -27.571 0.979   1.00 30.96 ? 23  ASN A ND2 1 
ATOM   116  N  N   . LEU A 1 24  ? 43.315  -27.721 -1.469  1.00 30.32 ? 24  LEU A N   1 
ATOM   117  C  CA  . LEU A 1 24  ? 43.781  -26.742 -2.447  1.00 31.56 ? 24  LEU A CA  1 
ATOM   118  C  C   . LEU A 1 24  ? 42.743  -25.658 -2.752  1.00 36.53 ? 24  LEU A C   1 
ATOM   119  O  O   . LEU A 1 24  ? 43.114  -24.485 -2.811  1.00 35.90 ? 24  LEU A O   1 
ATOM   120  C  CB  . LEU A 1 24  ? 44.237  -27.462 -3.730  1.00 31.97 ? 24  LEU A CB  1 
ATOM   121  C  CG  . LEU A 1 24  ? 45.355  -26.857 -4.631  1.00 37.13 ? 24  LEU A CG  1 
ATOM   122  C  CD1 . LEU A 1 24  ? 44.823  -26.531 -5.989  1.00 40.82 ? 24  LEU A CD1 1 
ATOM   123  C  CD2 . LEU A 1 24  ? 46.068  -25.641 -4.020  1.00 36.87 ? 24  LEU A CD2 1 
ATOM   124  N  N   . ASP A 1 25  ? 41.454  -26.041 -2.912  1.00 33.66 ? 25  ASP A N   1 
ATOM   125  C  CA  . ASP A 1 25  ? 40.360  -25.104 -3.198  1.00 34.50 ? 25  ASP A CA  1 
ATOM   126  C  C   . ASP A 1 25  ? 40.225  -24.026 -2.114  1.00 38.60 ? 25  ASP A C   1 
ATOM   127  O  O   . ASP A 1 25  ? 40.067  -22.858 -2.460  1.00 38.16 ? 25  ASP A O   1 
ATOM   128  C  CB  . ASP A 1 25  ? 39.017  -25.833 -3.451  1.00 36.56 ? 25  ASP A CB  1 
ATOM   129  C  CG  . ASP A 1 25  ? 38.448  -26.565 -2.247  1.00 52.08 ? 25  ASP A CG  1 
ATOM   130  O  OD1 . ASP A 1 25  ? 39.122  -27.490 -1.740  1.00 53.07 ? 25  ASP A OD1 1 
ATOM   131  O  OD2 . ASP A 1 25  ? 37.324  -26.219 -1.818  1.00 60.00 ? 25  ASP A OD2 1 
ATOM   132  N  N   . ALA A 1 26  ? 40.330  -24.415 -0.815  1.00 34.75 ? 26  ALA A N   1 
ATOM   133  C  CA  . ALA A 1 26  ? 40.248  -23.502 0.330   1.00 34.49 ? 26  ALA A CA  1 
ATOM   134  C  C   . ALA A 1 26  ? 41.471  -22.581 0.397   1.00 39.10 ? 26  ALA A C   1 
ATOM   135  O  O   . ALA A 1 26  ? 41.358  -21.449 0.866   1.00 39.51 ? 26  ALA A O   1 
ATOM   136  C  CB  . ALA A 1 26  ? 40.118  -24.291 1.623   1.00 35.21 ? 26  ALA A CB  1 
ATOM   137  N  N   . VAL A 1 27  ? 42.639  -23.065 -0.071  1.00 35.10 ? 27  VAL A N   1 
ATOM   138  C  CA  . VAL A 1 27  ? 43.883  -22.293 -0.100  1.00 34.04 ? 27  VAL A CA  1 
ATOM   139  C  C   . VAL A 1 27  ? 43.761  -21.172 -1.156  1.00 38.12 ? 27  VAL A C   1 
ATOM   140  O  O   . VAL A 1 27  ? 44.215  -20.052 -0.907  1.00 38.36 ? 27  VAL A O   1 
ATOM   141  C  CB  . VAL A 1 27  ? 45.146  -23.201 -0.237  1.00 37.04 ? 27  VAL A CB  1 
ATOM   142  C  CG1 . VAL A 1 27  ? 46.420  -22.386 -0.460  1.00 37.02 ? 27  VAL A CG1 1 
ATOM   143  C  CG2 . VAL A 1 27  ? 45.315  -24.086 0.998   1.00 35.98 ? 27  VAL A CG2 1 
ATOM   144  N  N   . ILE A 1 28  ? 43.080  -21.458 -2.289  1.00 34.17 ? 28  ILE A N   1 
ATOM   145  C  CA  . ILE A 1 28  ? 42.825  -20.492 -3.360  1.00 55.31 ? 28  ILE A CA  1 
ATOM   146  C  C   . ILE A 1 28  ? 41.481  -19.814 -3.097  1.00 87.92 ? 28  ILE A C   1 
ATOM   147  O  O   . ILE A 1 28  ? 41.447  -18.683 -2.622  1.00 53.95 ? 28  ILE A O   1 
ATOM   148  C  CB  . ILE A 1 28  ? 42.891  -21.149 -4.766  1.00 58.34 ? 28  ILE A CB  1 
ATOM   149  C  CG1 . ILE A 1 28  ? 44.274  -21.803 -5.004  1.00 58.65 ? 28  ILE A CG1 1 
ATOM   150  C  CG2 . ILE A 1 28  ? 42.564  -20.123 -5.869  1.00 59.02 ? 28  ILE A CG2 1 
ATOM   151  C  CD1 . ILE A 1 28  ? 44.346  -22.783 -6.149  1.00 64.47 ? 28  ILE A CD1 1 
ATOM   152  N  N   . PRO A 1 49  ? 32.299  9.174   0.579   1.00 54.39 ? 49  PRO A N   1 
ATOM   153  C  CA  . PRO A 1 49  ? 31.643  9.638   -0.653  1.00 53.82 ? 49  PRO A CA  1 
ATOM   154  C  C   . PRO A 1 49  ? 30.130  9.399   -0.610  1.00 55.00 ? 49  PRO A C   1 
ATOM   155  O  O   . PRO A 1 49  ? 29.387  10.319  -0.259  1.00 54.76 ? 49  PRO A O   1 
ATOM   156  C  CB  . PRO A 1 49  ? 32.361  8.855   -1.771  1.00 55.77 ? 49  PRO A CB  1 
ATOM   157  C  CG  . PRO A 1 49  ? 33.502  8.122   -1.098  1.00 60.43 ? 49  PRO A CG  1 
ATOM   158  C  CD  . PRO A 1 49  ? 33.132  7.983   0.340   1.00 56.06 ? 49  PRO A CD  1 
ATOM   159  N  N   . LEU A 1 50  ? 29.676  8.161   -0.914  1.00 48.73 ? 50  LEU A N   1 
ATOM   160  C  CA  . LEU A 1 50  ? 28.260  7.773   -0.876  1.00 47.35 ? 50  LEU A CA  1 
ATOM   161  C  C   . LEU A 1 50  ? 27.788  7.644   0.576   1.00 47.73 ? 50  LEU A C   1 
ATOM   162  O  O   . LEU A 1 50  ? 26.583  7.618   0.834   1.00 46.57 ? 50  LEU A O   1 
ATOM   163  C  CB  . LEU A 1 50  ? 28.022  6.450   -1.631  1.00 47.52 ? 50  LEU A CB  1 
ATOM   164  C  CG  . LEU A 1 50  ? 28.454  6.384   -3.098  1.00 52.61 ? 50  LEU A CG  1 
ATOM   165  C  CD1 . LEU A 1 50  ? 28.522  4.948   -3.573  1.00 53.05 ? 50  LEU A CD1 1 
ATOM   166  C  CD2 . LEU A 1 50  ? 27.523  7.181   -3.993  1.00 55.58 ? 50  LEU A CD2 1 
ATOM   167  N  N   . ASP A 1 51  ? 28.761  7.590   1.515   1.00 42.17 ? 51  ASP A N   1 
ATOM   168  C  CA  . ASP A 1 51  ? 28.594  7.492   2.963   1.00 40.61 ? 51  ASP A CA  1 
ATOM   169  C  C   . ASP A 1 51  ? 27.862  8.673   3.600   1.00 39.59 ? 51  ASP A C   1 
ATOM   170  O  O   . ASP A 1 51  ? 27.250  8.491   4.642   1.00 39.06 ? 51  ASP A O   1 
ATOM   171  C  CB  . ASP A 1 51  ? 29.953  7.269   3.645   1.00 42.67 ? 51  ASP A CB  1 
ATOM   172  N  N   . ASN A 1 52  ? 27.922  9.868   2.998   1.00 32.72 ? 52  ASN A N   1 
ATOM   173  C  CA  . ASN A 1 52  ? 27.251  11.061  3.535   1.00 31.34 ? 52  ASN A CA  1 
ATOM   174  C  C   . ASN A 1 52  ? 25.718  11.068  3.348   1.00 31.81 ? 52  ASN A C   1 
ATOM   175  O  O   . ASN A 1 52  ? 25.052  11.937  3.917   1.00 30.10 ? 52  ASN A O   1 
ATOM   176  C  CB  . ASN A 1 52  ? 27.842  12.329  2.895   1.00 32.04 ? 52  ASN A CB  1 
ATOM   177  C  CG  . ASN A 1 52  ? 29.028  12.923  3.618   1.00 63.26 ? 52  ASN A CG  1 
ATOM   178  O  OD1 . ASN A 1 52  ? 29.804  12.234  4.297   1.00 56.52 ? 52  ASN A OD1 1 
ATOM   179  N  ND2 . ASN A 1 52  ? 29.215  14.225  3.454   1.00 58.00 ? 52  ASN A ND2 1 
ATOM   180  N  N   . TYR A 1 53  ? 25.166  10.124  2.543   1.00 26.34 ? 53  TYR A N   1 
ATOM   181  C  CA  . TYR A 1 53  ? 23.750  10.132  2.176   1.00 25.20 ? 53  TYR A CA  1 
ATOM   182  C  C   . TYR A 1 53  ? 22.885  8.966   2.602   1.00 26.24 ? 53  TYR A C   1 
ATOM   183  O  O   . TYR A 1 53  ? 23.384  7.866   2.837   1.00 26.08 ? 53  TYR A O   1 
ATOM   184  C  CB  . TYR A 1 53  ? 23.586  10.471  0.682   1.00 26.40 ? 53  TYR A CB  1 
ATOM   185  C  CG  . TYR A 1 53  ? 24.189  11.818  0.334   1.00 28.10 ? 53  TYR A CG  1 
ATOM   186  C  CD1 . TYR A 1 53  ? 23.451  12.988  0.466   1.00 29.87 ? 53  TYR A CD1 1 
ATOM   187  C  CD2 . TYR A 1 53  ? 25.526  11.929  -0.044  1.00 29.11 ? 53  TYR A CD2 1 
ATOM   188  C  CE1 . TYR A 1 53  ? 24.024  14.236  0.232   1.00 31.17 ? 53  TYR A CE1 1 
ATOM   189  C  CE2 . TYR A 1 53  ? 26.104  13.171  -0.303  1.00 29.99 ? 53  TYR A CE2 1 
ATOM   190  C  CZ  . TYR A 1 53  ? 25.348  14.321  -0.169  1.00 38.36 ? 53  TYR A CZ  1 
ATOM   191  O  OH  . TYR A 1 53  ? 25.908  15.543  -0.443  1.00 43.91 ? 53  TYR A OH  1 
ATOM   192  N  N   . LEU A 1 54  ? 21.572  9.220   2.723   1.00 20.54 ? 54  LEU A N   1 
ATOM   193  C  CA  . LEU A 1 54  ? 20.589  8.214   3.147   1.00 18.94 ? 54  LEU A CA  1 
ATOM   194  C  C   . LEU A 1 54  ? 19.514  7.992   2.115   1.00 21.84 ? 54  LEU A C   1 
ATOM   195  O  O   . LEU A 1 54  ? 19.212  8.878   1.317   1.00 21.11 ? 54  LEU A O   1 
ATOM   196  C  CB  . LEU A 1 54  ? 19.903  8.598   4.471   1.00 18.09 ? 54  LEU A CB  1 
ATOM   197  C  CG  . LEU A 1 54  ? 20.746  9.116   5.621   1.00 21.97 ? 54  LEU A CG  1 
ATOM   198  C  CD1 . LEU A 1 54  ? 19.853  9.690   6.713   1.00 21.67 ? 54  LEU A CD1 1 
ATOM   199  C  CD2 . LEU A 1 54  ? 21.645  8.027   6.196   1.00 23.52 ? 54  LEU A CD2 1 
ATOM   200  N  N   . VAL A 1 55  ? 18.928  6.800   2.151   1.00 18.63 ? 55  VAL A N   1 
ATOM   201  C  CA  . VAL A 1 55  ? 17.807  6.396   1.316   1.00 18.24 ? 55  VAL A CA  1 
ATOM   202  C  C   . VAL A 1 55  ? 16.719  5.858   2.230   1.00 22.48 ? 55  VAL A C   1 
ATOM   203  O  O   . VAL A 1 55  ? 17.019  5.179   3.212   1.00 21.30 ? 55  VAL A O   1 
ATOM   204  C  CB  . VAL A 1 55  ? 18.166  5.402   0.176   1.00 21.64 ? 55  VAL A CB  1 
ATOM   205  C  CG1 . VAL A 1 55  ? 18.928  6.106   -0.942  1.00 21.19 ? 55  VAL A CG1 1 
ATOM   206  C  CG2 . VAL A 1 55  ? 18.931  4.179   0.693   1.00 21.10 ? 55  VAL A CG2 1 
ATOM   207  N  N   . ALA A 1 56  ? 15.467  6.168   1.916   1.00 20.90 ? 56  ALA A N   1 
ATOM   208  C  CA  . ALA A 1 56  ? 14.331  5.706   2.709   1.00 21.38 ? 56  ALA A CA  1 
ATOM   209  C  C   . ALA A 1 56  ? 13.995  4.275   2.334   1.00 24.49 ? 56  ALA A C   1 
ATOM   210  O  O   . ALA A 1 56  ? 14.130  3.887   1.178   1.00 23.83 ? 56  ALA A O   1 
ATOM   211  C  CB  . ALA A 1 56  ? 13.124  6.600   2.469   1.00 22.40 ? 56  ALA A CB  1 
ATOM   212  N  N   . GLU A 1 57  ? 13.564  3.497   3.309   1.00 21.08 ? 57  GLU A N   1 
ATOM   213  C  CA  . GLU A 1 57  ? 13.157  2.115   3.111   1.00 21.16 ? 57  GLU A CA  1 
ATOM   214  C  C   . GLU A 1 57  ? 11.725  2.102   2.578   1.00 24.57 ? 57  GLU A C   1 
ATOM   215  O  O   . GLU A 1 57  ? 10.916  2.935   2.993   1.00 24.90 ? 57  GLU A O   1 
ATOM   216  C  CB  . GLU A 1 57  ? 13.215  1.380   4.454   1.00 22.60 ? 57  GLU A CB  1 
ATOM   217  C  CG  . GLU A 1 57  ? 13.369  -0.123  4.346   1.00 34.51 ? 57  GLU A CG  1 
ATOM   218  C  CD  . GLU A 1 57  ? 13.551  -0.825  5.678   1.00 53.14 ? 57  GLU A CD  1 
ATOM   219  O  OE1 . GLU A 1 57  ? 13.719  -0.129  6.708   1.00 36.10 ? 57  GLU A OE1 1 
ATOM   220  O  OE2 . GLU A 1 57  ? 13.524  -2.077  5.692   1.00 42.66 ? 57  GLU A OE2 1 
ATOM   221  N  N   . ASP A 1 58  ? 11.416  1.174   1.653   1.00 19.87 ? 58  ASP A N   1 
ATOM   222  C  CA  . ASP A 1 58  ? 10.063  0.994   1.103   1.00 19.06 ? 58  ASP A CA  1 
ATOM   223  C  C   . ASP A 1 58  ? 9.127   0.684   2.299   1.00 20.10 ? 58  ASP A C   1 
ATOM   224  O  O   . ASP A 1 58  ? 9.431   -0.217  3.069   1.00 18.93 ? 58  ASP A O   1 
ATOM   225  C  CB  . ASP A 1 58  ? 10.054  -0.167  0.093   1.00 20.37 ? 58  ASP A CB  1 
ATOM   226  C  CG  . ASP A 1 58  ? 8.747   -0.389  -0.626  1.00 28.96 ? 58  ASP A CG  1 
ATOM   227  O  OD1 . ASP A 1 58  ? 7.758   -0.760  0.040   1.00 29.51 ? 58  ASP A OD1 1 
ATOM   228  O  OD2 . ASP A 1 58  ? 8.733   -0.286  -1.865  1.00 37.03 ? 58  ASP A OD2 1 
ATOM   229  N  N   . PRO A 1 59  ? 8.047   1.453   2.524   1.00 16.83 ? 59  PRO A N   1 
ATOM   230  C  CA  . PRO A 1 59  ? 7.187   1.192   3.697   1.00 16.31 ? 59  PRO A CA  1 
ATOM   231  C  C   . PRO A 1 59  ? 6.573   -0.205  3.781   1.00 17.55 ? 59  PRO A C   1 
ATOM   232  O  O   . PRO A 1 59  ? 6.522   -0.757  4.878   1.00 16.32 ? 59  PRO A O   1 
ATOM   233  C  CB  . PRO A 1 59  ? 6.113   2.282   3.599   1.00 18.38 ? 59  PRO A CB  1 
ATOM   234  C  CG  . PRO A 1 59  ? 6.110   2.667   2.172   1.00 22.70 ? 59  PRO A CG  1 
ATOM   235  C  CD  . PRO A 1 59  ? 7.533   2.589   1.736   1.00 18.45 ? 59  PRO A CD  1 
ATOM   236  N  N   . PHE A 1 60  ? 6.131   -0.782  2.631   1.00 13.00 ? 60  PHE A N   1 
ATOM   237  C  CA  . PHE A 1 60  ? 5.541   -2.121  2.596   1.00 12.70 ? 60  PHE A CA  1 
ATOM   238  C  C   . PHE A 1 60  ? 6.580   -3.210  2.894   1.00 19.32 ? 60  PHE A C   1 
ATOM   239  O  O   . PHE A 1 60  ? 6.218   -4.268  3.404   1.00 19.99 ? 60  PHE A O   1 
ATOM   240  C  CB  . PHE A 1 60  ? 4.780   -2.396  1.279   1.00 14.06 ? 60  PHE A CB  1 
ATOM   241  C  CG  . PHE A 1 60  ? 3.574   -1.533  0.930   1.00 14.61 ? 60  PHE A CG  1 
ATOM   242  C  CD1 . PHE A 1 60  ? 3.168   -0.497  1.763   1.00 16.27 ? 60  PHE A CD1 1 
ATOM   243  C  CD2 . PHE A 1 60  ? 2.879   -1.732  -0.255  1.00 16.31 ? 60  PHE A CD2 1 
ATOM   244  C  CE1 . PHE A 1 60  ? 2.064   0.295   1.436   1.00 16.83 ? 60  PHE A CE1 1 
ATOM   245  C  CE2 . PHE A 1 60  ? 1.764   -0.954  -0.571  1.00 18.14 ? 60  PHE A CE2 1 
ATOM   246  C  CZ  . PHE A 1 60  ? 1.375   0.065   0.268   1.00 16.08 ? 60  PHE A CZ  1 
ATOM   247  N  N   . LEU A 1 61  ? 7.868   -2.937  2.628   1.00 17.00 ? 61  LEU A N   1 
ATOM   248  C  CA  . LEU A 1 61  ? 8.965   -3.878  2.901   1.00 17.27 ? 61  LEU A CA  1 
ATOM   249  C  C   . LEU A 1 61  ? 9.627   -3.600  4.250   1.00 21.15 ? 61  LEU A C   1 
ATOM   250  O  O   . LEU A 1 61  ? 10.275  -4.480  4.805   1.00 21.16 ? 61  LEU A O   1 
ATOM   251  C  CB  . LEU A 1 61  ? 10.015  -3.875  1.766   1.00 17.42 ? 61  LEU A CB  1 
ATOM   252  C  CG  . LEU A 1 61  ? 9.553   -4.386  0.378   1.00 22.67 ? 61  LEU A CG  1 
ATOM   253  C  CD1 . LEU A 1 61  ? 10.620  -4.176  -0.659  1.00 22.71 ? 61  LEU A CD1 1 
ATOM   254  C  CD2 . LEU A 1 61  ? 9.161   -5.864  0.416   1.00 25.22 ? 61  LEU A CD2 1 
ATOM   255  N  N   . GLY A 1 62  ? 9.462   -2.383  4.759   1.00 16.53 ? 62  GLY A N   1 
ATOM   256  C  CA  . GLY A 1 62  ? 10.040  -1.962  6.024   1.00 15.72 ? 62  GLY A CA  1 
ATOM   257  C  C   . GLY A 1 62  ? 9.296   -2.412  7.273   1.00 17.71 ? 62  GLY A C   1 
ATOM   258  O  O   . GLY A 1 62  ? 8.305   -3.147  7.193   1.00 15.45 ? 62  GLY A O   1 
ATOM   259  N  N   . PRO A 1 63  ? 9.778   -1.948  8.453   1.00 14.36 ? 63  PRO A N   1 
ATOM   260  C  CA  . PRO A 1 63  ? 9.139   -2.296  9.737   1.00 14.09 ? 63  PRO A CA  1 
ATOM   261  C  C   . PRO A 1 63  ? 7.619   -2.118  9.807   1.00 19.63 ? 63  PRO A C   1 
ATOM   262  O  O   . PRO A 1 63  ? 7.041   -1.253  9.140   1.00 18.57 ? 63  PRO A O   1 
ATOM   263  C  CB  . PRO A 1 63  ? 9.814   -1.343  10.721  1.00 15.59 ? 63  PRO A CB  1 
ATOM   264  C  CG  . PRO A 1 63  ? 11.131  -1.083  10.134  1.00 19.96 ? 63  PRO A CG  1 
ATOM   265  C  CD  . PRO A 1 63  ? 10.951  -1.076  8.661   1.00 15.84 ? 63  PRO A CD  1 
ATOM   266  N  N   . GLY A 1 64  ? 6.994   -2.935  10.647  1.00 17.01 ? 64  GLY A N   1 
ATOM   267  C  CA  . GLY A 1 64  ? 5.554   -2.924  10.837  1.00 16.63 ? 64  GLY A CA  1 
ATOM   268  C  C   . GLY A 1 64  ? 4.855   -3.872  9.893   1.00 19.35 ? 64  GLY A C   1 
ATOM   269  O  O   . GLY A 1 64  ? 5.339   -4.147  8.792   1.00 19.13 ? 64  GLY A O   1 
ATOM   270  N  N   . LYS A 1 65  ? 3.710   -4.372  10.324  1.00 15.21 ? 65  LYS A N   1 
ATOM   271  C  CA  . LYS A 1 65  ? 2.882   -5.292  9.540   1.00 14.71 ? 65  LYS A CA  1 
ATOM   272  C  C   . LYS A 1 65  ? 2.135   -4.535  8.432   1.00 17.30 ? 65  LYS A C   1 
ATOM   273  O  O   . LYS A 1 65  ? 1.924   -3.328  8.550   1.00 14.12 ? 65  LYS A O   1 
ATOM   274  C  CB  . LYS A 1 65  ? 1.853   -5.965  10.448  1.00 15.63 ? 65  LYS A CB  1 
ATOM   275  C  CG  . LYS A 1 65  ? 2.437   -6.602  11.712  1.00 19.81 ? 65  LYS A CG  1 
ATOM   276  C  CD  . LYS A 1 65  ? 1.360   -6.773  12.769  1.00 26.50 ? 65  LYS A CD  1 
ATOM   277  C  CE  . LYS A 1 65  ? 0.308   -7.774  12.360  1.00 28.00 ? 65  LYS A CE  1 
ATOM   278  N  NZ  . LYS A 1 65  ? -0.855  -7.788  13.289  1.00 28.17 ? 65  LYS A NZ  1 
ATOM   279  N  N   . ASN A 1 66  ? 1.706   -5.272  7.383   1.00 15.32 ? 66  ASN A N   1 
ATOM   280  C  CA  . ASN A 1 66  ? 0.925   -4.757  6.250   1.00 15.08 ? 66  ASN A CA  1 
ATOM   281  C  C   . ASN A 1 66  ? -0.469  -5.352  6.330   1.00 19.29 ? 66  ASN A C   1 
ATOM   282  O  O   . ASN A 1 66  ? -0.616  -6.564  6.516   1.00 19.20 ? 66  ASN A O   1 
ATOM   283  C  CB  . ASN A 1 66  ? 1.554   -5.154  4.894   1.00 10.09 ? 66  ASN A CB  1 
ATOM   284  C  CG  . ASN A 1 66  ? 2.930   -4.618  4.636   1.00 22.79 ? 66  ASN A CG  1 
ATOM   285  O  OD1 . ASN A 1 66  ? 3.246   -3.479  4.958   1.00 16.18 ? 66  ASN A OD1 1 
ATOM   286  N  ND2 . ASN A 1 66  ? 3.781   -5.424  4.016   1.00 15.43 ? 66  ASN A ND2 1 
ATOM   287  N  N   . GLN A 1 67  ? -1.488  -4.507  6.176   1.00 15.14 ? 67  GLN A N   1 
ATOM   288  C  CA  . GLN A 1 67  ? -2.879  -4.938  6.212   1.00 14.32 ? 67  GLN A CA  1 
ATOM   289  C  C   . GLN A 1 67  ? -3.607  -4.259  5.051   1.00 16.23 ? 67  GLN A C   1 
ATOM   290  O  O   . GLN A 1 67  ? -3.820  -3.047  5.079   1.00 16.08 ? 67  GLN A O   1 
ATOM   291  C  CB  . GLN A 1 67  ? -3.503  -4.570  7.568   1.00 15.51 ? 67  GLN A CB  1 
ATOM   292  C  CG  . GLN A 1 67  ? -4.968  -4.989  7.751   1.00 24.05 ? 67  GLN A CG  1 
ATOM   293  C  CD  . GLN A 1 67  ? -5.490  -4.574  9.108   1.00 33.92 ? 67  GLN A CD  1 
ATOM   294  O  OE1 . GLN A 1 67  ? -4.824  -3.858  9.869   1.00 28.02 ? 67  GLN A OE1 1 
ATOM   295  N  NE2 . GLN A 1 67  ? -6.710  -4.984  9.433   1.00 18.49 ? 67  GLN A NE2 1 
ATOM   296  N  N   . LYS A 1 68  ? -3.967  -5.043  4.035   1.00 11.23 ? 68  LYS A N   1 
ATOM   297  C  CA  . LYS A 1 68  ? -4.647  -4.561  2.842   1.00 11.53 ? 68  LYS A CA  1 
ATOM   298  C  C   . LYS A 1 68  ? -6.148  -4.771  2.928   1.00 17.19 ? 68  LYS A C   1 
ATOM   299  O  O   . LYS A 1 68  ? -6.602  -5.916  2.961   1.00 15.54 ? 68  LYS A O   1 
ATOM   300  C  CB  . LYS A 1 68  ? -4.100  -5.264  1.583   1.00 13.37 ? 68  LYS A CB  1 
ATOM   301  C  CG  . LYS A 1 68  ? -4.710  -4.741  0.280   1.00 15.30 ? 68  LYS A CG  1 
ATOM   302  C  CD  . LYS A 1 68  ? -4.134  -5.418  -0.921  1.00 17.33 ? 68  LYS A CD  1 
ATOM   303  C  CE  . LYS A 1 68  ? -4.908  -5.043  -2.159  1.00 34.04 ? 68  LYS A CE  1 
ATOM   304  N  NZ  . LYS A 1 68  ? -4.067  -5.106  -3.382  1.00 48.99 ? 68  LYS A NZ  1 
ATOM   305  N  N   . LEU A 1 69  ? -6.912  -3.662  2.920   1.00 15.50 ? 69  LEU A N   1 
ATOM   306  C  CA  . LEU A 1 69  ? -8.374  -3.692  2.898   1.00 16.10 ? 69  LEU A CA  1 
ATOM   307  C  C   . LEU A 1 69  ? -8.786  -3.174  1.530   1.00 18.87 ? 69  LEU A C   1 
ATOM   308  O  O   . LEU A 1 69  ? -8.672  -1.972  1.268   1.00 17.59 ? 69  LEU A O   1 
ATOM   309  C  CB  . LEU A 1 69  ? -9.023  -2.789  3.966   1.00 16.57 ? 69  LEU A CB  1 
ATOM   310  C  CG  . LEU A 1 69  ? -8.473  -2.758  5.383   1.00 23.35 ? 69  LEU A CG  1 
ATOM   311  C  CD1 . LEU A 1 69  ? -9.152  -1.642  6.164   1.00 24.47 ? 69  LEU A CD1 1 
ATOM   312  C  CD2 . LEU A 1 69  ? -8.682  -4.076  6.101   1.00 24.64 ? 69  LEU A CD2 1 
ATOM   313  N  N   . THR A 1 70  ? -9.240  -4.071  0.657   1.00 15.25 ? 70  THR A N   1 
ATOM   314  C  CA  . THR A 1 70  ? -9.692  -3.704  -0.684  1.00 15.25 ? 70  THR A CA  1 
ATOM   315  C  C   . THR A 1 70  ? -11.093 -3.106  -0.551  1.00 18.92 ? 70  THR A C   1 
ATOM   316  O  O   . THR A 1 70  ? -11.987 -3.745  0.007   1.00 19.52 ? 70  THR A O   1 
ATOM   317  C  CB  . THR A 1 70  ? -9.596  -4.910  -1.632  1.00 24.33 ? 70  THR A CB  1 
ATOM   318  O  OG1 . THR A 1 70  ? -8.295  -5.481  -1.512  1.00 31.29 ? 70  THR A OG1 1 
ATOM   319  C  CG2 . THR A 1 70  ? -9.841  -4.542  -3.084  1.00 18.28 ? 70  THR A CG2 1 
ATOM   320  N  N   . LEU A 1 71  ? -11.268 -1.870  -1.005  1.00 13.14 ? 71  LEU A N   1 
ATOM   321  C  CA  . LEU A 1 71  ? -12.566 -1.219  -0.891  1.00 12.88 ? 71  LEU A CA  1 
ATOM   322  C  C   . LEU A 1 71  ? -13.498 -1.515  -2.051  1.00 16.36 ? 71  LEU A C   1 
ATOM   323  O  O   . LEU A 1 71  ? -14.632 -1.929  -1.824  1.00 17.37 ? 71  LEU A O   1 
ATOM   324  C  CB  . LEU A 1 71  ? -12.427 0.297   -0.628  1.00 13.05 ? 71  LEU A CB  1 
ATOM   325  C  CG  . LEU A 1 71  ? -11.407 0.722   0.469   1.00 16.93 ? 71  LEU A CG  1 
ATOM   326  C  CD1 . LEU A 1 71  ? -11.240 2.209   0.502   1.00 15.59 ? 71  LEU A CD1 1 
ATOM   327  C  CD2 . LEU A 1 71  ? -11.789 0.175   1.869   1.00 19.10 ? 71  LEU A CD2 1 
ATOM   328  N  N   . PHE A 1 72  ? -13.029 -1.345  -3.292  1.00 11.14 ? 72  PHE A N   1 
ATOM   329  C  CA  . PHE A 1 72  ? -13.886 -1.561  -4.451  1.00 10.55 ? 72  PHE A CA  1 
ATOM   330  C  C   . PHE A 1 72  ? -13.087 -1.730  -5.734  1.00 14.58 ? 72  PHE A C   1 
ATOM   331  O  O   . PHE A 1 72  ? -11.882 -1.458  -5.771  1.00 12.91 ? 72  PHE A O   1 
ATOM   332  C  CB  . PHE A 1 72  ? -14.886 -0.375  -4.605  1.00 11.70 ? 72  PHE A CB  1 
ATOM   333  C  CG  . PHE A 1 72  ? -14.255 0.990   -4.783  1.00 12.83 ? 72  PHE A CG  1 
ATOM   334  C  CD1 . PHE A 1 72  ? -13.990 1.493   -6.055  1.00 15.21 ? 72  PHE A CD1 1 
ATOM   335  C  CD2 . PHE A 1 72  ? -13.946 1.782   -3.682  1.00 14.85 ? 72  PHE A CD2 1 
ATOM   336  C  CE1 . PHE A 1 72  ? -13.384 2.735   -6.219  1.00 16.27 ? 72  PHE A CE1 1 
ATOM   337  C  CE2 . PHE A 1 72  ? -13.361 3.035   -3.847  1.00 18.15 ? 72  PHE A CE2 1 
ATOM   338  C  CZ  . PHE A 1 72  ? -13.086 3.508   -5.115  1.00 16.32 ? 72  PHE A CZ  1 
ATOM   339  N  N   . LYS A 1 73  ? -13.794 -2.164  -6.791  1.00 12.40 ? 73  LYS A N   1 
ATOM   340  C  CA  . LYS A 1 73  ? -13.292 -2.324  -8.155  1.00 12.29 ? 73  LYS A CA  1 
ATOM   341  C  C   . LYS A 1 73  ? -14.070 -1.334  -9.025  1.00 15.78 ? 73  LYS A C   1 
ATOM   342  O  O   . LYS A 1 73  ? -15.226 -0.993  -8.713  1.00 13.61 ? 73  LYS A O   1 
ATOM   343  C  CB  . LYS A 1 73  ? -13.491 -3.757  -8.666  1.00 15.20 ? 73  LYS A CB  1 
ATOM   344  C  CG  . LYS A 1 73  ? -12.754 -4.805  -7.852  1.00 29.86 ? 73  LYS A CG  1 
ATOM   345  C  CD  . LYS A 1 73  ? -11.799 -5.621  -8.690  1.00 35.31 ? 73  LYS A CD  1 
ATOM   346  C  CE  . LYS A 1 73  ? -10.795 -6.282  -7.791  1.00 31.58 ? 73  LYS A CE  1 
ATOM   347  N  NZ  . LYS A 1 73  ? -9.966  -7.261  -8.514  1.00 33.54 ? 73  LYS A NZ  1 
ATOM   348  N  N   . GLU A 1 74  ? -13.432 -0.853  -10.104 1.00 12.82 ? 74  GLU A N   1 
ATOM   349  C  CA  . GLU A 1 74  ? -14.038 0.136   -10.984 1.00 13.14 ? 74  GLU A CA  1 
ATOM   350  C  C   . GLU A 1 74  ? -13.443 0.040   -12.375 1.00 17.26 ? 74  GLU A C   1 
ATOM   351  O  O   . GLU A 1 74  ? -12.240 -0.183  -12.515 1.00 17.13 ? 74  GLU A O   1 
ATOM   352  C  CB  . GLU A 1 74  ? -13.794 1.549   -10.385 1.00 14.50 ? 74  GLU A CB  1 
ATOM   353  C  CG  . GLU A 1 74  ? -14.372 2.735   -11.141 1.00 22.58 ? 74  GLU A CG  1 
ATOM   354  C  CD  . GLU A 1 74  ? -14.061 4.078   -10.503 1.00 32.68 ? 74  GLU A CD  1 
ATOM   355  O  OE1 . GLU A 1 74  ? -14.278 4.217   -9.283  1.00 19.00 ? 74  GLU A OE1 1 
ATOM   356  O  OE2 . GLU A 1 74  ? -13.663 5.013   -11.228 1.00 33.78 ? 74  GLU A OE2 1 
ATOM   357  N  N   . ILE A 1 75  ? -14.292 0.202   -13.399 1.00 14.36 ? 75  ILE A N   1 
ATOM   358  C  CA  . ILE A 1 75  ? -13.873 0.238   -14.789 1.00 14.76 ? 75  ILE A CA  1 
ATOM   359  C  C   . ILE A 1 75  ? -14.047 1.676   -15.289 1.00 17.43 ? 75  ILE A C   1 
ATOM   360  O  O   . ILE A 1 75  ? -15.155 2.210   -15.210 1.00 15.27 ? 75  ILE A O   1 
ATOM   361  C  CB  . ILE A 1 75  ? -14.651 -0.757  -15.698 1.00 19.06 ? 75  ILE A CB  1 
ATOM   362  C  CG1 . ILE A 1 75  ? -14.540 -2.231  -15.220 1.00 20.16 ? 75  ILE A CG1 1 
ATOM   363  C  CG2 . ILE A 1 75  ? -14.262 -0.575  -17.193 1.00 20.25 ? 75  ILE A CG2 1 
ATOM   364  C  CD1 . ILE A 1 75  ? -13.515 -3.100  -15.895 1.00 33.50 ? 75  ILE A CD1 1 
ATOM   365  N  N   . ARG A 1 76  ? -12.968 2.286   -15.831 1.00 14.15 ? 76  ARG A N   1 
ATOM   366  C  CA  . ARG A 1 76  ? -13.054 3.615   -16.438 1.00 14.22 ? 76  ARG A CA  1 
ATOM   367  C  C   . ARG A 1 76  ? -12.493 3.614   -17.848 1.00 18.52 ? 76  ARG A C   1 
ATOM   368  O  O   . ARG A 1 76  ? -11.473 2.965   -18.100 1.00 17.33 ? 76  ARG A O   1 
ATOM   369  C  CB  . ARG A 1 76  ? -12.350 4.695   -15.593 1.00 14.86 ? 76  ARG A CB  1 
ATOM   370  C  CG  . ARG A 1 76  ? -13.055 5.041   -14.274 1.00 22.93 ? 76  ARG A CG  1 
ATOM   371  C  CD  . ARG A 1 76  ? -14.333 5.834   -14.464 1.00 22.75 ? 76  ARG A CD  1 
ATOM   372  N  NE  . ARG A 1 76  ? -14.364 7.040   -13.639 1.00 23.33 ? 76  ARG A NE  1 
ATOM   373  C  CZ  . ARG A 1 76  ? -15.160 8.081   -13.865 1.00 29.99 ? 76  ARG A CZ  1 
ATOM   374  N  NH1 . ARG A 1 76  ? -16.001 8.072   -14.886 1.00 24.10 ? 76  ARG A NH1 1 
ATOM   375  N  NH2 . ARG A 1 76  ? -15.109 9.142   -13.081 1.00 12.04 ? 76  ARG A NH2 1 
ATOM   376  N  N   . ASN A 1 77  ? -13.138 4.357   -18.763 1.00 15.62 ? 77  ASN A N   1 
ATOM   377  C  CA  . ASN A 1 77  ? -12.623 4.516   -20.128 1.00 16.15 ? 77  ASN A CA  1 
ATOM   378  C  C   . ASN A 1 77  ? -12.023 5.910   -20.213 1.00 19.82 ? 77  ASN A C   1 
ATOM   379  O  O   . ASN A 1 77  ? -12.737 6.886   -20.030 1.00 20.62 ? 77  ASN A O   1 
ATOM   380  C  CB  . ASN A 1 77  ? -13.707 4.309   -21.184 1.00 17.54 ? 77  ASN A CB  1 
ATOM   381  C  CG  . ASN A 1 77  ? -14.034 2.859   -21.414 1.00 48.38 ? 77  ASN A CG  1 
ATOM   382  O  OD1 . ASN A 1 77  ? -13.552 2.237   -22.363 1.00 46.82 ? 77  ASN A OD1 1 
ATOM   383  N  ND2 . ASN A 1 77  ? -14.900 2.295   -20.581 1.00 42.60 ? 77  ASN A ND2 1 
ATOM   384  N  N   . VAL A 1 78  ? -10.712 6.011   -20.424 1.00 14.76 ? 78  VAL A N   1 
ATOM   385  C  CA  . VAL A 1 78  ? -10.056 7.318   -20.442 1.00 14.22 ? 78  VAL A CA  1 
ATOM   386  C  C   . VAL A 1 78  ? -9.583  7.774   -21.838 1.00 18.83 ? 78  VAL A C   1 
ATOM   387  O  O   . VAL A 1 78  ? -8.837  7.067   -22.527 1.00 17.34 ? 78  VAL A O   1 
ATOM   388  C  CB  . VAL A 1 78  ? -8.970  7.482   -19.322 1.00 17.74 ? 78  VAL A CB  1 
ATOM   389  C  CG1 . VAL A 1 78  ? -8.581  8.942   -19.162 1.00 17.17 ? 78  VAL A CG1 1 
ATOM   390  C  CG2 . VAL A 1 78  ? -9.462  6.947   -17.970 1.00 17.59 ? 78  VAL A CG2 1 
ATOM   391  N  N   . LYS A 1 79  ? -10.022 8.979   -22.233 1.00 16.24 ? 79  LYS A N   1 
ATOM   392  C  CA  . LYS A 1 79  ? -9.656  9.597   -23.501 1.00 15.96 ? 79  LYS A CA  1 
ATOM   393  C  C   . LYS A 1 79  ? -8.219  10.085  -23.448 1.00 18.52 ? 79  LYS A C   1 
ATOM   394  O  O   . LYS A 1 79  ? -7.774  10.477  -22.366 1.00 17.21 ? 79  LYS A O   1 
ATOM   395  C  CB  . LYS A 1 79  ? -10.581 10.789  -23.791 1.00 18.84 ? 79  LYS A CB  1 
ATOM   396  C  CG  . LYS A 1 79  ? -11.602 10.531  -24.881 1.00 31.79 ? 79  LYS A CG  1 
ATOM   397  C  CD  . LYS A 1 79  ? -12.763 9.663   -24.422 1.00 42.67 ? 79  LYS A CD  1 
ATOM   398  C  CE  . LYS A 1 79  ? -13.290 8.838   -25.562 1.00 49.11 ? 79  LYS A CE  1 
ATOM   399  N  NZ  . LYS A 1 79  ? -14.563 8.163   -25.211 1.00 53.90 ? 79  LYS A NZ  1 
ATOM   400  N  N   . PRO A 1 80  ? -7.483  10.094  -24.597 1.00 15.10 ? 80  PRO A N   1 
ATOM   401  C  CA  . PRO A 1 80  ? -6.107  10.615  -24.589 1.00 15.08 ? 80  PRO A CA  1 
ATOM   402  C  C   . PRO A 1 80  ? -6.037  12.041  -24.074 1.00 17.87 ? 80  PRO A C   1 
ATOM   403  O  O   . PRO A 1 80  ? -6.944  12.838  -24.335 1.00 17.03 ? 80  PRO A O   1 
ATOM   404  C  CB  . PRO A 1 80  ? -5.693  10.587  -26.068 1.00 16.75 ? 80  PRO A CB  1 
ATOM   405  C  CG  . PRO A 1 80  ? -6.589  9.636   -26.693 1.00 20.87 ? 80  PRO A CG  1 
ATOM   406  C  CD  . PRO A 1 80  ? -7.874  9.648   -25.949 1.00 16.47 ? 80  PRO A CD  1 
ATOM   407  N  N   . ASP A 1 81  ? -4.954  12.354  -23.344 1.00 14.11 ? 81  ASP A N   1 
ATOM   408  C  CA  . ASP A 1 81  ? -4.708  13.677  -22.762 1.00 14.70 ? 81  ASP A CA  1 
ATOM   409  C  C   . ASP A 1 81  ? -5.719  14.085  -21.657 1.00 17.05 ? 81  ASP A C   1 
ATOM   410  O  O   . ASP A 1 81  ? -5.756  15.245  -21.258 1.00 16.44 ? 81  ASP A O   1 
ATOM   411  C  CB  . ASP A 1 81  ? -4.505  14.763  -23.853 1.00 16.69 ? 81  ASP A CB  1 
ATOM   412  C  CG  . ASP A 1 81  ? -3.634  15.930  -23.436 1.00 30.77 ? 81  ASP A CG  1 
ATOM   413  O  OD1 . ASP A 1 81  ? -2.747  15.736  -22.568 1.00 30.59 ? 81  ASP A OD1 1 
ATOM   414  O  OD2 . ASP A 1 81  ? -3.826  17.038  -23.987 1.00 40.66 ? 81  ASP A OD2 1 
ATOM   415  N  N   . THR A 1 82  ? -6.506  13.121  -21.142 1.00 13.21 ? 82  THR A N   1 
ATOM   416  C  CA  . THR A 1 82  ? -7.456  13.351  -20.044 1.00 13.58 ? 82  THR A CA  1 
ATOM   417  C  C   . THR A 1 82  ? -7.236  12.347  -18.878 1.00 18.13 ? 82  THR A C   1 
ATOM   418  O  O   . THR A 1 82  ? -6.581  11.319  -19.048 1.00 15.69 ? 82  THR A O   1 
ATOM   419  C  CB  . THR A 1 82  ? -8.928  13.284  -20.491 1.00 21.60 ? 82  THR A CB  1 
ATOM   420  O  OG1 . THR A 1 82  ? -9.293  11.924  -20.692 1.00 19.24 ? 82  THR A OG1 1 
ATOM   421  C  CG2 . THR A 1 82  ? -9.255  14.159  -21.709 1.00 25.17 ? 82  THR A CG2 1 
HETATM 422  N  N   . MSE A 1 83  ? -7.808  12.660  -17.701 1.00 16.13 ? 83  MSE A N   1 
HETATM 423  C  CA  . MSE A 1 83  ? -7.780  11.811  -16.511 1.00 16.15 ? 83  MSE A CA  1 
HETATM 424  C  C   . MSE A 1 83  ? -9.170  11.770  -15.939 1.00 17.48 ? 83  MSE A C   1 
HETATM 425  O  O   . MSE A 1 83  ? -9.862  12.789  -15.947 1.00 16.03 ? 83  MSE A O   1 
HETATM 426  C  CB  . MSE A 1 83  ? -6.803  12.334  -15.452 1.00 19.10 ? 83  MSE A CB  1 
HETATM 427  C  CG  . MSE A 1 83  ? -5.439  12.678  -16.012 1.00 27.82 ? 83  MSE A CG  1 
HETATM 428  SE SE  . MSE A 1 83  ? -4.122  13.099  -14.668 1.00 37.22 ? 83  MSE A SE  1 
HETATM 429  C  CE  . MSE A 1 83  ? -3.841  11.407  -14.129 1.00 32.87 ? 83  MSE A CE  1 
ATOM   430  N  N   . LYS A 1 84  ? -9.597  10.596  -15.457 1.00 13.47 ? 84  LYS A N   1 
ATOM   431  C  CA  . LYS A 1 84  ? -10.931 10.463  -14.869 1.00 11.96 ? 84  LYS A CA  1 
ATOM   432  C  C   . LYS A 1 84  ? -10.849 10.330  -13.359 1.00 13.99 ? 84  LYS A C   1 
ATOM   433  O  O   . LYS A 1 84  ? -9.908  9.720   -12.852 1.00 12.56 ? 84  LYS A O   1 
ATOM   434  C  CB  . LYS A 1 84  ? -11.711 9.290   -15.481 1.00 13.01 ? 84  LYS A CB  1 
ATOM   435  C  CG  . LYS A 1 84  ? -12.112 9.524   -16.940 1.00 23.30 ? 84  LYS A CG  1 
ATOM   436  C  CD  . LYS A 1 84  ? -13.615 9.681   -17.084 1.00 26.55 ? 84  LYS A CD  1 
ATOM   437  C  CE  . LYS A 1 84  ? -14.086 9.598   -18.515 1.00 26.00 ? 84  LYS A CE  1 
ATOM   438  N  NZ  . LYS A 1 84  ? -14.705 8.279   -18.814 1.00 27.68 ? 84  LYS A NZ  1 
ATOM   439  N  N   . LEU A 1 85  ? -11.845 10.886  -12.644 1.00 10.55 ? 85  LEU A N   1 
ATOM   440  C  CA  . LEU A 1 85  ? -11.938 10.775  -11.197 1.00 11.27 ? 85  LEU A CA  1 
ATOM   441  C  C   . LEU A 1 85  ? -12.228 9.315   -10.808 1.00 17.89 ? 85  LEU A C   1 
ATOM   442  O  O   . LEU A 1 85  ? -13.170 8.707   -11.313 1.00 16.24 ? 85  LEU A O   1 
ATOM   443  C  CB  . LEU A 1 85  ? -13.036 11.712  -10.652 1.00 11.16 ? 85  LEU A CB  1 
ATOM   444  C  CG  . LEU A 1 85  ? -13.283 11.705  -9.135  1.00 14.22 ? 85  LEU A CG  1 
ATOM   445  C  CD1 . LEU A 1 85  ? -12.109 12.326  -8.372  1.00 13.63 ? 85  LEU A CD1 1 
ATOM   446  C  CD2 . LEU A 1 85  ? -14.607 12.409  -8.797  1.00 13.72 ? 85  LEU A CD2 1 
ATOM   447  N  N   . VAL A 1 86  ? -11.393 8.765   -9.922  1.00 17.80 ? 86  VAL A N   1 
ATOM   448  C  CA  . VAL A 1 86  ? -11.517 7.399   -9.409  1.00 18.03 ? 86  VAL A CA  1 
ATOM   449  C  C   . VAL A 1 86  ? -12.541 7.359   -8.256  1.00 22.39 ? 86  VAL A C   1 
ATOM   450  O  O   . VAL A 1 86  ? -13.444 6.525   -8.248  1.00 21.49 ? 86  VAL A O   1 
ATOM   451  C  CB  . VAL A 1 86  ? -10.130 6.857   -8.970  1.00 21.76 ? 86  VAL A CB  1 
ATOM   452  C  CG1 . VAL A 1 86  ? -10.227 5.430   -8.439  1.00 21.61 ? 86  VAL A CG1 1 
ATOM   453  C  CG2 . VAL A 1 86  ? -9.125  6.937   -10.110 1.00 21.20 ? 86  VAL A CG2 1 
ATOM   454  N  N   . VAL A 1 87  ? -12.387 8.240   -7.277  1.00 20.39 ? 87  VAL A N   1 
ATOM   455  C  CA  . VAL A 1 87  ? -13.284 8.241   -6.122  1.00 20.30 ? 87  VAL A CA  1 
ATOM   456  C  C   . VAL A 1 87  ? -13.667 9.663   -5.691  1.00 24.12 ? 87  VAL A C   1 
ATOM   457  O  O   . VAL A 1 87  ? -12.795 10.524  -5.577  1.00 23.13 ? 87  VAL A O   1 
ATOM   458  C  CB  . VAL A 1 87  ? -12.723 7.340   -4.980  1.00 24.21 ? 87  VAL A CB  1 
ATOM   459  C  CG1 . VAL A 1 87  ? -11.371 7.833   -4.454  1.00 24.18 ? 87  VAL A CG1 1 
ATOM   460  C  CG2 . VAL A 1 87  ? -13.737 7.152   -3.861  1.00 23.96 ? 87  VAL A CG2 1 
ATOM   461  N  N   . GLY A 1 88  ? -14.963 9.891   -5.493  1.00 20.51 ? 88  GLY A N   1 
ATOM   462  C  CA  . GLY A 1 88  ? -15.479 11.192  -5.079  1.00 20.77 ? 88  GLY A CA  1 
ATOM   463  C  C   . GLY A 1 88  ? -16.338 11.179  -3.829  1.00 24.56 ? 88  GLY A C   1 
ATOM   464  O  O   . GLY A 1 88  ? -17.337 11.894  -3.770  1.00 26.07 ? 88  GLY A O   1 
ATOM   465  N  N   . TRP A 1 89  ? -15.965 10.368  -2.823  1.00 19.37 ? 89  TRP A N   1 
ATOM   466  C  CA  . TRP A 1 89  ? -16.666 10.259  -1.535  1.00 17.69 ? 89  TRP A CA  1 
ATOM   467  C  C   . TRP A 1 89  ? -16.611 11.539  -0.724  1.00 21.37 ? 89  TRP A C   1 
ATOM   468  O  O   . TRP A 1 89  ? -15.580 12.215  -0.705  1.00 20.55 ? 89  TRP A O   1 
ATOM   469  C  CB  . TRP A 1 89  ? -16.077 9.125   -0.645  1.00 15.37 ? 89  TRP A CB  1 
ATOM   470  C  CG  . TRP A 1 89  ? -14.582 8.931   -0.698  1.00 15.64 ? 89  TRP A CG  1 
ATOM   471  C  CD1 . TRP A 1 89  ? -13.623 9.888   -0.884  1.00 18.24 ? 89  TRP A CD1 1 
ATOM   472  C  CD2 . TRP A 1 89  ? -13.882 7.690   -0.530  1.00 15.22 ? 89  TRP A CD2 1 
ATOM   473  N  NE1 . TRP A 1 89  ? -12.374 9.310   -0.910  1.00 17.21 ? 89  TRP A NE1 1 
ATOM   474  C  CE2 . TRP A 1 89  ? -12.502 7.961   -0.701  1.00 18.53 ? 89  TRP A CE2 1 
ATOM   475  C  CE3 . TRP A 1 89  ? -14.293 6.358   -0.332  1.00 16.33 ? 89  TRP A CE3 1 
ATOM   476  C  CZ2 . TRP A 1 89  ? -11.532 6.953   -0.669  1.00 17.55 ? 89  TRP A CZ2 1 
ATOM   477  C  CZ3 . TRP A 1 89  ? -13.326 5.358   -0.276  1.00 17.96 ? 89  TRP A CZ3 1 
ATOM   478  C  CH2 . TRP A 1 89  ? -11.965 5.661   -0.424  1.00 18.64 ? 89  TRP A CH2 1 
ATOM   479  N  N   . LYS A 1 90  ? -17.686 11.811  0.039   1.00 17.71 ? 90  LYS A N   1 
ATOM   480  C  CA  . LYS A 1 90  ? -17.696 12.913  1.004   1.00 17.15 ? 90  LYS A CA  1 
ATOM   481  C  C   . LYS A 1 90  ? -16.843 12.404  2.171   1.00 18.93 ? 90  LYS A C   1 
ATOM   482  O  O   . LYS A 1 90  ? -16.687 11.189  2.327   1.00 17.22 ? 90  LYS A O   1 
ATOM   483  C  CB  . LYS A 1 90  ? -19.118 13.238  1.526   1.00 19.62 ? 90  LYS A CB  1 
ATOM   484  C  CG  . LYS A 1 90  ? -20.289 12.659  0.731   1.00 36.06 ? 90  LYS A CG  1 
ATOM   485  C  CD  . LYS A 1 90  ? -20.866 13.633  -0.288  1.00 42.09 ? 90  LYS A CD  1 
ATOM   486  C  CE  . LYS A 1 90  ? -22.183 13.136  -0.857  1.00 44.92 ? 90  LYS A CE  1 
ATOM   487  N  NZ  . LYS A 1 90  ? -22.002 12.111  -1.912  1.00 43.82 ? 90  LYS A NZ  1 
ATOM   488  N  N   . GLY A 1 91  ? -16.317 13.317  2.979   1.00 16.64 ? 91  GLY A N   1 
ATOM   489  C  CA  . GLY A 1 91  ? -15.522 12.977  4.155   1.00 17.38 ? 91  GLY A CA  1 
ATOM   490  C  C   . GLY A 1 91  ? -16.180 11.931  5.032   1.00 23.00 ? 91  GLY A C   1 
ATOM   491  O  O   . GLY A 1 91  ? -15.567 10.892  5.309   1.00 22.90 ? 91  GLY A O   1 
ATOM   492  N  N   . LYS A 1 92  ? -17.472 12.148  5.388   1.00 19.14 ? 92  LYS A N   1 
ATOM   493  C  CA  . LYS A 1 92  ? -18.242 11.222  6.243   1.00 18.81 ? 92  LYS A CA  1 
ATOM   494  C  C   . LYS A 1 92  ? -18.303 9.802   5.681   1.00 20.81 ? 92  LYS A C   1 
ATOM   495  O  O   . LYS A 1 92  ? -18.241 8.843   6.450   1.00 21.39 ? 92  LYS A O   1 
ATOM   496  C  CB  . LYS A 1 92  ? -19.658 11.759  6.528   1.00 21.84 ? 92  LYS A CB  1 
ATOM   497  C  CG  . LYS A 1 92  ? -20.276 11.196  7.801   1.00 38.22 ? 92  LYS A CG  1 
ATOM   498  C  CD  . LYS A 1 92  ? -21.738 11.582  7.944   1.00 49.19 ? 92  LYS A CD  1 
ATOM   499  C  CE  . LYS A 1 92  ? -22.326 11.035  9.222   1.00 60.99 ? 92  LYS A CE  1 
ATOM   500  N  NZ  . LYS A 1 92  ? -23.782 11.319  9.327   1.00 71.92 ? 92  LYS A NZ  1 
ATOM   501  N  N   . GLU A 1 93  ? -18.400 9.671   4.348   1.00 14.94 ? 93  GLU A N   1 
ATOM   502  C  CA  . GLU A 1 93  ? -18.426 8.378   3.672   1.00 13.71 ? 93  GLU A CA  1 
ATOM   503  C  C   . GLU A 1 93  ? -17.031 7.717   3.651   1.00 16.77 ? 93  GLU A C   1 
ATOM   504  O  O   . GLU A 1 93  ? -16.929 6.500   3.826   1.00 15.45 ? 93  GLU A O   1 
ATOM   505  C  CB  . GLU A 1 93  ? -19.003 8.507   2.253   1.00 14.28 ? 93  GLU A CB  1 
ATOM   506  C  CG  . GLU A 1 93  ? -19.314 7.166   1.592   1.00 19.30 ? 93  GLU A CG  1 
ATOM   507  C  CD  . GLU A 1 93  ? -20.464 6.319   2.121   1.00 34.27 ? 93  GLU A CD  1 
ATOM   508  O  OE1 . GLU A 1 93  ? -20.949 6.557   3.253   1.00 27.46 ? 93  GLU A OE1 1 
ATOM   509  O  OE2 . GLU A 1 93  ? -20.855 5.374   1.401   1.00 29.18 ? 93  GLU A OE2 1 
ATOM   510  N  N   . PHE A 1 94  ? -15.979 8.512   3.394   1.00 13.40 ? 94  PHE A N   1 
ATOM   511  C  CA  . PHE A 1 94  ? -14.597 8.039   3.418   1.00 13.45 ? 94  PHE A CA  1 
ATOM   512  C  C   . PHE A 1 94  ? -14.281 7.504   4.832   1.00 17.67 ? 94  PHE A C   1 
ATOM   513  O  O   . PHE A 1 94  ? -13.781 6.394   4.952   1.00 16.05 ? 94  PHE A O   1 
ATOM   514  C  CB  . PHE A 1 94  ? -13.617 9.159   3.039   1.00 14.96 ? 94  PHE A CB  1 
ATOM   515  C  CG  . PHE A 1 94  ? -12.174 8.822   3.345   1.00 16.60 ? 94  PHE A CG  1 
ATOM   516  C  CD1 . PHE A 1 94  ? -11.521 7.796   2.668   1.00 19.44 ? 94  PHE A CD1 1 
ATOM   517  C  CD2 . PHE A 1 94  ? -11.476 9.513   4.331   1.00 17.88 ? 94  PHE A CD2 1 
ATOM   518  C  CE1 . PHE A 1 94  ? -10.199 7.471   2.969   1.00 20.56 ? 94  PHE A CE1 1 
ATOM   519  C  CE2 . PHE A 1 94  ? -10.156 9.184   4.632   1.00 20.62 ? 94  PHE A CE2 1 
ATOM   520  C  CZ  . PHE A 1 94  ? -9.523  8.172   3.945   1.00 19.02 ? 94  PHE A CZ  1 
ATOM   521  N  N   . TYR A 1 95  ? -14.620 8.276   5.885   1.00 16.54 ? 95  TYR A N   1 
ATOM   522  C  CA  . TYR A 1 95  ? -14.413 7.859   7.272   1.00 17.29 ? 95  TYR A CA  1 
ATOM   523  C  C   . TYR A 1 95  ? -15.298 6.682   7.682   1.00 19.50 ? 95  TYR A C   1 
ATOM   524  O  O   . TYR A 1 95  ? -14.814 5.802   8.384   1.00 19.10 ? 95  TYR A O   1 
ATOM   525  C  CB  . TYR A 1 95  ? -14.450 9.044   8.259   1.00 19.48 ? 95  TYR A CB  1 
ATOM   526  C  CG  . TYR A 1 95  ? -13.317 10.017  8.012   1.00 23.01 ? 95  TYR A CG  1 
ATOM   527  C  CD1 . TYR A 1 95  ? -11.991 9.646   8.231   1.00 25.98 ? 95  TYR A CD1 1 
ATOM   528  C  CD2 . TYR A 1 95  ? -13.564 11.296  7.527   1.00 23.78 ? 95  TYR A CD2 1 
ATOM   529  C  CE1 . TYR A 1 95  ? -10.939 10.518  7.946   1.00 27.51 ? 95  TYR A CE1 1 
ATOM   530  C  CE2 . TYR A 1 95  ? -12.524 12.180  7.251   1.00 25.03 ? 95  TYR A CE2 1 
ATOM   531  C  CZ  . TYR A 1 95  ? -11.212 11.785  7.456   1.00 34.95 ? 95  TYR A CZ  1 
ATOM   532  O  OH  . TYR A 1 95  ? -10.190 12.660  7.180   1.00 37.32 ? 95  TYR A OH  1 
ATOM   533  N  N   . ARG A 1 96  ? -16.548 6.614   7.187   1.00 15.40 ? 96  ARG A N   1 
ATOM   534  C  CA  . ARG A 1 96  ? -17.430 5.477   7.483   1.00 16.17 ? 96  ARG A CA  1 
ATOM   535  C  C   . ARG A 1 96  ? -16.863 4.207   6.844   1.00 19.99 ? 96  ARG A C   1 
ATOM   536  O  O   . ARG A 1 96  ? -16.740 3.183   7.519   1.00 18.91 ? 96  ARG A O   1 
ATOM   537  C  CB  . ARG A 1 96  ? -18.900 5.725   7.025   1.00 16.38 ? 96  ARG A CB  1 
ATOM   538  C  CG  . ARG A 1 96  ? -19.853 4.571   7.388   1.00 22.53 ? 96  ARG A CG  1 
ATOM   539  C  CD  . ARG A 1 96  ? -21.085 4.446   6.482   1.00 21.21 ? 96  ARG A CD  1 
ATOM   540  N  NE  . ARG A 1 96  ? -20.762 4.363   5.050   1.00 20.43 ? 96  ARG A NE  1 
ATOM   541  C  CZ  . ARG A 1 96  ? -20.380 3.257   4.416   1.00 31.80 ? 96  ARG A CZ  1 
ATOM   542  N  NH1 . ARG A 1 96  ? -20.258 2.111   5.077   1.00 14.60 ? 96  ARG A NH1 1 
ATOM   543  N  NH2 . ARG A 1 96  ? -20.123 3.287   3.114   1.00 19.31 ? 96  ARG A NH2 1 
ATOM   544  N  N   . GLU A 1 97  ? -16.499 4.286   5.559   1.00 17.24 ? 97  GLU A N   1 
ATOM   545  C  CA  . GLU A 1 97  ? -15.942 3.151   4.831   1.00 17.60 ? 97  GLU A CA  1 
ATOM   546  C  C   . GLU A 1 97  ? -14.634 2.668   5.476   1.00 21.28 ? 97  GLU A C   1 
ATOM   547  O  O   . GLU A 1 97  ? -14.501 1.474   5.716   1.00 20.97 ? 97  GLU A O   1 
ATOM   548  C  CB  . GLU A 1 97  ? -15.776 3.476   3.334   1.00 19.07 ? 97  GLU A CB  1 
ATOM   549  C  CG  . GLU A 1 97  ? -15.372 2.290   2.464   1.00 29.78 ? 97  GLU A CG  1 
ATOM   550  C  CD  . GLU A 1 97  ? -16.346 1.134   2.330   1.00 45.63 ? 97  GLU A CD  1 
ATOM   551  O  OE1 . GLU A 1 97  ? -17.546 1.298   2.648   1.00 31.87 ? 97  GLU A OE1 1 
ATOM   552  O  OE2 . GLU A 1 97  ? -15.913 0.074   1.828   1.00 47.65 ? 97  GLU A OE2 1 
ATOM   553  N  N   . THR A 1 98  ? -13.727 3.598   5.830   1.00 17.43 ? 98  THR A N   1 
ATOM   554  C  CA  . THR A 1 98  ? -12.444 3.287   6.469   1.00 17.52 ? 98  THR A CA  1 
ATOM   555  C  C   . THR A 1 98  ? -12.642 2.625   7.837   1.00 21.74 ? 98  THR A C   1 
ATOM   556  O  O   . THR A 1 98  ? -12.097 1.540   8.042   1.00 21.52 ? 98  THR A O   1 
ATOM   557  C  CB  . THR A 1 98  ? -11.531 4.534   6.521   1.00 24.45 ? 98  THR A CB  1 
ATOM   558  O  OG1 . THR A 1 98  ? -11.343 5.034   5.196   1.00 24.00 ? 98  THR A OG1 1 
ATOM   559  C  CG2 . THR A 1 98  ? -10.176 4.243   7.144   1.00 25.80 ? 98  THR A CG2 1 
ATOM   560  N  N   . TRP A 1 99  ? -13.409 3.268   8.763   1.00 18.17 ? 99  TRP A N   1 
ATOM   561  C  CA  . TRP A 1 99  ? -13.653 2.719   10.103  1.00 18.24 ? 99  TRP A CA  1 
ATOM   562  C  C   . TRP A 1 99  ? -14.318 1.360   10.026  1.00 21.43 ? 99  TRP A C   1 
ATOM   563  O  O   . TRP A 1 99  ? -13.822 0.433   10.645  1.00 21.45 ? 99  TRP A O   1 
ATOM   564  C  CB  . TRP A 1 99  ? -14.449 3.679   11.021  1.00 17.48 ? 99  TRP A CB  1 
ATOM   565  C  CG  . TRP A 1 99  ? -14.606 3.145   12.422  1.00 18.59 ? 99  TRP A CG  1 
ATOM   566  C  CD1 . TRP A 1 99  ? -13.757 3.339   13.471  1.00 21.46 ? 99  TRP A CD1 1 
ATOM   567  C  CD2 . TRP A 1 99  ? -15.623 2.232   12.893  1.00 18.42 ? 99  TRP A CD2 1 
ATOM   568  N  NE1 . TRP A 1 99  ? -14.199 2.639   14.576  1.00 21.25 ? 99  TRP A NE1 1 
ATOM   569  C  CE2 . TRP A 1 99  ? -15.352 1.968   14.253  1.00 22.61 ? 99  TRP A CE2 1 
ATOM   570  C  CE3 . TRP A 1 99  ? -16.756 1.640   12.303  1.00 19.71 ? 99  TRP A CE3 1 
ATOM   571  C  CZ2 . TRP A 1 99  ? -16.129 1.079   15.013  1.00 21.82 ? 99  TRP A CZ2 1 
ATOM   572  C  CZ3 . TRP A 1 99  ? -17.551 0.798   13.067  1.00 21.19 ? 99  TRP A CZ3 1 
ATOM   573  C  CH2 . TRP A 1 99  ? -17.238 0.527   14.407  1.00 21.90 ? 99  TRP A CH2 1 
ATOM   574  N  N   . THR A 1 100 ? -15.431 1.238   9.273   1.00 18.36 ? 100 THR A N   1 
ATOM   575  C  CA  . THR A 1 100 ? -16.171 -0.020  9.120   1.00 18.06 ? 100 THR A CA  1 
ATOM   576  C  C   . THR A 1 100 ? -15.293 -1.160  8.631   1.00 22.17 ? 100 THR A C   1 
ATOM   577  O  O   . THR A 1 100 ? -15.211 -2.176  9.332   1.00 23.50 ? 100 THR A O   1 
ATOM   578  C  CB  . THR A 1 100 ? -17.442 0.160   8.275   1.00 22.42 ? 100 THR A CB  1 
ATOM   579  O  OG1 . THR A 1 100 ? -18.197 1.247   8.812   1.00 20.29 ? 100 THR A OG1 1 
ATOM   580  C  CG2 . THR A 1 100 ? -18.298 -1.100  8.229   1.00 19.47 ? 100 THR A CG2 1 
ATOM   581  N  N   . ARG A 1 101 ? -14.613 -0.983  7.464   1.00 15.98 ? 101 ARG A N   1 
ATOM   582  C  CA  . ARG A 1 101 ? -13.760 -2.017  6.873   1.00 15.47 ? 101 ARG A CA  1 
ATOM   583  C  C   . ARG A 1 101 ? -12.582 -2.423  7.748   1.00 18.02 ? 101 ARG A C   1 
ATOM   584  O  O   . ARG A 1 101 ? -12.285 -3.609  7.825   1.00 17.57 ? 101 ARG A O   1 
ATOM   585  C  CB  . ARG A 1 101 ? -13.291 -1.650  5.442   1.00 16.95 ? 101 ARG A CB  1 
ATOM   586  C  CG  . ARG A 1 101 ? -14.414 -1.383  4.435   1.00 24.76 ? 101 ARG A CG  1 
ATOM   587  C  CD  . ARG A 1 101 ? -15.337 -2.568  4.222   1.00 35.62 ? 101 ARG A CD  1 
ATOM   588  N  NE  . ARG A 1 101 ? -15.198 -3.110  2.875   1.00 45.59 ? 101 ARG A NE  1 
ATOM   589  C  CZ  . ARG A 1 101 ? -14.322 -4.043  2.517   1.00 66.13 ? 101 ARG A CZ  1 
ATOM   590  N  NH1 . ARG A 1 101 ? -13.484 -4.558  3.410   1.00 58.56 ? 101 ARG A NH1 1 
ATOM   591  N  NH2 . ARG A 1 101 ? -14.269 -4.460  1.262   1.00 53.03 ? 101 ARG A NH2 1 
ATOM   592  N  N   . PHE A 1 102 ? -11.923 -1.454  8.406   1.00 14.55 ? 102 PHE A N   1 
ATOM   593  C  CA  . PHE A 1 102 ? -10.787 -1.716  9.290   1.00 15.27 ? 102 PHE A CA  1 
ATOM   594  C  C   . PHE A 1 102 ? -11.206 -2.506  10.528  1.00 20.19 ? 102 PHE A C   1 
ATOM   595  O  O   . PHE A 1 102 ? -10.565 -3.508  10.850  1.00 19.72 ? 102 PHE A O   1 
ATOM   596  C  CB  . PHE A 1 102 ? -10.065 -0.407  9.680   1.00 17.86 ? 102 PHE A CB  1 
ATOM   597  C  CG  . PHE A 1 102 ? -8.867  -0.615  10.578  1.00 20.08 ? 102 PHE A CG  1 
ATOM   598  C  CD1 . PHE A 1 102 ? -7.658  -1.067  10.060  1.00 23.13 ? 102 PHE A CD1 1 
ATOM   599  C  CD2 . PHE A 1 102 ? -8.962  -0.405  11.948  1.00 23.37 ? 102 PHE A CD2 1 
ATOM   600  C  CE1 . PHE A 1 102 ? -6.559  -1.286  10.893  1.00 24.50 ? 102 PHE A CE1 1 
ATOM   601  C  CE2 . PHE A 1 102 ? -7.861  -0.626  12.782  1.00 26.65 ? 102 PHE A CE2 1 
ATOM   602  C  CZ  . PHE A 1 102 ? -6.666  -1.060  12.246  1.00 24.57 ? 102 PHE A CZ  1 
HETATM 603  N  N   . MSE A 1 103 ? -12.284 -2.059  11.199  1.00 17.71 ? 103 MSE A N   1 
HETATM 604  C  CA  A MSE A 1 103 ? -12.797 -2.707  12.404  0.50 18.01 ? 103 MSE A CA  1 
HETATM 605  C  CA  B MSE A 1 103 ? -12.780 -2.711  12.410  0.50 17.55 ? 103 MSE A CA  1 
HETATM 606  C  C   . MSE A 1 103 ? -13.392 -4.079  12.125  1.00 21.66 ? 103 MSE A C   1 
HETATM 607  O  O   . MSE A 1 103 ? -13.130 -5.013  12.873  1.00 21.20 ? 103 MSE A O   1 
HETATM 608  C  CB  A MSE A 1 103 ? -13.788 -1.799  13.145  0.50 20.65 ? 103 MSE A CB  1 
HETATM 609  C  CB  B MSE A 1 103 ? -13.734 -1.801  13.201  0.50 19.83 ? 103 MSE A CB  1 
HETATM 610  C  CG  A MSE A 1 103 ? -13.108 -0.695  13.938  0.50 28.56 ? 103 MSE A CG  1 
HETATM 611  C  CG  B MSE A 1 103 ? -13.110 -0.464  13.602  0.50 27.16 ? 103 MSE A CG  1 
HETATM 612  SE SE  A MSE A 1 103 ? -11.682 -1.342  15.112  0.50 37.45 ? 103 MSE A SE  1 
HETATM 613  SE SE  B MSE A 1 103 ? -11.529 -0.590  14.733  0.50 35.65 ? 103 MSE A SE  1 
HETATM 614  C  CE  A MSE A 1 103 ? -12.695 -2.643  16.203  0.50 33.73 ? 103 MSE A CE  1 
HETATM 615  C  CE  B MSE A 1 103 ? -10.989 1.296   14.732  0.50 32.66 ? 103 MSE A CE  1 
ATOM   616  N  N   . GLU A 1 104 ? -14.174 -4.219  11.034  1.00 19.12 ? 104 GLU A N   1 
ATOM   617  C  CA  . GLU A 1 104 ? -14.781 -5.511  10.659  1.00 19.08 ? 104 GLU A CA  1 
ATOM   618  C  C   . GLU A 1 104 ? -13.672 -6.558  10.421  1.00 21.97 ? 104 GLU A C   1 
ATOM   619  O  O   . GLU A 1 104 ? -13.811 -7.705  10.828  1.00 21.38 ? 104 GLU A O   1 
ATOM   620  C  CB  . GLU A 1 104 ? -15.679 -5.356  9.409   1.00 20.45 ? 104 GLU A CB  1 
ATOM   621  C  CG  . GLU A 1 104 ? -16.439 -6.608  8.991   1.00 35.39 ? 104 GLU A CG  1 
ATOM   622  C  CD  . GLU A 1 104 ? -15.660 -7.615  8.161   1.00 62.58 ? 104 GLU A CD  1 
ATOM   623  O  OE1 . GLU A 1 104 ? -15.170 -7.241  7.071   1.00 60.65 ? 104 GLU A OE1 1 
ATOM   624  O  OE2 . GLU A 1 104 ? -15.533 -8.782  8.602   1.00 53.76 ? 104 GLU A OE2 1 
ATOM   625  N  N   . ASP A 1 105 ? -12.581 -6.148  9.765   1.00 18.77 ? 105 ASP A N   1 
ATOM   626  C  CA  . ASP A 1 105 ? -11.453 -7.015  9.465   1.00 17.96 ? 105 ASP A CA  1 
ATOM   627  C  C   . ASP A 1 105 ? -10.601 -7.330  10.696  1.00 20.14 ? 105 ASP A C   1 
ATOM   628  O  O   . ASP A 1 105 ? -10.240 -8.487  10.884  1.00 19.37 ? 105 ASP A O   1 
ATOM   629  C  CB  . ASP A 1 105 ? -10.591 -6.401  8.340   1.00 19.35 ? 105 ASP A CB  1 
ATOM   630  C  CG  . ASP A 1 105 ? -9.379  -7.222  7.943   1.00 27.23 ? 105 ASP A CG  1 
ATOM   631  O  OD1 . ASP A 1 105 ? -9.556  -8.403  7.571   1.00 29.70 ? 105 ASP A OD1 1 
ATOM   632  O  OD2 . ASP A 1 105 ? -8.262  -6.686  7.999   1.00 28.73 ? 105 ASP A OD2 1 
ATOM   633  N  N   . SER A 1 106 ? -10.293 -6.313  11.523  1.00 16.49 ? 106 SER A N   1 
ATOM   634  C  CA  . SER A 1 106 ? -9.399  -6.423  12.684  1.00 17.01 ? 106 SER A CA  1 
ATOM   635  C  C   . SER A 1 106 ? -9.958  -6.997  13.978  1.00 21.79 ? 106 SER A C   1 
ATOM   636  O  O   . SER A 1 106 ? -9.196  -7.638  14.709  1.00 21.34 ? 106 SER A O   1 
ATOM   637  C  CB  . SER A 1 106 ? -8.737  -5.079  12.988  1.00 19.48 ? 106 SER A CB  1 
ATOM   638  O  OG  . SER A 1 106 ? -8.041  -4.545  11.873  1.00 24.32 ? 106 SER A OG  1 
ATOM   639  N  N   . PHE A 1 107 ? -11.253 -6.739  14.291  1.00 18.45 ? 107 PHE A N   1 
ATOM   640  C  CA  A PHE A 1 107 ? -11.876 -7.204  15.536  0.50 17.42 ? 107 PHE A CA  1 
ATOM   641  C  CA  B PHE A 1 107 ? -11.848 -7.198  15.545  0.50 17.35 ? 107 PHE A CA  1 
ATOM   642  C  C   . PHE A 1 107 ? -11.742 -8.711  15.813  1.00 20.96 ? 107 PHE A C   1 
ATOM   643  O  O   . PHE A 1 107 ? -12.078 -9.519  14.948  1.00 20.42 ? 107 PHE A O   1 
ATOM   644  C  CB  A PHE A 1 107 ? -13.319 -6.677  15.719  0.50 18.46 ? 107 PHE A CB  1 
ATOM   645  C  CB  B PHE A 1 107 ? -13.260 -6.625  15.776  0.50 18.31 ? 107 PHE A CB  1 
ATOM   646  C  CG  A PHE A 1 107 ? -14.470 -7.518  15.207  0.50 19.33 ? 107 PHE A CG  1 
ATOM   647  C  CG  B PHE A 1 107 ? -13.275 -5.403  16.671  0.50 19.09 ? 107 PHE A CG  1 
ATOM   648  C  CD1 A PHE A 1 107 ? -15.015 -8.532  15.990  0.50 21.56 ? 107 PHE A CD1 1 
ATOM   649  C  CD1 B PHE A 1 107 ? -13.504 -5.523  18.038  0.50 21.36 ? 107 PHE A CD1 1 
ATOM   650  C  CD2 A PHE A 1 107 ? -15.067 -7.239  13.983  0.50 20.46 ? 107 PHE A CD2 1 
ATOM   651  C  CD2 B PHE A 1 107 ? -13.045 -4.133  16.148  0.50 20.93 ? 107 PHE A CD2 1 
ATOM   652  C  CE1 A PHE A 1 107 ? -16.113 -9.272  15.539  0.50 21.97 ? 107 PHE A CE1 1 
ATOM   653  C  CE1 B PHE A 1 107 ? -13.508 -4.396  18.868  0.50 22.06 ? 107 PHE A CE1 1 
ATOM   654  C  CE2 A PHE A 1 107 ? -16.158 -7.987  13.530  0.50 22.85 ? 107 PHE A CE2 1 
ATOM   655  C  CE2 B PHE A 1 107 ? -13.054 -3.005  16.977  0.50 23.52 ? 107 PHE A CE2 1 
ATOM   656  C  CZ  A PHE A 1 107 ? -16.674 -8.996  14.311  0.50 21.06 ? 107 PHE A CZ  1 
ATOM   657  C  CZ  B PHE A 1 107 ? -13.283 -3.145  18.334  0.50 21.30 ? 107 PHE A CZ  1 
ATOM   658  N  N   . PRO A 1 108 ? -11.241 -9.126  17.009  1.00 17.53 ? 108 PRO A N   1 
ATOM   659  C  CA  . PRO A 1 108 ? -10.769 -8.314  18.155  1.00 16.85 ? 108 PRO A CA  1 
ATOM   660  C  C   . PRO A 1 108 ? -9.326  -7.822  18.019  1.00 20.21 ? 108 PRO A C   1 
ATOM   661  O  O   . PRO A 1 108 ? -8.447  -8.557  17.536  1.00 19.15 ? 108 PRO A O   1 
ATOM   662  C  CB  . PRO A 1 108 ? -10.904 -9.284  19.339  1.00 18.59 ? 108 PRO A CB  1 
ATOM   663  C  CG  . PRO A 1 108 ? -10.661 -10.645 18.743  1.00 22.96 ? 108 PRO A CG  1 
ATOM   664  C  CD  . PRO A 1 108 ? -11.118 -10.573 17.290  1.00 18.68 ? 108 PRO A CD  1 
ATOM   665  N  N   . ILE A 1 109 ? -9.084  -6.569  18.441  1.00 16.23 ? 109 ILE A N   1 
ATOM   666  C  CA  . ILE A 1 109 ? -7.744  -6.010  18.477  1.00 16.55 ? 109 ILE A CA  1 
ATOM   667  C  C   . ILE A 1 109 ? -7.245  -6.488  19.841  1.00 22.98 ? 109 ILE A C   1 
ATOM   668  O  O   . ILE A 1 109 ? -7.711  -6.013  20.875  1.00 23.25 ? 109 ILE A O   1 
ATOM   669  C  CB  . ILE A 1 109 ? -7.697  -4.470  18.263  1.00 19.27 ? 109 ILE A CB  1 
ATOM   670  C  CG1 . ILE A 1 109 ? -8.321  -4.096  16.888  1.00 19.66 ? 109 ILE A CG1 1 
ATOM   671  C  CG2 . ILE A 1 109 ? -6.234  -3.962  18.362  1.00 17.73 ? 109 ILE A CG2 1 
ATOM   672  C  CD1 . ILE A 1 109 ? -8.768  -2.671  16.744  1.00 23.31 ? 109 ILE A CD1 1 
ATOM   673  N  N   . VAL A 1 110 ? -6.425  -7.540  19.831  1.00 19.93 ? 110 VAL A N   1 
ATOM   674  C  CA  . VAL A 1 110 ? -5.968  -8.214  21.049  1.00 19.61 ? 110 VAL A CA  1 
ATOM   675  C  C   . VAL A 1 110 ? -4.790  -7.582  21.778  1.00 22.06 ? 110 VAL A C   1 
ATOM   676  O  O   . VAL A 1 110 ? -4.640  -7.779  22.981  1.00 21.34 ? 110 VAL A O   1 
ATOM   677  C  CB  . VAL A 1 110 ? -5.828  -9.752  20.880  1.00 23.39 ? 110 VAL A CB  1 
ATOM   678  C  CG1 . VAL A 1 110 ? -7.129  -10.369 20.371  1.00 23.06 ? 110 VAL A CG1 1 
ATOM   679  C  CG2 . VAL A 1 110 ? -4.663  -10.119 19.970  1.00 23.14 ? 110 VAL A CG2 1 
ATOM   680  N  N   . ASN A 1 111 ? -3.974  -6.815  21.065  1.00 17.95 ? 111 ASN A N   1 
ATOM   681  C  CA  . ASN A 1 111 ? -2.796  -6.193  21.659  1.00 17.39 ? 111 ASN A CA  1 
ATOM   682  C  C   . ASN A 1 111 ? -2.770  -4.714  21.416  1.00 21.81 ? 111 ASN A C   1 
ATOM   683  O  O   . ASN A 1 111 ? -3.484  -4.220  20.541  1.00 21.78 ? 111 ASN A O   1 
ATOM   684  C  CB  . ASN A 1 111 ? -1.516  -6.816  21.059  1.00 15.20 ? 111 ASN A CB  1 
ATOM   685  C  CG  . ASN A 1 111 ? -1.332  -8.281  21.357  1.00 26.49 ? 111 ASN A CG  1 
ATOM   686  O  OD1 . ASN A 1 111 ? -1.375  -8.723  22.506  1.00 18.12 ? 111 ASN A OD1 1 
ATOM   687  N  ND2 . ASN A 1 111 ? -1.073  -9.062  20.329  1.00 9.52  ? 111 ASN A ND2 1 
ATOM   688  N  N   . ASP A 1 112 ? -1.897  -4.008  22.151  1.00 19.21 ? 112 ASP A N   1 
ATOM   689  C  CA  . ASP A 1 112 ? -1.644  -2.596  21.919  1.00 20.34 ? 112 ASP A CA  1 
ATOM   690  C  C   . ASP A 1 112 ? -0.965  -2.508  20.550  1.00 25.29 ? 112 ASP A C   1 
ATOM   691  O  O   . ASP A 1 112 ? -0.074  -3.308  20.231  1.00 24.44 ? 112 ASP A O   1 
ATOM   692  C  CB  . ASP A 1 112 ? -0.708  -2.011  22.992  1.00 22.79 ? 112 ASP A CB  1 
ATOM   693  C  CG  . ASP A 1 112 ? -1.270  -1.981  24.398  1.00 36.10 ? 112 ASP A CG  1 
ATOM   694  O  OD1 . ASP A 1 112 ? -2.471  -2.289  24.568  1.00 38.18 ? 112 ASP A OD1 1 
ATOM   695  O  OD2 . ASP A 1 112 ? -0.513  -1.635  25.329  1.00 43.46 ? 112 ASP A OD2 1 
ATOM   696  N  N   . GLN A 1 113 ? -1.461  -1.606  19.719  1.00 22.21 ? 113 GLN A N   1 
ATOM   697  C  CA  . GLN A 1 113 ? -0.940  -1.398  18.381  1.00 22.23 ? 113 GLN A CA  1 
ATOM   698  C  C   . GLN A 1 113 ? -1.038  0.027   17.958  1.00 25.14 ? 113 GLN A C   1 
ATOM   699  O  O   . GLN A 1 113 ? -1.862  0.781   18.469  1.00 25.05 ? 113 GLN A O   1 
ATOM   700  C  CB  . GLN A 1 113 ? -1.565  -2.339  17.336  1.00 23.69 ? 113 GLN A CB  1 
ATOM   701  C  CG  . GLN A 1 113 ? -3.068  -2.234  17.168  1.00 30.92 ? 113 GLN A CG  1 
ATOM   702  C  CD  . GLN A 1 113 ? -3.495  -3.014  15.960  1.00 36.73 ? 113 GLN A CD  1 
ATOM   703  O  OE1 . GLN A 1 113 ? -3.157  -4.195  15.797  1.00 24.49 ? 113 GLN A OE1 1 
ATOM   704  N  NE2 . GLN A 1 113 ? -4.194  -2.345  15.050  1.00 31.64 ? 113 GLN A NE2 1 
ATOM   705  N  N   . GLU A 1 114 ? -0.178  0.396   17.031  1.00 21.09 ? 114 GLU A N   1 
ATOM   706  C  CA  . GLU A 1 114 ? -0.113  1.742   16.505  1.00 20.75 ? 114 GLU A CA  1 
ATOM   707  C  C   . GLU A 1 114 ? -0.239  1.690   14.975  1.00 23.15 ? 114 GLU A C   1 
ATOM   708  O  O   . GLU A 1 114 ? 0.444   0.901   14.317  1.00 22.18 ? 114 GLU A O   1 
ATOM   709  C  CB  . GLU A 1 114 ? 1.213   2.381   16.952  1.00 22.22 ? 114 GLU A CB  1 
ATOM   710  C  CG  . GLU A 1 114 ? 1.492   3.768   16.402  1.00 36.04 ? 114 GLU A CG  1 
ATOM   711  C  CD  . GLU A 1 114 ? 2.960   4.151   16.385  1.00 60.81 ? 114 GLU A CD  1 
ATOM   712  O  OE1 . GLU A 1 114 ? 3.703   3.744   17.308  1.00 49.48 ? 114 GLU A OE1 1 
ATOM   713  O  OE2 . GLU A 1 114 ? 3.364   4.876   15.448  1.00 60.04 ? 114 GLU A OE2 1 
ATOM   714  N  N   . VAL A 1 115 ? -1.128  2.521   14.423  1.00 18.71 ? 115 VAL A N   1 
ATOM   715  C  CA  . VAL A 1 115 ? -1.296  2.644   12.978  1.00 17.24 ? 115 VAL A CA  1 
ATOM   716  C  C   . VAL A 1 115 ? -0.248  3.678   12.587  1.00 20.90 ? 115 VAL A C   1 
ATOM   717  O  O   . VAL A 1 115 ? -0.436  4.866   12.830  1.00 21.16 ? 115 VAL A O   1 
ATOM   718  C  CB  . VAL A 1 115 ? -2.743  3.030   12.553  1.00 19.87 ? 115 VAL A CB  1 
ATOM   719  C  CG1 . VAL A 1 115 ? -2.834  3.295   11.053  1.00 19.52 ? 115 VAL A CG1 1 
ATOM   720  C  CG2 . VAL A 1 115 ? -3.744  1.951   12.961  1.00 19.23 ? 115 VAL A CG2 1 
HETATM 721  N  N   . MSE A 1 116 ? 0.897   3.205   12.075  1.00 17.12 ? 116 MSE A N   1 
HETATM 722  C  CA  . MSE A 1 116 ? 2.025   4.032   11.646  1.00 17.04 ? 116 MSE A CA  1 
HETATM 723  C  C   . MSE A 1 116 ? 1.619   4.959   10.499  1.00 23.56 ? 116 MSE A C   1 
HETATM 724  O  O   . MSE A 1 116 ? 2.060   6.110   10.458  1.00 25.04 ? 116 MSE A O   1 
HETATM 725  C  CB  . MSE A 1 116 ? 3.175   3.146   11.147  1.00 18.85 ? 116 MSE A CB  1 
HETATM 726  C  CG  . MSE A 1 116 ? 3.754   2.220   12.194  1.00 25.22 ? 116 MSE A CG  1 
HETATM 727  SE SE  . MSE A 1 116 ? 4.778   0.763   11.357  1.00 31.63 ? 116 MSE A SE  1 
HETATM 728  C  CE  . MSE A 1 116 ? 6.179   1.804   10.453  1.00 27.63 ? 116 MSE A CE  1 
ATOM   729  N  N   . ASP A 1 117 ? 0.818   4.426   9.548   1.00 19.03 ? 117 ASP A N   1 
ATOM   730  C  CA  . ASP A 1 117 ? 0.329   5.103   8.349   1.00 18.48 ? 117 ASP A CA  1 
ATOM   731  C  C   . ASP A 1 117 ? -0.790  4.301   7.670   1.00 22.68 ? 117 ASP A C   1 
ATOM   732  O  O   . ASP A 1 117 ? -0.981  3.108   7.949   1.00 22.40 ? 117 ASP A O   1 
ATOM   733  C  CB  . ASP A 1 117 ? 1.468   5.313   7.334   1.00 19.75 ? 117 ASP A CB  1 
ATOM   734  C  CG  . ASP A 1 117 ? 1.329   6.551   6.451   1.00 22.27 ? 117 ASP A CG  1 
ATOM   735  O  OD1 . ASP A 1 117 ? 0.179   7.012   6.241   1.00 21.14 ? 117 ASP A OD1 1 
ATOM   736  O  OD2 . ASP A 1 117 ? 2.365   7.050   5.967   1.00 21.35 ? 117 ASP A OD2 1 
ATOM   737  N  N   . VAL A 1 118 ? -1.544  4.991   6.798   1.00 17.88 ? 118 VAL A N   1 
ATOM   738  C  CA  . VAL A 1 118 ? -2.603  4.441   5.963   1.00 17.60 ? 118 VAL A CA  1 
ATOM   739  C  C   . VAL A 1 118 ? -2.282  4.884   4.543   1.00 19.23 ? 118 VAL A C   1 
ATOM   740  O  O   . VAL A 1 118 ? -2.193  6.088   4.290   1.00 19.02 ? 118 VAL A O   1 
ATOM   741  C  CB  . VAL A 1 118 ? -4.041  4.904   6.345   1.00 21.78 ? 118 VAL A CB  1 
ATOM   742  C  CG1 . VAL A 1 118 ? -5.086  4.065   5.605   1.00 21.41 ? 118 VAL A CG1 1 
ATOM   743  C  CG2 . VAL A 1 118 ? -4.278  4.847   7.853   1.00 21.82 ? 118 VAL A CG2 1 
ATOM   744  N  N   . PHE A 1 119 ? -2.137  3.932   3.616   1.00 13.40 ? 119 PHE A N   1 
ATOM   745  C  CA  . PHE A 1 119 ? -1.887  4.275   2.226   1.00 12.75 ? 119 PHE A CA  1 
ATOM   746  C  C   . PHE A 1 119 ? -3.112  4.022   1.375   1.00 18.62 ? 119 PHE A C   1 
ATOM   747  O  O   . PHE A 1 119 ? -3.677  2.922   1.442   1.00 19.16 ? 119 PHE A O   1 
ATOM   748  C  CB  . PHE A 1 119 ? -0.694  3.492   1.641   1.00 13.86 ? 119 PHE A CB  1 
ATOM   749  C  CG  . PHE A 1 119 ? 0.647   3.858   2.223   1.00 15.58 ? 119 PHE A CG  1 
ATOM   750  C  CD1 . PHE A 1 119 ? 1.449   4.819   1.614   1.00 17.37 ? 119 PHE A CD1 1 
ATOM   751  C  CD2 . PHE A 1 119 ? 1.120   3.232   3.374   1.00 16.84 ? 119 PHE A CD2 1 
ATOM   752  C  CE1 . PHE A 1 119 ? 2.682   5.166   2.159   1.00 17.52 ? 119 PHE A CE1 1 
ATOM   753  C  CE2 . PHE A 1 119 ? 2.360   3.570   3.908   1.00 19.45 ? 119 PHE A CE2 1 
ATOM   754  C  CZ  . PHE A 1 119 ? 3.132   4.536   3.297   1.00 17.27 ? 119 PHE A CZ  1 
ATOM   755  N  N   . LEU A 1 120 ? -3.504  5.008   0.533   1.00 14.24 ? 120 LEU A N   1 
ATOM   756  C  CA  . LEU A 1 120 ? -4.573  4.743   -0.426  1.00 13.85 ? 120 LEU A CA  1 
ATOM   757  C  C   . LEU A 1 120 ? -3.865  4.160   -1.632  1.00 17.64 ? 120 LEU A C   1 
ATOM   758  O  O   . LEU A 1 120 ? -3.006  4.810   -2.221  1.00 18.84 ? 120 LEU A O   1 
ATOM   759  C  CB  . LEU A 1 120 ? -5.399  5.979   -0.828  1.00 13.93 ? 120 LEU A CB  1 
ATOM   760  C  CG  . LEU A 1 120 ? -6.593  5.636   -1.749  1.00 18.35 ? 120 LEU A CG  1 
ATOM   761  C  CD1 . LEU A 1 120 ? -7.850  5.303   -0.956  1.00 18.07 ? 120 LEU A CD1 1 
ATOM   762  C  CD2 . LEU A 1 120 ? -6.843  6.716   -2.730  1.00 21.73 ? 120 LEU A CD2 1 
ATOM   763  N  N   . VAL A 1 121 ? -4.174  2.921   -1.965  1.00 13.57 ? 121 VAL A N   1 
ATOM   764  C  CA  . VAL A 1 121 ? -3.519  2.271   -3.091  1.00 12.65 ? 121 VAL A CA  1 
ATOM   765  C  C   . VAL A 1 121 ? -4.494  2.120   -4.244  1.00 15.39 ? 121 VAL A C   1 
ATOM   766  O  O   . VAL A 1 121 ? -5.602  1.618   -4.062  1.00 14.58 ? 121 VAL A O   1 
ATOM   767  C  CB  . VAL A 1 121 ? -2.812  0.941   -2.695  1.00 15.96 ? 121 VAL A CB  1 
ATOM   768  C  CG1 . VAL A 1 121 ? -2.084  0.320   -3.886  1.00 15.80 ? 121 VAL A CG1 1 
ATOM   769  C  CG2 . VAL A 1 121 ? -1.835  1.155   -1.539  1.00 15.73 ? 121 VAL A CG2 1 
ATOM   770  N  N   . VAL A 1 122 ? -4.095  2.618   -5.416  1.00 11.55 ? 122 VAL A N   1 
ATOM   771  C  CA  . VAL A 1 122 ? -4.871  2.483   -6.638  1.00 10.90 ? 122 VAL A CA  1 
ATOM   772  C  C   . VAL A 1 122 ? -4.060  1.581   -7.545  1.00 14.58 ? 122 VAL A C   1 
ATOM   773  O  O   . VAL A 1 122 ? -2.966  1.952   -7.953  1.00 13.45 ? 122 VAL A O   1 
ATOM   774  C  CB  . VAL A 1 122 ? -5.261  3.819   -7.321  1.00 15.06 ? 122 VAL A CB  1 
ATOM   775  C  CG1 . VAL A 1 122 ? -6.078  3.565   -8.604  1.00 14.98 ? 122 VAL A CG1 1 
ATOM   776  C  CG2 . VAL A 1 122 ? -6.035  4.730   -6.356  1.00 14.37 ? 122 VAL A CG2 1 
ATOM   777  N  N   . ASN A 1 123 ? -4.578  0.371   -7.806  1.00 11.96 ? 123 ASN A N   1 
ATOM   778  C  CA  . ASN A 1 123 ? -3.959  -0.619  -8.681  1.00 11.86 ? 123 ASN A CA  1 
ATOM   779  C  C   . ASN A 1 123 ? -4.708  -0.570  -10.023 1.00 16.40 ? 123 ASN A C   1 
ATOM   780  O  O   . ASN A 1 123 ? -5.936  -0.611  -10.040 1.00 15.13 ? 123 ASN A O   1 
ATOM   781  C  CB  . ASN A 1 123 ? -4.018  -1.997  -8.006  1.00 13.23 ? 123 ASN A CB  1 
ATOM   782  C  CG  . ASN A 1 123 ? -3.629  -3.162  -8.870  1.00 29.34 ? 123 ASN A CG  1 
ATOM   783  O  OD1 . ASN A 1 123 ? -4.387  -3.602  -9.737  1.00 19.76 ? 123 ASN A OD1 1 
ATOM   784  N  ND2 . ASN A 1 123 ? -2.463  -3.717  -8.611  1.00 25.63 ? 123 ASN A ND2 1 
HETATM 785  N  N   . MSE A 1 124 ? -3.968  -0.451  -11.137 1.00 15.91 ? 124 MSE A N   1 
HETATM 786  C  CA  . MSE A 1 124 ? -4.525  -0.314  -12.491 1.00 16.63 ? 124 MSE A CA  1 
HETATM 787  C  C   . MSE A 1 124 ? -4.121  -1.459  -13.396 1.00 21.21 ? 124 MSE A C   1 
HETATM 788  O  O   . MSE A 1 124 ? -2.991  -1.931  -13.328 1.00 20.74 ? 124 MSE A O   1 
HETATM 789  C  CB  . MSE A 1 124 ? -4.001  0.974   -13.167 1.00 19.16 ? 124 MSE A CB  1 
HETATM 790  C  CG  . MSE A 1 124 ? -4.308  2.243   -12.429 1.00 27.59 ? 124 MSE A CG  1 
HETATM 791  SE SE  . MSE A 1 124 ? -2.862  3.536   -12.604 1.00 35.99 ? 124 MSE A SE  1 
HETATM 792  C  CE  . MSE A 1 124 ? -2.083  3.274   -10.849 1.00 32.77 ? 124 MSE A CE  1 
ATOM   793  N  N   . ARG A 1 125 ? -5.001  -1.830  -14.319 1.00 18.75 ? 125 ARG A N   1 
ATOM   794  C  CA  . ARG A 1 125 ? -4.681  -2.837  -15.330 1.00 18.86 ? 125 ARG A CA  1 
ATOM   795  C  C   . ARG A 1 125 ? -5.512  -2.617  -16.582 1.00 21.81 ? 125 ARG A C   1 
ATOM   796  O  O   . ARG A 1 125 ? -6.637  -2.129  -16.472 1.00 21.47 ? 125 ARG A O   1 
ATOM   797  C  CB  . ARG A 1 125 ? -4.775  -4.288  -14.797 1.00 20.06 ? 125 ARG A CB  1 
ATOM   798  C  CG  . ARG A 1 125 ? -6.180  -4.820  -14.528 1.00 34.44 ? 125 ARG A CG  1 
ATOM   799  C  CD  . ARG A 1 125 ? -6.127  -6.249  -14.010 1.00 42.61 ? 125 ARG A CD  1 
ATOM   800  N  NE  . ARG A 1 125 ? -5.658  -6.313  -12.624 1.00 51.63 ? 125 ARG A NE  1 
ATOM   801  C  CZ  . ARG A 1 125 ? -5.462  -7.436  -11.939 1.00 60.81 ? 125 ARG A CZ  1 
ATOM   802  N  NH1 . ARG A 1 125 ? -5.696  -8.615  -12.501 1.00 36.33 ? 125 ARG A NH1 1 
ATOM   803  N  NH2 . ARG A 1 125 ? -5.035  -7.387  -10.685 1.00 53.32 ? 125 ARG A NH2 1 
ATOM   804  N  N   . PRO A 1 126 ? -4.992  -2.940  -17.786 1.00 17.76 ? 126 PRO A N   1 
ATOM   805  C  CA  . PRO A 1 126 ? -5.822  -2.783  -18.986 1.00 17.14 ? 126 PRO A CA  1 
ATOM   806  C  C   . PRO A 1 126 ? -6.880  -3.891  -19.005 1.00 19.42 ? 126 PRO A C   1 
ATOM   807  O  O   . PRO A 1 126 ? -6.662  -4.961  -18.446 1.00 18.41 ? 126 PRO A O   1 
ATOM   808  C  CB  . PRO A 1 126 ? -4.819  -2.950  -20.145 1.00 18.76 ? 126 PRO A CB  1 
ATOM   809  C  CG  . PRO A 1 126 ? -3.483  -3.060  -19.527 1.00 23.00 ? 126 PRO A CG  1 
ATOM   810  C  CD  . PRO A 1 126 ? -3.677  -3.518  -18.129 1.00 18.39 ? 126 PRO A CD  1 
ATOM   811  N  N   . THR A 1 127 ? -8.018  -3.645  -19.637 1.00 15.76 ? 127 THR A N   1 
ATOM   812  C  CA  . THR A 1 127 ? -9.044  -4.688  -19.716 1.00 15.36 ? 127 THR A CA  1 
ATOM   813  C  C   . THR A 1 127 ? -8.821  -5.501  -21.000 1.00 19.88 ? 127 THR A C   1 
ATOM   814  O  O   . THR A 1 127 ? -9.478  -6.516  -21.227 1.00 19.55 ? 127 THR A O   1 
ATOM   815  C  CB  . THR A 1 127 ? -10.435 -4.070  -19.694 1.00 17.77 ? 127 THR A CB  1 
ATOM   816  O  OG1 . THR A 1 127 ? -10.589 -3.297  -20.869 1.00 18.86 ? 127 THR A OG1 1 
ATOM   817  C  CG2 . THR A 1 127 ? -10.695 -3.215  -18.463 1.00 17.08 ? 127 THR A CG2 1 
ATOM   818  N  N   . ARG A 1 128 ? -7.899  -5.021  -21.846 1.00 16.17 ? 128 ARG A N   1 
ATOM   819  C  CA  . ARG A 1 128 ? -7.593  -5.594  -23.150 1.00 15.54 ? 128 ARG A CA  1 
ATOM   820  C  C   . ARG A 1 128 ? -6.155  -6.043  -23.214 1.00 17.18 ? 128 ARG A C   1 
ATOM   821  O  O   . ARG A 1 128 ? -5.292  -5.387  -22.633 1.00 17.13 ? 128 ARG A O   1 
ATOM   822  C  CB  . ARG A 1 128 ? -7.832  -4.545  -24.260 1.00 16.51 ? 128 ARG A CB  1 
ATOM   823  C  CG  . ARG A 1 128 ? -9.170  -3.788  -24.172 1.00 26.79 ? 128 ARG A CG  1 
ATOM   824  C  CD  . ARG A 1 128 ? -10.330 -4.619  -24.655 1.00 31.94 ? 128 ARG A CD  1 
ATOM   825  N  NE  . ARG A 1 128 ? -10.036 -5.169  -25.973 1.00 45.23 ? 128 ARG A NE  1 
ATOM   826  C  CZ  . ARG A 1 128 ? -10.883 -5.871  -26.708 1.00 56.77 ? 128 ARG A CZ  1 
ATOM   827  N  NH1 . ARG A 1 128 ? -12.113 -6.108  -26.271 1.00 47.08 ? 128 ARG A NH1 1 
ATOM   828  N  NH2 . ARG A 1 128 ? -10.517 -6.327  -27.893 1.00 43.44 ? 128 ARG A NH2 1 
ATOM   829  N  N   . PRO A 1 129 ? -5.853  -7.121  -23.961 1.00 12.71 ? 129 PRO A N   1 
ATOM   830  C  CA  . PRO A 1 129 ? -4.453  -7.521  -24.103 1.00 11.48 ? 129 PRO A CA  1 
ATOM   831  C  C   . PRO A 1 129 ? -3.836  -6.761  -25.270 1.00 14.86 ? 129 PRO A C   1 
ATOM   832  O  O   . PRO A 1 129 ? -4.537  -5.998  -25.964 1.00 14.33 ? 129 PRO A O   1 
ATOM   833  C  CB  . PRO A 1 129 ? -4.551  -9.029  -24.380 1.00 12.90 ? 129 PRO A CB  1 
ATOM   834  C  CG  . PRO A 1 129 ? -5.891  -9.217  -25.022 1.00 18.07 ? 129 PRO A CG  1 
ATOM   835  C  CD  . PRO A 1 129 ? -6.743  -8.001  -24.755 1.00 14.26 ? 129 PRO A CD  1 
ATOM   836  N  N   . ASN A 1 130 ? -2.528  -6.955  -25.481 1.00 10.74 ? 130 ASN A N   1 
ATOM   837  C  CA  . ASN A 1 130 ? -1.777  -6.383  -26.596 1.00 11.00 ? 130 ASN A CA  1 
ATOM   838  C  C   . ASN A 1 130 ? -1.783  -4.846  -26.672 1.00 15.27 ? 130 ASN A C   1 
ATOM   839  O  O   . ASN A 1 130 ? -1.694  -4.275  -27.757 1.00 13.41 ? 130 ASN A O   1 
ATOM   840  C  CB  . ASN A 1 130 ? -2.164  -7.077  -27.925 1.00 10.53 ? 130 ASN A CB  1 
ATOM   841  C  CG  . ASN A 1 130 ? -1.836  -8.553  -27.914 1.00 24.08 ? 130 ASN A CG  1 
ATOM   842  O  OD1 . ASN A 1 130 ? -2.661  -9.401  -27.553 1.00 16.10 ? 130 ASN A OD1 1 
ATOM   843  N  ND2 . ASN A 1 130 ? -0.588  -8.879  -28.194 1.00 18.34 ? 130 ASN A ND2 1 
ATOM   844  N  N   . ARG A 1 131 ? -1.869  -4.189  -25.503 1.00 14.13 ? 131 ARG A N   1 
ATOM   845  C  CA  . ARG A 1 131 ? -1.856  -2.727  -25.388 1.00 15.07 ? 131 ARG A CA  1 
ATOM   846  C  C   . ARG A 1 131 ? -0.557  -2.307  -24.744 1.00 20.52 ? 131 ARG A C   1 
ATOM   847  O  O   . ARG A 1 131 ? -0.131  -2.938  -23.775 1.00 21.77 ? 131 ARG A O   1 
ATOM   848  C  CB  . ARG A 1 131 ? -3.051  -2.202  -24.550 1.00 16.20 ? 131 ARG A CB  1 
ATOM   849  C  CG  . ARG A 1 131 ? -4.437  -2.657  -25.024 1.00 20.87 ? 131 ARG A CG  1 
ATOM   850  C  CD  . ARG A 1 131 ? -4.731  -2.266  -26.460 1.00 20.70 ? 131 ARG A CD  1 
ATOM   851  N  NE  . ARG A 1 131 ? -5.989  -2.832  -26.948 1.00 23.37 ? 131 ARG A NE  1 
ATOM   852  C  CZ  . ARG A 1 131 ? -7.124  -2.150  -27.046 1.00 37.30 ? 131 ARG A CZ  1 
ATOM   853  N  NH1 . ARG A 1 131 ? -7.167  -0.867  -26.709 1.00 25.84 ? 131 ARG A NH1 1 
ATOM   854  N  NH2 . ARG A 1 131 ? -8.225  -2.742  -27.496 1.00 25.37 ? 131 ARG A NH2 1 
ATOM   855  N  N   . CYS A 1 132 ? 0.093   -1.272  -25.286 1.00 15.78 ? 132 CYS A N   1 
ATOM   856  C  CA  A CYS A 1 132 ? 1.342   -0.785  -24.715 0.50 15.14 ? 132 CYS A CA  1 
ATOM   857  C  CA  B CYS A 1 132 ? 1.346   -0.792  -24.730 0.50 16.47 ? 132 CYS A CA  1 
ATOM   858  C  C   . CYS A 1 132 ? 1.276   0.705   -24.483 1.00 19.33 ? 132 CYS A C   1 
ATOM   859  O  O   . CYS A 1 132 ? 1.248   1.498   -25.436 1.00 19.30 ? 132 CYS A O   1 
ATOM   860  C  CB  A CYS A 1 132 ? 2.547   -1.176  -25.564 0.50 15.13 ? 132 CYS A CB  1 
ATOM   861  C  CB  B CYS A 1 132 ? 2.532   -1.184  -25.608 0.50 17.70 ? 132 CYS A CB  1 
ATOM   862  S  SG  A CYS A 1 132 ? 2.305   -0.944  -27.338 0.50 18.87 ? 132 CYS A SG  1 
ATOM   863  S  SG  B CYS A 1 132 ? 3.011   -2.929  -25.460 0.50 22.31 ? 132 CYS A SG  1 
ATOM   864  N  N   . TYR A 1 133 ? 1.193   1.073   -23.204 1.00 13.74 ? 133 TYR A N   1 
ATOM   865  C  CA  . TYR A 1 133 ? 1.118   2.442   -22.736 1.00 12.64 ? 133 TYR A CA  1 
ATOM   866  C  C   . TYR A 1 133 ? 1.506   2.495   -21.267 1.00 15.45 ? 133 TYR A C   1 
ATOM   867  O  O   . TYR A 1 133 ? 1.625   1.455   -20.622 1.00 13.26 ? 133 TYR A O   1 
ATOM   868  C  CB  . TYR A 1 133 ? -0.282  3.048   -22.977 1.00 12.31 ? 133 TYR A CB  1 
ATOM   869  C  CG  . TYR A 1 133 ? -1.418  2.326   -22.285 1.00 12.43 ? 133 TYR A CG  1 
ATOM   870  C  CD1 . TYR A 1 133 ? -1.674  2.523   -20.926 1.00 14.01 ? 133 TYR A CD1 1 
ATOM   871  C  CD2 . TYR A 1 133 ? -2.287  1.505   -23.000 1.00 12.16 ? 133 TYR A CD2 1 
ATOM   872  C  CE1 . TYR A 1 133 ? -2.741  1.886   -20.293 1.00 15.24 ? 133 TYR A CE1 1 
ATOM   873  C  CE2 . TYR A 1 133 ? -3.346  0.853   -22.374 1.00 12.04 ? 133 TYR A CE2 1 
ATOM   874  C  CZ  . TYR A 1 133 ? -3.592  1.075   -21.030 1.00 16.59 ? 133 TYR A CZ  1 
ATOM   875  O  OH  . TYR A 1 133 ? -4.654  0.461   -20.425 1.00 16.51 ? 133 TYR A OH  1 
ATOM   876  N  N   . LYS A 1 134 ? 1.735   3.702   -20.757 1.00 13.12 ? 134 LYS A N   1 
ATOM   877  C  CA  . LYS A 1 134 ? 2.056   3.903   -19.352 1.00 13.87 ? 134 LYS A CA  1 
ATOM   878  C  C   . LYS A 1 134 ? 0.877   4.557   -18.642 1.00 16.35 ? 134 LYS A C   1 
ATOM   879  O  O   . LYS A 1 134 ? 0.089   5.272   -19.269 1.00 15.37 ? 134 LYS A O   1 
ATOM   880  C  CB  . LYS A 1 134 ? 3.332   4.746   -19.198 1.00 17.15 ? 134 LYS A CB  1 
ATOM   881  C  CG  . LYS A 1 134 ? 4.604   3.909   -19.269 1.00 32.34 ? 134 LYS A CG  1 
ATOM   882  C  CD  . LYS A 1 134 ? 5.769   4.576   -18.526 1.00 45.36 ? 134 LYS A CD  1 
ATOM   883  C  CE  . LYS A 1 134 ? 6.003   3.943   -17.168 1.00 57.51 ? 134 LYS A CE  1 
ATOM   884  N  NZ  . LYS A 1 134 ? 6.882   4.769   -16.296 1.00 64.04 ? 134 LYS A NZ  1 
ATOM   885  N  N   . PHE A 1 135 ? 0.723   4.269   -17.348 1.00 12.50 ? 135 PHE A N   1 
ATOM   886  C  CA  . PHE A 1 135 ? -0.337  4.871   -16.549 1.00 10.86 ? 135 PHE A CA  1 
ATOM   887  C  C   . PHE A 1 135 ? 0.130   6.205   -15.978 1.00 14.34 ? 135 PHE A C   1 
ATOM   888  O  O   . PHE A 1 135 ? 1.313   6.382   -15.691 1.00 14.02 ? 135 PHE A O   1 
ATOM   889  C  CB  . PHE A 1 135 ? -0.822  3.941   -15.431 1.00 10.92 ? 135 PHE A CB  1 
ATOM   890  C  CG  . PHE A 1 135 ? -1.680  2.804   -15.926 1.00 10.61 ? 135 PHE A CG  1 
ATOM   891  C  CD1 . PHE A 1 135 ? -3.017  3.014   -16.261 1.00 11.35 ? 135 PHE A CD1 1 
ATOM   892  C  CD2 . PHE A 1 135 ? -1.161  1.521   -16.040 1.00 11.67 ? 135 PHE A CD2 1 
ATOM   893  C  CE1 . PHE A 1 135 ? -3.807  1.963   -16.725 1.00 12.06 ? 135 PHE A CE1 1 
ATOM   894  C  CE2 . PHE A 1 135 ? -1.953  0.469   -16.510 1.00 13.75 ? 135 PHE A CE2 1 
ATOM   895  C  CZ  . PHE A 1 135 ? -3.276  0.697   -16.834 1.00 11.27 ? 135 PHE A CZ  1 
ATOM   896  N  N   . LEU A 1 136 ? -0.803  7.147   -15.860 1.00 10.88 ? 136 LEU A N   1 
ATOM   897  C  CA  . LEU A 1 136 ? -0.564  8.483   -15.322 1.00 11.15 ? 136 LEU A CA  1 
ATOM   898  C  C   . LEU A 1 136 ? -1.539  8.722   -14.180 1.00 15.10 ? 136 LEU A C   1 
ATOM   899  O  O   . LEU A 1 136 ? -2.678  8.251   -14.231 1.00 13.85 ? 136 LEU A O   1 
ATOM   900  C  CB  . LEU A 1 136 ? -0.731  9.558   -16.420 1.00 11.28 ? 136 LEU A CB  1 
ATOM   901  C  CG  . LEU A 1 136 ? 0.166   9.427   -17.660 1.00 16.30 ? 136 LEU A CG  1 
ATOM   902  C  CD1 . LEU A 1 136 ? -0.131  10.519  -18.659 1.00 16.26 ? 136 LEU A CD1 1 
ATOM   903  C  CD2 . LEU A 1 136 ? 1.620   9.501   -17.286 1.00 19.30 ? 136 LEU A CD2 1 
ATOM   904  N  N   . ALA A 1 137 ? -1.095  9.436   -13.141 1.00 12.03 ? 137 ALA A N   1 
ATOM   905  C  CA  . ALA A 1 137 ? -1.930  9.674   -11.970 1.00 12.15 ? 137 ALA A CA  1 
ATOM   906  C  C   . ALA A 1 137 ? -1.657  11.028  -11.338 1.00 19.12 ? 137 ALA A C   1 
ATOM   907  O  O   . ALA A 1 137 ? -0.581  11.606  -11.523 1.00 20.51 ? 137 ALA A O   1 
ATOM   908  C  CB  . ALA A 1 137 ? -1.687  8.577   -10.941 1.00 12.78 ? 137 ALA A CB  1 
ATOM   909  N  N   . GLN A 1 138 ? -2.636  11.514  -10.581 1.00 15.82 ? 138 GLN A N   1 
ATOM   910  C  CA  . GLN A 1 138 ? -2.572  12.709  -9.742  1.00 16.23 ? 138 GLN A CA  1 
ATOM   911  C  C   . GLN A 1 138 ? -3.675  12.672  -8.706  1.00 18.79 ? 138 GLN A C   1 
ATOM   912  O  O   . GLN A 1 138 ? -4.751  12.135  -8.963  1.00 19.08 ? 138 GLN A O   1 
ATOM   913  C  CB  . GLN A 1 138 ? -2.513  14.039  -10.521 1.00 17.83 ? 138 GLN A CB  1 
ATOM   914  C  CG  . GLN A 1 138 ? -2.063  15.248  -9.672  1.00 25.55 ? 138 GLN A CG  1 
ATOM   915  C  CD  . GLN A 1 138 ? -0.724  15.078  -8.977  1.00 35.94 ? 138 GLN A CD  1 
ATOM   916  O  OE1 . GLN A 1 138 ? -0.620  14.484  -7.895  1.00 24.97 ? 138 GLN A OE1 1 
ATOM   917  N  NE2 . GLN A 1 138 ? 0.323   15.653  -9.550  1.00 30.74 ? 138 GLN A NE2 1 
ATOM   918  N  N   . HIS A 1 139 ? -3.373  13.168  -7.511  1.00 15.46 ? 139 HIS A N   1 
ATOM   919  C  CA  . HIS A 1 139 ? -4.293  13.158  -6.379  1.00 15.29 ? 139 HIS A CA  1 
ATOM   920  C  C   . HIS A 1 139 ? -4.418  14.550  -5.762  1.00 19.16 ? 139 HIS A C   1 
ATOM   921  O  O   . HIS A 1 139 ? -3.700  15.466  -6.143  1.00 16.81 ? 139 HIS A O   1 
ATOM   922  C  CB  . HIS A 1 139 ? -3.778  12.156  -5.318  1.00 15.80 ? 139 HIS A CB  1 
ATOM   923  C  CG  . HIS A 1 139 ? -2.523  12.623  -4.658  1.00 19.17 ? 139 HIS A CG  1 
ATOM   924  N  ND1 . HIS A 1 139 ? -1.310  12.550  -5.301  1.00 20.95 ? 139 HIS A ND1 1 
ATOM   925  C  CD2 . HIS A 1 139 ? -2.354  13.259  -3.476  1.00 21.39 ? 139 HIS A CD2 1 
ATOM   926  C  CE1 . HIS A 1 139 ? -0.434  13.120  -4.492  1.00 20.73 ? 139 HIS A CE1 1 
ATOM   927  N  NE2 . HIS A 1 139 ? -1.019  13.574  -3.385  1.00 21.35 ? 139 HIS A NE2 1 
ATOM   928  N  N   . ALA A 1 140 ? -5.299  14.681  -4.773  1.00 18.15 ? 140 ALA A N   1 
ATOM   929  C  CA  . ALA A 1 140 ? -5.476  15.890  -3.974  1.00 19.25 ? 140 ALA A CA  1 
ATOM   930  C  C   . ALA A 1 140 ? -6.007  15.445  -2.625  1.00 25.28 ? 140 ALA A C   1 
ATOM   931  O  O   . ALA A 1 140 ? -6.804  14.509  -2.560  1.00 24.61 ? 140 ALA A O   1 
ATOM   932  C  CB  . ALA A 1 140 ? -6.437  16.863  -4.646  1.00 19.73 ? 140 ALA A CB  1 
ATOM   933  N  N   . LEU A 1 141 ? -5.510  16.063  -1.542  1.00 24.16 ? 141 LEU A N   1 
ATOM   934  C  CA  . LEU A 1 141 ? -5.923  15.734  -0.174  1.00 39.11 ? 141 LEU A CA  1 
ATOM   935  C  C   . LEU A 1 141 ? -6.663  16.902  0.458   1.00 76.46 ? 141 LEU A C   1 
ATOM   936  O  O   . LEU A 1 141 ? -7.713  17.299  -0.041  1.00 45.87 ? 141 LEU A O   1 
ATOM   937  C  CB  . LEU A 1 141 ? -4.712  15.336  0.687   1.00 38.86 ? 141 LEU A CB  1 
ATOM   938  C  CG  . LEU A 1 141 ? -3.896  14.118  0.244   1.00 42.61 ? 141 LEU A CG  1 
ATOM   939  C  CD1 . LEU A 1 141 ? -2.616  14.012  1.045   1.00 42.64 ? 141 LEU A CD1 1 
ATOM   940  C  CD2 . LEU A 1 141 ? -4.690  12.830  0.386   1.00 43.93 ? 141 LEU A CD2 1 
ATOM   941  N  N   . TYR A 1 147 ? -16.508 21.589  -2.259  1.00 27.50 ? 147 TYR A N   1 
ATOM   942  C  CA  . TYR A 1 147 ? -16.939 21.516  -3.657  1.00 27.37 ? 147 TYR A CA  1 
ATOM   943  C  C   . TYR A 1 147 ? -16.816 20.109  -4.257  1.00 29.74 ? 147 TYR A C   1 
ATOM   944  O  O   . TYR A 1 147 ? -16.117 19.254  -3.709  1.00 31.13 ? 147 TYR A O   1 
ATOM   945  C  CB  . TYR A 1 147 ? -16.201 22.553  -4.525  1.00 28.89 ? 147 TYR A CB  1 
ATOM   946  N  N   . VAL A 1 148 ? -17.528 19.871  -5.370  1.00 23.26 ? 148 VAL A N   1 
ATOM   947  C  CA  . VAL A 1 148 ? -17.563 18.597  -6.093  1.00 20.94 ? 148 VAL A CA  1 
ATOM   948  C  C   . VAL A 1 148 ? -16.398 18.603  -7.111  1.00 22.58 ? 148 VAL A C   1 
ATOM   949  O  O   . VAL A 1 148 ? -16.324 19.528  -7.923  1.00 21.86 ? 148 VAL A O   1 
ATOM   950  C  CB  . VAL A 1 148 ? -18.947 18.380  -6.783  1.00 23.11 ? 148 VAL A CB  1 
ATOM   951  C  CG1 . VAL A 1 148 ? -19.046 16.998  -7.409  1.00 22.23 ? 148 VAL A CG1 1 
ATOM   952  C  CG2 . VAL A 1 148 ? -20.103 18.614  -5.810  1.00 22.41 ? 148 VAL A CG2 1 
ATOM   953  N  N   . PRO A 1 149 ? -15.462 17.622  -7.070  1.00 17.21 ? 149 PRO A N   1 
ATOM   954  C  CA  . PRO A 1 149 ? -14.361 17.631  -8.051  1.00 16.19 ? 149 PRO A CA  1 
ATOM   955  C  C   . PRO A 1 149 ? -14.845 17.323  -9.470  1.00 18.85 ? 149 PRO A C   1 
ATOM   956  O  O   . PRO A 1 149 ? -15.864 16.652  -9.639  1.00 16.93 ? 149 PRO A O   1 
ATOM   957  C  CB  . PRO A 1 149 ? -13.432 16.522  -7.556  1.00 17.72 ? 149 PRO A CB  1 
ATOM   958  C  CG  . PRO A 1 149 ? -14.306 15.608  -6.759  1.00 21.43 ? 149 PRO A CG  1 
ATOM   959  C  CD  . PRO A 1 149 ? -15.387 16.448  -6.169  1.00 17.40 ? 149 PRO A CD  1 
ATOM   960  N  N   . HIS A 1 150 ? -14.099 17.804  -10.483 1.00 15.26 ? 150 HIS A N   1 
ATOM   961  C  CA  . HIS A 1 150 ? -14.391 17.537  -11.891 1.00 14.51 ? 150 HIS A CA  1 
ATOM   962  C  C   . HIS A 1 150 ? -14.227 16.037  -12.125 1.00 18.40 ? 150 HIS A C   1 
ATOM   963  O  O   . HIS A 1 150 ? -13.304 15.434  -11.588 1.00 18.05 ? 150 HIS A O   1 
ATOM   964  C  CB  . HIS A 1 150 ? -13.410 18.286  -12.814 1.00 14.92 ? 150 HIS A CB  1 
ATOM   965  C  CG  . HIS A 1 150 ? -13.387 19.775  -12.647 1.00 18.13 ? 150 HIS A CG  1 
ATOM   966  N  ND1 . HIS A 1 150 ? -14.451 20.563  -13.045 1.00 19.39 ? 150 HIS A ND1 1 
ATOM   967  C  CD2 . HIS A 1 150 ? -12.399 20.578  -12.181 1.00 20.15 ? 150 HIS A CD2 1 
ATOM   968  C  CE1 . HIS A 1 150 ? -14.096 21.811  -12.783 1.00 18.96 ? 150 HIS A CE1 1 
ATOM   969  N  NE2 . HIS A 1 150 ? -12.867 21.871  -12.265 1.00 19.61 ? 150 HIS A NE2 1 
ATOM   970  N  N   . ASP A 1 151 ? -15.112 15.435  -12.920 1.00 14.98 ? 151 ASP A N   1 
ATOM   971  C  CA  . ASP A 1 151 ? -15.004 14.014  -13.241 1.00 14.22 ? 151 ASP A CA  1 
ATOM   972  C  C   . ASP A 1 151 ? -13.867 13.775  -14.209 1.00 15.73 ? 151 ASP A C   1 
ATOM   973  O  O   . ASP A 1 151 ? -13.235 12.714  -14.166 1.00 14.13 ? 151 ASP A O   1 
ATOM   974  C  CB  . ASP A 1 151 ? -16.307 13.489  -13.858 1.00 16.22 ? 151 ASP A CB  1 
ATOM   975  C  CG  . ASP A 1 151 ? -16.947 12.428  -12.998 1.00 35.22 ? 151 ASP A CG  1 
ATOM   976  O  OD1 . ASP A 1 151 ? -16.665 11.246  -13.222 1.00 37.39 ? 151 ASP A OD1 1 
ATOM   977  O  OD2 . ASP A 1 151 ? -17.659 12.792  -12.040 1.00 45.15 ? 151 ASP A OD2 1 
ATOM   978  N  N   . VAL A 1 152 ? -13.663 14.736  -15.132 1.00 11.11 ? 152 VAL A N   1 
ATOM   979  C  CA  . VAL A 1 152 ? -12.678 14.641  -16.196 1.00 11.95 ? 152 VAL A CA  1 
ATOM   980  C  C   . VAL A 1 152 ? -11.833 15.898  -16.238 1.00 16.18 ? 152 VAL A C   1 
ATOM   981  O  O   . VAL A 1 152 ? -12.364 17.013  -16.295 1.00 16.47 ? 152 VAL A O   1 
ATOM   982  C  CB  . VAL A 1 152 ? -13.309 14.344  -17.599 1.00 16.21 ? 152 VAL A CB  1 
ATOM   983  C  CG1 . VAL A 1 152 ? -12.266 13.772  -18.554 1.00 15.96 ? 152 VAL A CG1 1 
ATOM   984  C  CG2 . VAL A 1 152 ? -14.502 13.399  -17.507 1.00 16.19 ? 152 VAL A CG2 1 
ATOM   985  N  N   . ILE A 1 153 ? -10.517 15.710  -16.220 1.00 11.83 ? 153 ILE A N   1 
ATOM   986  C  CA  . ILE A 1 153 ? -9.546  16.802  -16.284 1.00 11.63 ? 153 ILE A CA  1 
ATOM   987  C  C   . ILE A 1 153 ? -8.539  16.506  -17.394 1.00 16.70 ? 153 ILE A C   1 
ATOM   988  O  O   . ILE A 1 153 ? -8.449  15.370  -17.866 1.00 15.98 ? 153 ILE A O   1 
ATOM   989  C  CB  . ILE A 1 153 ? -8.844  17.070  -14.911 1.00 13.67 ? 153 ILE A CB  1 
ATOM   990  C  CG1 . ILE A 1 153 ? -7.997  15.849  -14.444 1.00 13.45 ? 153 ILE A CG1 1 
ATOM   991  C  CG2 . ILE A 1 153 ? -9.845  17.542  -13.842 1.00 13.09 ? 153 ILE A CG2 1 
ATOM   992  C  CD1 . ILE A 1 153 ? -7.086  16.085  -13.224 1.00 11.46 ? 153 ILE A CD1 1 
ATOM   993  N  N   . ARG A 1 154 ? -7.776  17.513  -17.787 1.00 13.80 ? 154 ARG A N   1 
ATOM   994  C  CA  . ARG A 1 154 ? -6.723  17.370  -18.783 1.00 13.43 ? 154 ARG A CA  1 
ATOM   995  C  C   . ARG A 1 154 ? -5.450  16.983  -18.063 1.00 16.63 ? 154 ARG A C   1 
ATOM   996  O  O   . ARG A 1 154 ? -5.261  17.377  -16.921 1.00 16.37 ? 154 ARG A O   1 
ATOM   997  C  CB  . ARG A 1 154 ? -6.508  18.697  -19.535 1.00 12.06 ? 154 ARG A CB  1 
ATOM   998  C  CG  . ARG A 1 154 ? -7.739  19.178  -20.304 1.00 18.39 ? 154 ARG A CG  1 
ATOM   999  C  CD  . ARG A 1 154 ? -8.131  18.280  -21.463 1.00 19.27 ? 154 ARG A CD  1 
ATOM   1000 N  NE  . ARG A 1 154 ? -7.119  18.259  -22.517 1.00 14.54 ? 154 ARG A NE  1 
ATOM   1001 C  CZ  . ARG A 1 154 ? -7.369  17.933  -23.778 1.00 32.52 ? 154 ARG A CZ  1 
ATOM   1002 N  NH1 . ARG A 1 154 ? -8.595  17.597  -24.152 1.00 25.67 ? 154 ARG A NH1 1 
ATOM   1003 N  NH2 . ARG A 1 154 ? -6.393  17.944  -24.677 1.00 18.65 ? 154 ARG A NH2 1 
ATOM   1004 N  N   . ILE A 1 155 ? -4.575  16.224  -18.720 1.00 13.52 ? 155 ILE A N   1 
ATOM   1005 C  CA  . ILE A 1 155 ? -3.291  15.842  -18.135 1.00 13.41 ? 155 ILE A CA  1 
ATOM   1006 C  C   . ILE A 1 155 ? -2.388  17.080  -18.118 1.00 17.43 ? 155 ILE A C   1 
ATOM   1007 O  O   . ILE A 1 155 ? -2.195  17.699  -19.156 1.00 16.81 ? 155 ILE A O   1 
ATOM   1008 C  CB  . ILE A 1 155 ? -2.628  14.686  -18.927 1.00 15.99 ? 155 ILE A CB  1 
ATOM   1009 C  CG1 . ILE A 1 155 ? -3.470  13.391  -18.886 1.00 15.54 ? 155 ILE A CG1 1 
ATOM   1010 C  CG2 . ILE A 1 155 ? -1.210  14.448  -18.433 1.00 16.24 ? 155 ILE A CG2 1 
ATOM   1011 C  CD1 . ILE A 1 155 ? -3.007  12.265  -19.904 1.00 13.10 ? 155 ILE A CD1 1 
ATOM   1012 N  N   . VAL A 1 156 ? -1.873  17.454  -16.941 1.00 14.49 ? 156 VAL A N   1 
ATOM   1013 C  CA  . VAL A 1 156 ? -0.967  18.592  -16.774 1.00 14.71 ? 156 VAL A CA  1 
ATOM   1014 C  C   . VAL A 1 156 ? 0.098   18.190  -15.769 1.00 19.92 ? 156 VAL A C   1 
ATOM   1015 O  O   . VAL A 1 156 ? -0.183  18.143  -14.563 1.00 19.75 ? 156 VAL A O   1 
ATOM   1016 C  CB  . VAL A 1 156 ? -1.655  19.923  -16.341 1.00 18.31 ? 156 VAL A CB  1 
ATOM   1017 C  CG1 . VAL A 1 156 ? -0.643  21.071  -16.297 1.00 18.21 ? 156 VAL A CG1 1 
ATOM   1018 C  CG2 . VAL A 1 156 ? -2.832  20.284  -17.236 1.00 17.83 ? 156 VAL A CG2 1 
ATOM   1019 N  N   . GLU A 1 157 ? 1.324   17.930  -16.261 1.00 17.27 ? 157 GLU A N   1 
ATOM   1020 C  CA  . GLU A 1 157 ? 2.486   17.558  -15.436 1.00 17.13 ? 157 GLU A CA  1 
ATOM   1021 C  C   . GLU A 1 157 ? 2.095   16.481  -14.409 1.00 22.42 ? 157 GLU A C   1 
ATOM   1022 O  O   . GLU A 1 157 ? 2.040   16.767  -13.208 1.00 22.74 ? 157 GLU A O   1 
ATOM   1023 C  CB  . GLU A 1 157 ? 3.089   18.818  -14.764 1.00 18.15 ? 157 GLU A CB  1 
ATOM   1024 C  CG  . GLU A 1 157 ? 3.575   19.865  -15.758 1.00 22.51 ? 157 GLU A CG  1 
ATOM   1025 C  CD  . GLU A 1 157 ? 4.805   19.532  -16.587 1.00 32.30 ? 157 GLU A CD  1 
ATOM   1026 O  OE1 . GLU A 1 157 ? 5.257   18.364  -16.571 1.00 25.20 ? 157 GLU A OE1 1 
ATOM   1027 O  OE2 . GLU A 1 157 ? 5.297   20.442  -17.293 1.00 26.39 ? 157 GLU A OE2 1 
ATOM   1028 N  N   . PRO A 1 158 ? 1.710   15.268  -14.865 1.00 19.43 ? 158 PRO A N   1 
ATOM   1029 C  CA  . PRO A 1 158 ? 1.231   14.263  -13.912 1.00 18.82 ? 158 PRO A CA  1 
ATOM   1030 C  C   . PRO A 1 158 ? 2.359   13.491  -13.264 1.00 20.48 ? 158 PRO A C   1 
ATOM   1031 O  O   . PRO A 1 158 ? 3.531   13.671  -13.602 1.00 19.65 ? 158 PRO A O   1 
ATOM   1032 C  CB  . PRO A 1 158 ? 0.418   13.324  -14.812 1.00 20.81 ? 158 PRO A CB  1 
ATOM   1033 C  CG  . PRO A 1 158 ? 1.206   13.306  -16.084 1.00 25.81 ? 158 PRO A CG  1 
ATOM   1034 C  CD  . PRO A 1 158 ? 1.693   14.736  -16.250 1.00 21.35 ? 158 PRO A CD  1 
ATOM   1035 N  N   . SER A 1 159 ? 1.987   12.586  -12.371 1.00 15.65 ? 159 SER A N   1 
ATOM   1036 C  CA  . SER A 1 159 ? 2.932   11.647  -11.809 1.00 15.06 ? 159 SER A CA  1 
ATOM   1037 C  C   . SER A 1 159 ? 2.875   10.440  -12.740 1.00 19.39 ? 159 SER A C   1 
ATOM   1038 O  O   . SER A 1 159 ? 1.785   10.014  -13.143 1.00 17.60 ? 159 SER A O   1 
ATOM   1039 C  CB  . SER A 1 159 ? 2.535   11.240  -10.393 1.00 15.72 ? 159 SER A CB  1 
ATOM   1040 O  OG  . SER A 1 159 ? 3.477   10.300  -9.907  1.00 21.27 ? 159 SER A OG  1 
ATOM   1041 N  N   . TRP A 1 160 ? 4.039   9.911   -13.098 1.00 18.45 ? 160 TRP A N   1 
ATOM   1042 C  CA  . TRP A 1 160 ? 4.117   8.748   -13.962 1.00 19.54 ? 160 TRP A CA  1 
ATOM   1043 C  C   . TRP A 1 160 ? 4.086   7.494   -13.111 1.00 20.56 ? 160 TRP A C   1 
ATOM   1044 O  O   . TRP A 1 160 ? 4.909   7.345   -12.218 1.00 20.38 ? 160 TRP A O   1 
ATOM   1045 C  CB  . TRP A 1 160 ? 5.379   8.813   -14.827 1.00 19.96 ? 160 TRP A CB  1 
ATOM   1046 C  CG  . TRP A 1 160 ? 5.298   9.867   -15.893 1.00 22.08 ? 160 TRP A CG  1 
ATOM   1047 C  CD1 . TRP A 1 160 ? 5.385   11.217  -15.724 1.00 25.14 ? 160 TRP A CD1 1 
ATOM   1048 C  CD2 . TRP A 1 160 ? 5.074   9.649   -17.292 1.00 22.35 ? 160 TRP A CD2 1 
ATOM   1049 N  NE1 . TRP A 1 160 ? 5.230   11.856  -16.933 1.00 25.35 ? 160 TRP A NE1 1 
ATOM   1050 C  CE2 . TRP A 1 160 ? 5.032   10.918  -17.912 1.00 26.74 ? 160 TRP A CE2 1 
ATOM   1051 C  CE3 . TRP A 1 160 ? 4.860   8.502   -18.079 1.00 23.71 ? 160 TRP A CE3 1 
ATOM   1052 C  CZ2 . TRP A 1 160 ? 4.825   11.072  -19.286 1.00 26.08 ? 160 TRP A CZ2 1 
ATOM   1053 C  CZ3 . TRP A 1 160 ? 4.646   8.656   -19.437 1.00 25.53 ? 160 TRP A CZ3 1 
ATOM   1054 C  CH2 . TRP A 1 160 ? 4.625   9.928   -20.025 1.00 26.33 ? 160 TRP A CH2 1 
ATOM   1055 N  N   . VAL A 1 161 ? 3.123   6.606   -13.357 1.00 16.59 ? 161 VAL A N   1 
ATOM   1056 C  CA  . VAL A 1 161 ? 3.023   5.352   -12.602 1.00 16.36 ? 161 VAL A CA  1 
ATOM   1057 C  C   . VAL A 1 161 ? 4.041   4.348   -13.152 1.00 19.74 ? 161 VAL A C   1 
ATOM   1058 O  O   . VAL A 1 161 ? 4.105   4.151   -14.362 1.00 19.54 ? 161 VAL A O   1 
ATOM   1059 C  CB  . VAL A 1 161 ? 1.581   4.774   -12.607 1.00 20.13 ? 161 VAL A CB  1 
ATOM   1060 C  CG1 . VAL A 1 161 ? 1.489   3.505   -11.763 1.00 19.59 ? 161 VAL A CG1 1 
ATOM   1061 C  CG2 . VAL A 1 161 ? 0.558   5.810   -12.133 1.00 19.90 ? 161 VAL A CG2 1 
ATOM   1062 N  N   . GLY A 1 162 ? 4.792   3.711   -12.252 1.00 18.02 ? 162 GLY A N   1 
ATOM   1063 C  CA  . GLY A 1 162 ? 5.770   2.670   -12.570 1.00 18.80 ? 162 GLY A CA  1 
ATOM   1064 C  C   . GLY A 1 162 ? 5.148   1.360   -13.036 1.00 23.31 ? 162 GLY A C   1 
ATOM   1065 O  O   . GLY A 1 162 ? 3.921   1.205   -13.019 1.00 22.94 ? 162 GLY A O   1 
ATOM   1066 N  N   . SER A 1 163 ? 6.000   0.387   -13.409 1.00 20.56 ? 163 SER A N   1 
ATOM   1067 C  CA  . SER A 1 163 ? 5.625   -0.932  -13.942 1.00 20.94 ? 163 SER A CA  1 
ATOM   1068 C  C   . SER A 1 163 ? 4.800   -1.853  -13.017 1.00 25.70 ? 163 SER A C   1 
ATOM   1069 O  O   . SER A 1 163 ? 4.208   -2.818  -13.506 1.00 25.76 ? 163 SER A O   1 
ATOM   1070 C  CB  . SER A 1 163 ? 6.837   -1.653  -14.533 1.00 24.48 ? 163 SER A CB  1 
ATOM   1071 O  OG  . SER A 1 163 ? 7.698   -2.155  -13.525 1.00 35.32 ? 163 SER A OG  1 
ATOM   1072 N  N   . ASN A 1 164 ? 4.713   -1.538  -11.704 1.00 21.27 ? 164 ASN A N   1 
ATOM   1073 C  CA  . ASN A 1 164 ? 3.872   -2.318  -10.789 1.00 20.45 ? 164 ASN A CA  1 
ATOM   1074 C  C   . ASN A 1 164 ? 2.411   -1.873  -10.950 1.00 23.45 ? 164 ASN A C   1 
ATOM   1075 O  O   . ASN A 1 164 ? 1.512   -2.488  -10.372 1.00 23.87 ? 164 ASN A O   1 
ATOM   1076 C  CB  . ASN A 1 164 ? 4.354   -2.202  -9.326  1.00 20.03 ? 164 ASN A CB  1 
ATOM   1077 C  CG  . ASN A 1 164 ? 4.015   -0.913  -8.607  1.00 38.94 ? 164 ASN A CG  1 
ATOM   1078 O  OD1 . ASN A 1 164 ? 3.757   0.140   -9.207  1.00 26.27 ? 164 ASN A OD1 1 
ATOM   1079 N  ND2 . ASN A 1 164 ? 4.008   -0.976  -7.287  1.00 35.63 ? 164 ASN A ND2 1 
ATOM   1080 N  N   . ASN A 1 165 ? 2.191   -0.780  -11.722 1.00 18.05 ? 165 ASN A N   1 
ATOM   1081 C  CA  . ASN A 1 165 ? 0.882   -0.184  -12.044 1.00 17.47 ? 165 ASN A CA  1 
ATOM   1082 C  C   . ASN A 1 165 ? 0.077   0.151   -10.790 1.00 20.79 ? 165 ASN A C   1 
ATOM   1083 O  O   . ASN A 1 165 ? -1.126  -0.140  -10.696 1.00 20.43 ? 165 ASN A O   1 
ATOM   1084 C  CB  . ASN A 1 165 ? 0.092   -1.077  -13.024 1.00 16.94 ? 165 ASN A CB  1 
ATOM   1085 C  CG  . ASN A 1 165 ? 0.737   -1.275  -14.379 1.00 28.69 ? 165 ASN A CG  1 
ATOM   1086 O  OD1 . ASN A 1 165 ? 1.564   -0.482  -14.850 1.00 24.62 ? 165 ASN A OD1 1 
ATOM   1087 N  ND2 . ASN A 1 165 ? 0.341   -2.334  -15.050 1.00 18.94 ? 165 ASN A ND2 1 
ATOM   1088 N  N   . GLU A 1 166 ? 0.773   0.716   -9.798  1.00 17.28 ? 166 GLU A N   1 
ATOM   1089 C  CA  . GLU A 1 166 ? 0.174   1.100   -8.530  1.00 16.29 ? 166 GLU A CA  1 
ATOM   1090 C  C   . GLU A 1 166 ? 0.602   2.480   -8.121  1.00 19.67 ? 166 GLU A C   1 
ATOM   1091 O  O   . GLU A 1 166 ? 1.782   2.827   -8.207  1.00 20.31 ? 166 GLU A O   1 
ATOM   1092 C  CB  . GLU A 1 166 ? 0.483   0.089   -7.413  1.00 17.17 ? 166 GLU A CB  1 
ATOM   1093 C  CG  . GLU A 1 166 ? -0.329  -1.188  -7.495  1.00 22.24 ? 166 GLU A CG  1 
ATOM   1094 C  CD  . GLU A 1 166 ? -0.449  -2.012  -6.226  1.00 36.67 ? 166 GLU A CD  1 
ATOM   1095 O  OE1 . GLU A 1 166 ? 0.256   -1.717  -5.232  1.00 22.56 ? 166 GLU A OE1 1 
ATOM   1096 O  OE2 . GLU A 1 166 ? -1.246  -2.976  -6.236  1.00 20.43 ? 166 GLU A OE2 1 
ATOM   1097 N  N   . TYR A 1 167 ? -0.375  3.265   -7.677  1.00 14.88 ? 167 TYR A N   1 
ATOM   1098 C  CA  . TYR A 1 167 ? -0.196  4.613   -7.167  1.00 13.93 ? 167 TYR A CA  1 
ATOM   1099 C  C   . TYR A 1 167 ? -0.569  4.522   -5.697  1.00 18.15 ? 167 TYR A C   1 
ATOM   1100 O  O   . TYR A 1 167 ? -1.698  4.156   -5.357  1.00 18.66 ? 167 TYR A O   1 
ATOM   1101 C  CB  . TYR A 1 167 ? -1.071  5.604   -7.955  1.00 13.53 ? 167 TYR A CB  1 
ATOM   1102 C  CG  . TYR A 1 167 ? -0.755  7.062   -7.701  1.00 12.69 ? 167 TYR A CG  1 
ATOM   1103 C  CD1 . TYR A 1 167 ? 0.477   7.606   -8.072  1.00 14.01 ? 167 TYR A CD1 1 
ATOM   1104 C  CD2 . TYR A 1 167 ? -1.723  7.924   -7.202  1.00 12.33 ? 167 TYR A CD2 1 
ATOM   1105 C  CE1 . TYR A 1 167 ? 0.746   8.966   -7.906  1.00 12.33 ? 167 TYR A CE1 1 
ATOM   1106 C  CE2 . TYR A 1 167 ? -1.473  9.284   -7.050  1.00 12.64 ? 167 TYR A CE2 1 
ATOM   1107 C  CZ  . TYR A 1 167 ? -0.231  9.799   -7.378  1.00 16.98 ? 167 TYR A CZ  1 
ATOM   1108 O  OH  . TYR A 1 167 ? -0.014  11.146  -7.215  1.00 14.23 ? 167 TYR A OH  1 
ATOM   1109 N  N   . ARG A 1 168 ? 0.428   4.734   -4.835  1.00 13.72 ? 168 ARG A N   1 
ATOM   1110 C  CA  . ARG A 1 168 ? 0.348   4.564   -3.386  1.00 12.79 ? 168 ARG A CA  1 
ATOM   1111 C  C   . ARG A 1 168 ? 0.465   5.904   -2.655  1.00 15.92 ? 168 ARG A C   1 
ATOM   1112 O  O   . ARG A 1 168 ? 1.529   6.518   -2.675  1.00 16.07 ? 168 ARG A O   1 
ATOM   1113 C  CB  . ARG A 1 168 ? 1.439   3.574   -2.946  1.00 10.53 ? 168 ARG A CB  1 
ATOM   1114 C  CG  . ARG A 1 168 ? 1.400   2.249   -3.723  1.00 12.94 ? 168 ARG A CG  1 
ATOM   1115 C  CD  . ARG A 1 168 ? 2.457   1.276   -3.259  1.00 15.82 ? 168 ARG A CD  1 
ATOM   1116 N  NE  . ARG A 1 168 ? 2.312   -0.035  -3.897  1.00 20.62 ? 168 ARG A NE  1 
ATOM   1117 C  CZ  . ARG A 1 168 ? 3.227   -0.998  -3.852  1.00 27.55 ? 168 ARG A CZ  1 
ATOM   1118 N  NH1 . ARG A 1 168 ? 4.354   -0.822  -3.176  1.00 13.28 ? 168 ARG A NH1 1 
ATOM   1119 N  NH2 . ARG A 1 168 ? 3.020   -2.146  -4.479  1.00 18.87 ? 168 ARG A NH2 1 
ATOM   1120 N  N   . ILE A 1 169 ? -0.642  6.367   -2.046  1.00 10.98 ? 169 ILE A N   1 
ATOM   1121 C  CA  . ILE A 1 169 ? -0.724  7.673   -1.382  1.00 10.86 ? 169 ILE A CA  1 
ATOM   1122 C  C   . ILE A 1 169 ? -0.790  7.579   0.144   1.00 14.13 ? 169 ILE A C   1 
ATOM   1123 O  O   . ILE A 1 169 ? -1.782  7.092   0.678   1.00 12.81 ? 169 ILE A O   1 
ATOM   1124 C  CB  . ILE A 1 169 ? -1.938  8.493   -1.932  1.00 14.28 ? 169 ILE A CB  1 
ATOM   1125 C  CG1 . ILE A 1 169 ? -2.000  8.498   -3.477  1.00 14.59 ? 169 ILE A CG1 1 
ATOM   1126 C  CG2 . ILE A 1 169 ? -1.968  9.924   -1.365  1.00 16.19 ? 169 ILE A CG2 1 
ATOM   1127 C  CD1 . ILE A 1 169 ? -3.375  8.615   -4.003  1.00 18.22 ? 169 ILE A CD1 1 
ATOM   1128 N  N   . SER A 1 170 ? 0.214   8.135   0.836   1.00 12.49 ? 170 SER A N   1 
ATOM   1129 C  CA  . SER A 1 170 ? 0.251   8.206   2.303   1.00 13.06 ? 170 SER A CA  1 
ATOM   1130 C  C   . SER A 1 170 ? -0.800  9.193   2.769   1.00 18.37 ? 170 SER A C   1 
ATOM   1131 O  O   . SER A 1 170 ? -0.811  10.326  2.300   1.00 18.22 ? 170 SER A O   1 
ATOM   1132 C  CB  . SER A 1 170 ? 1.620   8.647   2.794   1.00 14.73 ? 170 SER A CB  1 
ATOM   1133 O  OG  . SER A 1 170 ? 1.576   8.889   4.188   1.00 24.14 ? 170 SER A OG  1 
ATOM   1134 N  N   . LEU A 1 171 ? -1.696  8.754   3.663   1.00 16.10 ? 171 LEU A N   1 
ATOM   1135 C  CA  . LEU A 1 171 ? -2.791  9.580   4.178   1.00 16.54 ? 171 LEU A CA  1 
ATOM   1136 C  C   . LEU A 1 171 ? -2.555  10.210  5.546   1.00 23.51 ? 171 LEU A C   1 
ATOM   1137 O  O   . LEU A 1 171 ? -3.316  11.111  5.902   1.00 24.79 ? 171 LEU A O   1 
ATOM   1138 C  CB  . LEU A 1 171 ? -4.138  8.815   4.173   1.00 16.37 ? 171 LEU A CB  1 
ATOM   1139 C  CG  . LEU A 1 171 ? -4.583  8.178   2.857   1.00 20.31 ? 171 LEU A CG  1 
ATOM   1140 C  CD1 . LEU A 1 171 ? -5.881  7.412   3.042   1.00 20.61 ? 171 LEU A CD1 1 
ATOM   1141 C  CD2 . LEU A 1 171 ? -4.746  9.222   1.758   1.00 20.64 ? 171 LEU A CD2 1 
ATOM   1142 N  N   . ALA A 1 172 ? -1.531  9.760   6.314   1.00 20.36 ? 172 ALA A N   1 
ATOM   1143 C  CA  . ALA A 1 172 ? -1.231  10.280  7.663   1.00 40.69 ? 172 ALA A CA  1 
ATOM   1144 C  C   . ALA A 1 172 ? -0.910  11.775  7.701   1.00 74.65 ? 172 ALA A C   1 
ATOM   1145 O  O   . ALA A 1 172 ? -0.267  12.293  6.793   1.00 49.94 ? 172 ALA A O   1 
ATOM   1146 C  CB  . ALA A 1 172 ? -0.099  9.491   8.298   1.00 41.38 ? 172 ALA A CB  1 
ATOM   1147 N  N   . THR A 1 188 ? -11.418 2.686   18.350  1.00 40.11 ? 188 THR A N   1 
ATOM   1148 C  CA  . THR A 1 188 ? -12.771 3.042   18.767  1.00 39.22 ? 188 THR A CA  1 
ATOM   1149 C  C   . THR A 1 188 ? -13.727 1.847   18.747  1.00 41.79 ? 188 THR A C   1 
ATOM   1150 O  O   . THR A 1 188 ? -13.450 0.821   18.116  1.00 42.35 ? 188 THR A O   1 
ATOM   1151 C  CB  . THR A 1 188 ? -13.298 4.267   18.013  1.00 43.96 ? 188 THR A CB  1 
ATOM   1152 O  OG1 . THR A 1 188 ? -13.113 4.067   16.613  1.00 45.24 ? 188 THR A OG1 1 
ATOM   1153 C  CG2 . THR A 1 188 ? -12.631 5.559   18.459  1.00 41.86 ? 188 THR A CG2 1 
ATOM   1154 N  N   . ASN A 1 189 ? -14.850 1.993   19.450  1.00 35.53 ? 189 ASN A N   1 
ATOM   1155 C  CA  . ASN A 1 189 ? -15.868 0.968   19.628  1.00 34.55 ? 189 ASN A CA  1 
ATOM   1156 C  C   . ASN A 1 189 ? -17.012 1.050   18.607  1.00 34.07 ? 189 ASN A C   1 
ATOM   1157 O  O   . ASN A 1 189 ? -17.615 0.031   18.253  1.00 32.40 ? 189 ASN A O   1 
ATOM   1158 C  CB  . ASN A 1 189 ? -16.414 1.103   21.038  1.00 38.79 ? 189 ASN A CB  1 
ATOM   1159 C  CG  . ASN A 1 189 ? -16.870 -0.189  21.607  1.00 60.45 ? 189 ASN A CG  1 
ATOM   1160 O  OD1 . ASN A 1 189 ? -16.075 -1.098  21.875  1.00 51.21 ? 189 ASN A OD1 1 
ATOM   1161 N  ND2 . ASN A 1 189 ? -18.170 -0.313  21.747  1.00 54.59 ? 189 ASN A ND2 1 
ATOM   1162 N  N   . SER A 1 190 ? -17.326 2.274   18.182  1.00 28.19 ? 190 SER A N   1 
ATOM   1163 C  CA  . SER A 1 190 ? -18.366 2.598   17.218  1.00 26.80 ? 190 SER A CA  1 
ATOM   1164 C  C   . SER A 1 190 ? -17.834 3.690   16.289  1.00 28.66 ? 190 SER A C   1 
ATOM   1165 O  O   . SER A 1 190 ? -16.843 4.352   16.619  1.00 27.57 ? 190 SER A O   1 
ATOM   1166 C  CB  . SER A 1 190 ? -19.616 3.088   17.942  1.00 29.66 ? 190 SER A CB  1 
ATOM   1167 O  OG  . SER A 1 190 ? -19.366 4.306   18.623  1.00 36.41 ? 190 SER A OG  1 
ATOM   1168 N  N   . PHE A 1 191 ? -18.474 3.862   15.122  1.00 25.05 ? 191 PHE A N   1 
ATOM   1169 C  CA  . PHE A 1 191 ? -18.123 4.924   14.177  1.00 24.20 ? 191 PHE A CA  1 
ATOM   1170 C  C   . PHE A 1 191 ? -18.450 6.309   14.813  1.00 28.22 ? 191 PHE A C   1 
ATOM   1171 O  O   . PHE A 1 191 ? -17.734 7.274   14.573  1.00 27.25 ? 191 PHE A O   1 
ATOM   1172 C  CB  . PHE A 1 191 ? -18.822 4.711   12.812  1.00 24.93 ? 191 PHE A CB  1 
ATOM   1173 C  CG  . PHE A 1 191 ? -18.630 5.845   11.834  1.00 25.75 ? 191 PHE A CG  1 
ATOM   1174 C  CD1 . PHE A 1 191 ? -17.353 6.247   11.447  1.00 28.25 ? 191 PHE A CD1 1 
ATOM   1175 C  CD2 . PHE A 1 191 ? -19.722 6.529   11.315  1.00 26.95 ? 191 PHE A CD2 1 
ATOM   1176 C  CE1 . PHE A 1 191 ? -17.176 7.326   10.577  1.00 28.50 ? 191 PHE A CE1 1 
ATOM   1177 C  CE2 . PHE A 1 191 ? -19.541 7.603   10.434  1.00 29.16 ? 191 PHE A CE2 1 
ATOM   1178 C  CZ  . PHE A 1 191 ? -18.273 7.986   10.063  1.00 27.06 ? 191 PHE A CZ  1 
ATOM   1179 N  N   . GLU A 1 192 ? -19.489 6.360   15.678  1.00 26.04 ? 192 GLU A N   1 
ATOM   1180 C  CA  . GLU A 1 192 ? -19.948 7.531   16.441  1.00 26.49 ? 192 GLU A CA  1 
ATOM   1181 C  C   . GLU A 1 192 ? -18.829 8.025   17.365  1.00 34.12 ? 192 GLU A C   1 
ATOM   1182 O  O   . GLU A 1 192 ? -18.549 9.217   17.388  1.00 34.33 ? 192 GLU A O   1 
ATOM   1183 C  CB  . GLU A 1 192 ? -21.180 7.161   17.287  1.00 27.68 ? 192 GLU A CB  1 
ATOM   1184 C  CG  . GLU A 1 192 ? -22.493 7.024   16.529  1.00 38.92 ? 192 GLU A CG  1 
ATOM   1185 C  CD  . GLU A 1 192 ? -22.501 6.142   15.293  1.00 54.63 ? 192 GLU A CD  1 
ATOM   1186 O  OE1 . GLU A 1 192 ? -22.131 4.947   15.390  1.00 32.22 ? 192 GLU A OE1 1 
ATOM   1187 O  OE2 . GLU A 1 192 ? -22.812 6.681   14.207  1.00 51.64 ? 192 GLU A OE2 1 
ATOM   1188 N  N   . GLN A 1 193 ? -18.183 7.095   18.111  1.00 33.16 ? 193 GLN A N   1 
ATOM   1189 C  CA  . GLN A 1 193 ? -17.064 7.367   19.018  1.00 34.30 ? 193 GLN A CA  1 
ATOM   1190 C  C   . GLN A 1 193 ? -15.823 7.776   18.229  1.00 40.87 ? 193 GLN A C   1 
ATOM   1191 O  O   . GLN A 1 193 ? -14.997 8.531   18.742  1.00 41.75 ? 193 GLN A O   1 
ATOM   1192 C  CB  . GLN A 1 193 ? -16.746 6.133   19.874  1.00 35.85 ? 193 GLN A CB  1 
ATOM   1193 C  CG  . GLN A 1 193 ? -17.615 5.999   21.124  1.00 56.18 ? 193 GLN A CG  1 
ATOM   1194 C  CD  . GLN A 1 193 ? -17.354 4.721   21.897  1.00 76.35 ? 193 GLN A CD  1 
ATOM   1195 O  OE1 . GLN A 1 193 ? -16.209 4.291   22.096  1.00 70.93 ? 193 GLN A OE1 1 
ATOM   1196 N  NE2 . GLN A 1 193 ? -18.418 4.107   22.395  1.00 69.04 ? 193 GLN A NE2 1 
ATOM   1197 N  N   . PHE A 1 194 ? -15.686 7.260   16.988  1.00 37.45 ? 194 PHE A N   1 
ATOM   1198 C  CA  . PHE A 1 194 ? -14.589 7.578   16.082  1.00 37.35 ? 194 PHE A CA  1 
ATOM   1199 C  C   . PHE A 1 194 ? -14.720 9.033   15.607  1.00 43.19 ? 194 PHE A C   1 
ATOM   1200 O  O   . PHE A 1 194 ? -13.710 9.730   15.476  1.00 42.24 ? 194 PHE A O   1 
ATOM   1201 C  CB  . PHE A 1 194 ? -14.561 6.589   14.910  1.00 38.78 ? 194 PHE A CB  1 
ATOM   1202 C  CG  . PHE A 1 194 ? -13.443 6.781   13.917  1.00 40.00 ? 194 PHE A CG  1 
ATOM   1203 C  CD1 . PHE A 1 194 ? -12.144 6.388   14.222  1.00 42.80 ? 194 PHE A CD1 1 
ATOM   1204 C  CD2 . PHE A 1 194 ? -13.695 7.318   12.658  1.00 41.78 ? 194 PHE A CD2 1 
ATOM   1205 C  CE1 . PHE A 1 194 ? -11.113 6.547   13.292  1.00 43.83 ? 194 PHE A CE1 1 
ATOM   1206 C  CE2 . PHE A 1 194 ? -12.665 7.468   11.725  1.00 44.65 ? 194 PHE A CE2 1 
ATOM   1207 C  CZ  . PHE A 1 194 ? -11.380 7.086   12.050  1.00 42.89 ? 194 PHE A CZ  1 
ATOM   1208 N  N   . ILE A 1 195 ? -15.973 9.494   15.409  1.00 41.66 ? 195 ILE A N   1 
ATOM   1209 C  CA  . ILE A 1 195 ? -16.290 10.870  15.025  1.00 42.53 ? 195 ILE A CA  1 
ATOM   1210 C  C   . ILE A 1 195 ? -16.180 11.793  16.259  1.00 47.60 ? 195 ILE A C   1 
ATOM   1211 O  O   . ILE A 1 195 ? -15.613 12.882  16.146  1.00 46.69 ? 195 ILE A O   1 
ATOM   1212 C  CB  . ILE A 1 195 ? -17.659 10.951  14.276  1.00 45.86 ? 195 ILE A CB  1 
ATOM   1213 C  CG1 . ILE A 1 195 ? -17.612 10.235  12.897  1.00 46.22 ? 195 ILE A CG1 1 
ATOM   1214 C  CG2 . ILE A 1 195 ? -18.191 12.389  14.144  1.00 47.18 ? 195 ILE A CG2 1 
ATOM   1215 C  CD1 . ILE A 1 195 ? -16.549 10.766  11.818  1.00 53.53 ? 195 ILE A CD1 1 
ATOM   1216 N  N   . ASP A 1 196 ? -16.673 11.326  17.436  1.00 45.83 ? 196 ASP A N   1 
ATOM   1217 C  CA  . ASP A 1 196 ? -16.634 12.058  18.715  1.00 46.24 ? 196 ASP A CA  1 
ATOM   1218 C  C   . ASP A 1 196 ? -15.208 12.385  19.187  1.00 50.68 ? 196 ASP A C   1 
ATOM   1219 O  O   . ASP A 1 196 ? -14.993 13.447  19.770  1.00 50.41 ? 196 ASP A O   1 
ATOM   1220 C  CB  . ASP A 1 196 ? -17.402 11.301  19.819  1.00 48.22 ? 196 ASP A CB  1 
ATOM   1221 C  CG  . ASP A 1 196 ? -18.921 11.377  19.751  1.00 61.27 ? 196 ASP A CG  1 
ATOM   1222 O  OD1 . ASP A 1 196 ? -19.447 12.346  19.155  1.00 62.53 ? 196 ASP A OD1 1 
ATOM   1223 O  OD2 . ASP A 1 196 ? -19.585 10.490  20.332  1.00 68.45 ? 196 ASP A OD2 1 
ATOM   1224 N  N   . ARG A 1 197 ? -14.247 11.474  18.937  1.00 47.62 ? 197 ARG A N   1 
ATOM   1225 C  CA  . ARG A 1 197 ? -12.836 11.646  19.305  1.00 47.75 ? 197 ARG A CA  1 
ATOM   1226 C  C   . ARG A 1 197 ? -12.046 12.378  18.204  1.00 52.71 ? 197 ARG A C   1 
ATOM   1227 O  O   . ARG A 1 197 ? -10.852 12.638  18.379  1.00 52.90 ? 197 ARG A O   1 
ATOM   1228 C  CB  . ARG A 1 197 ? -12.189 10.287  19.638  1.00 47.83 ? 197 ARG A CB  1 
ATOM   1229 N  N   . VAL A 1 198 ? -12.727 12.720  17.079  1.00 48.75 ? 198 VAL A N   1 
ATOM   1230 C  CA  . VAL A 1 198 ? -12.194 13.418  15.904  1.00 66.85 ? 198 VAL A CA  1 
ATOM   1231 C  C   . VAL A 1 198 ? -10.975 12.737  15.272  1.00 78.74 ? 198 VAL A C   1 
ATOM   1232 O  O   . VAL A 1 198 ? -9.832  13.093  15.556  1.00 43.02 ? 198 VAL A O   1 
ATOM   1233 C  CB  . VAL A 1 198 ? -11.999 14.938  16.139  1.00 70.79 ? 198 VAL A CB  1 
ATOM   1234 N  N   . PHE A 1 203 ? -5.842  11.559  9.500   1.00 48.73 ? 203 PHE A N   1 
ATOM   1235 C  CA  . PHE A 1 203 ? -5.573  11.145  8.124   1.00 48.60 ? 203 PHE A CA  1 
ATOM   1236 C  C   . PHE A 1 203 ? -6.518  11.798  7.107   1.00 49.62 ? 203 PHE A C   1 
ATOM   1237 O  O   . PHE A 1 203 ? -7.725  11.852  7.333   1.00 48.64 ? 203 PHE A O   1 
ATOM   1238 C  CB  . PHE A 1 203 ? -5.514  9.609   7.985   1.00 50.99 ? 203 PHE A CB  1 
ATOM   1239 C  CG  . PHE A 1 203 ? -6.800  8.863   8.252   1.00 53.33 ? 203 PHE A CG  1 
ATOM   1240 C  CD1 . PHE A 1 203 ? -7.251  8.660   9.553   1.00 57.18 ? 203 PHE A CD1 1 
ATOM   1241 C  CD2 . PHE A 1 203 ? -7.532  8.314   7.207   1.00 56.46 ? 203 PHE A CD2 1 
ATOM   1242 C  CE1 . PHE A 1 203 ? -8.438  7.965   9.800   1.00 58.73 ? 203 PHE A CE1 1 
ATOM   1243 C  CE2 . PHE A 1 203 ? -8.714  7.608   7.454   1.00 59.94 ? 203 PHE A CE2 1 
ATOM   1244 C  CZ  . PHE A 1 203 ? -9.162  7.443   8.750   1.00 58.24 ? 203 PHE A CZ  1 
ATOM   1245 N  N   . TYR A 1 204 ? -5.946  12.302  5.994   1.00 44.32 ? 204 TYR A N   1 
ATOM   1246 C  CA  . TYR A 1 204 ? -6.615  13.042  4.913   1.00 43.05 ? 204 TYR A CA  1 
ATOM   1247 C  C   . TYR A 1 204 ? -7.563  12.229  4.030   1.00 41.23 ? 204 TYR A C   1 
ATOM   1248 O  O   . TYR A 1 204 ? -7.347  11.033  3.839   1.00 40.66 ? 204 TYR A O   1 
ATOM   1249 C  CB  . TYR A 1 204 ? -5.568  13.721  4.016   1.00 45.49 ? 204 TYR A CB  1 
ATOM   1250 C  CG  . TYR A 1 204 ? -4.673  14.704  4.735   1.00 49.53 ? 204 TYR A CG  1 
ATOM   1251 C  CD1 . TYR A 1 204 ? -5.042  16.040  4.875   1.00 52.08 ? 204 TYR A CD1 1 
ATOM   1252 C  CD2 . TYR A 1 204 ? -3.434  14.312  5.234   1.00 50.95 ? 204 TYR A CD2 1 
ATOM   1253 C  CE1 . TYR A 1 204 ? -4.211  16.955  5.522   1.00 53.91 ? 204 TYR A CE1 1 
ATOM   1254 C  CE2 . TYR A 1 204 ? -2.601  15.215  5.892   1.00 52.38 ? 204 TYR A CE2 1 
ATOM   1255 C  CZ  . TYR A 1 204 ? -2.991  16.536  6.031   1.00 61.86 ? 204 TYR A CZ  1 
ATOM   1256 O  OH  . TYR A 1 204 ? -2.163  17.427  6.671   1.00 65.53 ? 204 TYR A OH  1 
ATOM   1257 N  N   . LYS A 1 205 ? -8.591  12.907  3.455   1.00 34.04 ? 205 LYS A N   1 
ATOM   1258 C  CA  . LYS A 1 205 ? -9.565  12.322  2.524   1.00 31.87 ? 205 LYS A CA  1 
ATOM   1259 C  C   . LYS A 1 205 ? -9.044  12.507  1.079   1.00 30.58 ? 205 LYS A C   1 
ATOM   1260 O  O   . LYS A 1 205 ? -9.005  13.636  0.570   1.00 28.32 ? 205 LYS A O   1 
ATOM   1261 C  CB  . LYS A 1 205 ? -10.963 12.937  2.684   1.00 33.71 ? 205 LYS A CB  1 
ATOM   1262 C  CG  . LYS A 1 205 ? -11.984 12.354  1.693   1.00 41.03 ? 205 LYS A CG  1 
ATOM   1263 C  CD  . LYS A 1 205 ? -13.188 13.260  1.446   1.00 46.21 ? 205 LYS A CD  1 
ATOM   1264 C  CE  . LYS A 1 205 ? -12.899 14.546  0.704   1.00 55.09 ? 205 LYS A CE  1 
ATOM   1265 N  NZ  . LYS A 1 205 ? -12.506 14.304  -0.703  1.00 62.33 ? 205 LYS A NZ  1 
ATOM   1266 N  N   . PRO A 1 206 ? -8.675  11.401  0.396   1.00 24.84 ? 206 PRO A N   1 
ATOM   1267 C  CA  . PRO A 1 206 ? -8.103  11.540  -0.944  1.00 23.84 ? 206 PRO A CA  1 
ATOM   1268 C  C   . PRO A 1 206 ? -9.083  11.492  -2.104  1.00 25.19 ? 206 PRO A C   1 
ATOM   1269 O  O   . PRO A 1 206 ? -10.109 10.820  -2.059  1.00 25.24 ? 206 PRO A O   1 
ATOM   1270 C  CB  . PRO A 1 206 ? -7.134  10.363  -1.010  1.00 25.33 ? 206 PRO A CB  1 
ATOM   1271 C  CG  . PRO A 1 206 ? -7.810  9.305   -0.200  1.00 29.37 ? 206 PRO A CG  1 
ATOM   1272 C  CD  . PRO A 1 206 ? -8.630  9.993   0.850   1.00 25.32 ? 206 PRO A CD  1 
ATOM   1273 N  N   . ILE A 1 207 ? -8.728  12.203  -3.161  1.00 21.10 ? 207 ILE A N   1 
ATOM   1274 C  CA  . ILE A 1 207 ? -9.411  12.161  -4.451  1.00 20.79 ? 207 ILE A CA  1 
ATOM   1275 C  C   . ILE A 1 207 ? -8.291  11.829  -5.438  1.00 22.45 ? 207 ILE A C   1 
ATOM   1276 O  O   . ILE A 1 207 ? -7.164  12.276  -5.228  1.00 22.10 ? 207 ILE A O   1 
ATOM   1277 C  CB  . ILE A 1 207 ? -10.280 13.397  -4.814  1.00 23.95 ? 207 ILE A CB  1 
ATOM   1278 C  CG1 . ILE A 1 207 ? -9.479  14.703  -4.852  1.00 24.35 ? 207 ILE A CG1 1 
ATOM   1279 C  CG2 . ILE A 1 207 ? -11.512 13.495  -3.889  1.00 24.45 ? 207 ILE A CG2 1 
ATOM   1280 C  CD1 . ILE A 1 207 ? -10.074 15.788  -5.774  1.00 32.54 ? 207 ILE A CD1 1 
ATOM   1281 N  N   . VAL A 1 208 ? -8.546  10.940  -6.410  1.00 15.80 ? 208 VAL A N   1 
ATOM   1282 C  CA  . VAL A 1 208 ? -7.497  10.495  -7.334  1.00 14.27 ? 208 VAL A CA  1 
ATOM   1283 C  C   . VAL A 1 208 ? -8.027  10.483  -8.744  1.00 14.21 ? 208 VAL A C   1 
ATOM   1284 O  O   . VAL A 1 208 ? -9.191  10.147  -8.963  1.00 14.74 ? 208 VAL A O   1 
ATOM   1285 C  CB  . VAL A 1 208 ? -6.887  9.102   -6.935  1.00 18.33 ? 208 VAL A CB  1 
ATOM   1286 C  CG1 . VAL A 1 208 ? -5.628  8.771   -7.736  1.00 17.53 ? 208 VAL A CG1 1 
ATOM   1287 C  CG2 . VAL A 1 208 ? -6.585  9.023   -5.445  1.00 18.46 ? 208 VAL A CG2 1 
ATOM   1288 N  N   . TYR A 1 209 ? -7.162  10.872  -9.687  1.00 8.80  ? 209 TYR A N   1 
ATOM   1289 C  CA  . TYR A 1 209 ? -7.366  10.890  -11.134 1.00 7.93  ? 209 TYR A CA  1 
ATOM   1290 C  C   . TYR A 1 209 ? -6.365  9.937   -11.779 1.00 12.15 ? 209 TYR A C   1 
ATOM   1291 O  O   . TYR A 1 209 ? -5.193  9.907   -11.392 1.00 9.36  ? 209 TYR A O   1 
ATOM   1292 C  CB  . TYR A 1 209 ? -7.154  12.296  -11.707 1.00 7.20  ? 209 TYR A CB  1 
ATOM   1293 C  CG  . TYR A 1 209 ? -8.234  13.268  -11.304 1.00 7.55  ? 209 TYR A CG  1 
ATOM   1294 C  CD1 . TYR A 1 209 ? -9.398  13.404  -12.062 1.00 7.99  ? 209 TYR A CD1 1 
ATOM   1295 C  CD2 . TYR A 1 209 ? -8.092  14.064  -10.169 1.00 7.61  ? 209 TYR A CD2 1 
ATOM   1296 C  CE1 . TYR A 1 209 ? -10.399 14.291  -11.687 1.00 8.10  ? 209 TYR A CE1 1 
ATOM   1297 C  CE2 . TYR A 1 209 ? -9.072  14.971  -9.800  1.00 7.98  ? 209 TYR A CE2 1 
ATOM   1298 C  CZ  . TYR A 1 209 ? -10.227 15.076  -10.553 1.00 13.39 ? 209 TYR A CZ  1 
ATOM   1299 O  OH  . TYR A 1 209 ? -11.187 15.959  -10.142 1.00 9.93  ? 209 TYR A OH  1 
ATOM   1300 N  N   . ILE A 1 210 ? -6.825  9.174   -12.769 1.00 10.95 ? 210 ILE A N   1 
ATOM   1301 C  CA  . ILE A 1 210 ? -5.990  8.219   -13.499 1.00 11.22 ? 210 ILE A CA  1 
ATOM   1302 C  C   . ILE A 1 210 ? -6.155  8.453   -14.988 1.00 14.63 ? 210 ILE A C   1 
ATOM   1303 O  O   . ILE A 1 210 ? -7.282  8.596   -15.476 1.00 14.23 ? 210 ILE A O   1 
ATOM   1304 C  CB  . ILE A 1 210 ? -6.348  6.742   -13.092 1.00 14.42 ? 210 ILE A CB  1 
ATOM   1305 C  CG1 . ILE A 1 210 ? -5.993  6.426   -11.618 1.00 14.54 ? 210 ILE A CG1 1 
ATOM   1306 C  CG2 . ILE A 1 210 ? -5.773  5.684   -14.059 1.00 16.63 ? 210 ILE A CG2 1 
ATOM   1307 C  CD1 . ILE A 1 210 ? -4.524  6.381   -11.203 1.00 25.74 ? 210 ILE A CD1 1 
ATOM   1308 N  N   . GLY A 1 211 ? -5.029  8.435   -15.687 1.00 10.83 ? 211 GLY A N   1 
ATOM   1309 C  CA  . GLY A 1 211 ? -4.965  8.563   -17.133 1.00 11.15 ? 211 GLY A CA  1 
ATOM   1310 C  C   . GLY A 1 211 ? -3.881  7.688   -17.724 1.00 15.15 ? 211 GLY A C   1 
ATOM   1311 O  O   . GLY A 1 211 ? -3.280  6.862   -17.027 1.00 14.62 ? 211 GLY A O   1 
ATOM   1312 N  N   . THR A 1 212 ? -3.657  7.831   -19.035 1.00 11.32 ? 212 THR A N   1 
ATOM   1313 C  CA  . THR A 1 212 ? -2.617  7.082   -19.756 1.00 10.29 ? 212 THR A CA  1 
ATOM   1314 C  C   . THR A 1 212 ? -1.890  8.047   -20.667 1.00 14.05 ? 212 THR A C   1 
ATOM   1315 O  O   . THR A 1 212 ? -2.418  9.123   -20.959 1.00 13.65 ? 212 THR A O   1 
ATOM   1316 C  CB  . THR A 1 212 ? -3.193  5.894   -20.570 1.00 13.08 ? 212 THR A CB  1 
ATOM   1317 O  OG1 . THR A 1 212 ? -3.819  6.391   -21.741 1.00 15.71 ? 212 THR A OG1 1 
ATOM   1318 C  CG2 . THR A 1 212 ? -4.179  5.035   -19.787 1.00 11.70 ? 212 THR A CG2 1 
ATOM   1319 N  N   . ASP A 1 213 ? -0.718  7.646   -21.173 1.00 11.19 ? 213 ASP A N   1 
ATOM   1320 C  CA  . ASP A 1 213 ? 0.002   8.454   -22.152 1.00 10.93 ? 213 ASP A CA  1 
ATOM   1321 C  C   . ASP A 1 213 ? -0.355  7.951   -23.575 1.00 13.06 ? 213 ASP A C   1 
ATOM   1322 O  O   . ASP A 1 213 ? 0.364   8.229   -24.539 1.00 11.45 ? 213 ASP A O   1 
ATOM   1323 C  CB  . ASP A 1 213 ? 1.516   8.420   -21.875 1.00 12.23 ? 213 ASP A CB  1 
ATOM   1324 C  CG  . ASP A 1 213 ? 2.203   7.094   -22.146 1.00 19.62 ? 213 ASP A CG  1 
ATOM   1325 O  OD1 . ASP A 1 213 ? 1.493   6.066   -22.289 1.00 21.01 ? 213 ASP A OD1 1 
ATOM   1326 O  OD2 . ASP A 1 213 ? 3.443   7.072   -22.170 1.00 20.19 ? 213 ASP A OD2 1 
ATOM   1327 N  N   . SER A 1 214 ? -1.447  7.169   -23.679 1.00 10.05 ? 214 SER A N   1 
ATOM   1328 C  CA  . SER A 1 214 ? -1.913  6.576   -24.933 1.00 10.09 ? 214 SER A CA  1 
ATOM   1329 C  C   . SER A 1 214 ? -2.522  7.610   -25.884 1.00 15.83 ? 214 SER A C   1 
ATOM   1330 O  O   . SER A 1 214 ? -3.081  8.616   -25.437 1.00 15.86 ? 214 SER A O   1 
ATOM   1331 C  CB  . SER A 1 214 ? -2.916  5.471   -24.641 1.00 11.83 ? 214 SER A CB  1 
ATOM   1332 O  OG  . SER A 1 214 ? -3.501  4.931   -25.812 1.00 18.84 ? 214 SER A OG  1 
ATOM   1333 N  N   . ALA A 1 215 ? -2.426  7.341   -27.200 1.00 12.08 ? 215 ALA A N   1 
ATOM   1334 C  CA  . ALA A 1 215 ? -2.975  8.202   -28.243 1.00 11.94 ? 215 ALA A CA  1 
ATOM   1335 C  C   . ALA A 1 215 ? -4.389  7.768   -28.634 1.00 15.32 ? 215 ALA A C   1 
ATOM   1336 O  O   . ALA A 1 215 ? -5.008  8.376   -29.507 1.00 16.34 ? 215 ALA A O   1 
ATOM   1337 C  CB  . ALA A 1 215 ? -2.059  8.199   -29.452 1.00 13.01 ? 215 ALA A CB  1 
ATOM   1338 N  N   . GLU A 1 216 ? -4.907  6.730   -27.970 1.00 10.38 ? 216 GLU A N   1 
ATOM   1339 C  CA  . GLU A 1 216 ? -6.274  6.263   -28.140 1.00 10.35 ? 216 GLU A CA  1 
ATOM   1340 C  C   . GLU A 1 216 ? -6.950  6.131   -26.771 1.00 14.59 ? 216 GLU A C   1 
ATOM   1341 O  O   . GLU A 1 216 ? -6.296  6.166   -25.723 1.00 13.88 ? 216 GLU A O   1 
ATOM   1342 C  CB  . GLU A 1 216 ? -6.348  4.930   -28.919 1.00 11.97 ? 216 GLU A CB  1 
ATOM   1343 C  CG  . GLU A 1 216 ? -5.611  3.771   -28.258 1.00 18.51 ? 216 GLU A CG  1 
ATOM   1344 C  CD  . GLU A 1 216 ? -5.909  2.378   -28.780 1.00 33.80 ? 216 GLU A CD  1 
ATOM   1345 O  OE1 . GLU A 1 216 ? -6.582  2.252   -29.828 1.00 22.34 ? 216 GLU A OE1 1 
ATOM   1346 O  OE2 . GLU A 1 216 ? -5.424  1.406   -28.158 1.00 25.86 ? 216 GLU A OE2 1 
ATOM   1347 N  N   . GLU A 1 217 ? -8.262  5.988   -26.802 1.00 12.08 ? 217 GLU A N   1 
ATOM   1348 C  CA  . GLU A 1 217 ? -9.121  5.750   -25.656 1.00 12.54 ? 217 GLU A CA  1 
ATOM   1349 C  C   . GLU A 1 217 ? -8.721  4.399   -25.058 1.00 15.76 ? 217 GLU A C   1 
ATOM   1350 O  O   . GLU A 1 217 ? -8.409  3.471   -25.799 1.00 14.99 ? 217 GLU A O   1 
ATOM   1351 C  CB  . GLU A 1 217 ? -10.558 5.697   -26.174 1.00 14.24 ? 217 GLU A CB  1 
ATOM   1352 C  CG  . GLU A 1 217 ? -11.647 5.403   -25.166 1.00 28.16 ? 217 GLU A CG  1 
ATOM   1353 C  CD  . GLU A 1 217 ? -12.864 4.881   -25.901 1.00 48.19 ? 217 GLU A CD  1 
ATOM   1354 O  OE1 . GLU A 1 217 ? -12.831 3.704   -26.325 1.00 47.80 ? 217 GLU A OE1 1 
ATOM   1355 O  OE2 . GLU A 1 217 ? -13.778 5.686   -26.186 1.00 34.16 ? 217 GLU A OE2 1 
ATOM   1356 N  N   . GLU A 1 218 ? -8.657  4.311   -23.730 1.00 11.96 ? 218 GLU A N   1 
ATOM   1357 C  CA  . GLU A 1 218 ? -8.295  3.068   -23.077 1.00 11.77 ? 218 GLU A CA  1 
ATOM   1358 C  C   . GLU A 1 218 ? -9.243  2.739   -21.947 1.00 16.03 ? 218 GLU A C   1 
ATOM   1359 O  O   . GLU A 1 218 ? -9.511  3.590   -21.105 1.00 16.67 ? 218 GLU A O   1 
ATOM   1360 C  CB  . GLU A 1 218 ? -6.847  3.120   -22.537 1.00 13.20 ? 218 GLU A CB  1 
ATOM   1361 C  CG  . GLU A 1 218 ? -5.771  3.341   -23.590 1.00 20.84 ? 218 GLU A CG  1 
ATOM   1362 C  CD  . GLU A 1 218 ? -5.467  2.211   -24.560 1.00 28.75 ? 218 GLU A CD  1 
ATOM   1363 O  OE1 . GLU A 1 218 ? -5.980  1.084   -24.375 1.00 11.31 ? 218 GLU A OE1 1 
ATOM   1364 O  OE2 . GLU A 1 218 ? -4.652  2.446   -25.480 1.00 18.95 ? 218 GLU A OE2 1 
ATOM   1365 N  N   . GLU A 1 219 ? -9.709  1.497   -21.904 1.00 13.42 ? 219 GLU A N   1 
ATOM   1366 C  CA  . GLU A 1 219 ? -10.540 0.964   -20.823 1.00 13.87 ? 219 GLU A CA  1 
ATOM   1367 C  C   . GLU A 1 219 ? -9.603  0.399   -19.763 1.00 17.06 ? 219 GLU A C   1 
ATOM   1368 O  O   . GLU A 1 219 ? -8.753  -0.445  -20.065 1.00 16.22 ? 219 GLU A O   1 
ATOM   1369 C  CB  . GLU A 1 219 ? -11.463 -0.136  -21.331 1.00 15.40 ? 219 GLU A CB  1 
ATOM   1370 C  CG  . GLU A 1 219 ? -12.651 -0.341  -20.416 1.00 22.79 ? 219 GLU A CG  1 
ATOM   1371 C  CD  . GLU A 1 219 ? -13.592 -1.432  -20.875 1.00 43.54 ? 219 GLU A CD  1 
ATOM   1372 O  OE1 . GLU A 1 219 ? -14.663 -1.107  -21.439 1.00 45.96 ? 219 GLU A OE1 1 
ATOM   1373 O  OE2 . GLU A 1 219 ? -13.257 -2.618  -20.661 1.00 33.64 ? 219 GLU A OE2 1 
ATOM   1374 N  N   . ILE A 1 220 ? -9.748  0.881   -18.533 1.00 14.85 ? 220 ILE A N   1 
ATOM   1375 C  CA  . ILE A 1 220 ? -8.897  0.512   -17.399 1.00 15.90 ? 220 ILE A CA  1 
ATOM   1376 C  C   . ILE A 1 220 ? -9.712  -0.133  -16.284 1.00 18.38 ? 220 ILE A C   1 
ATOM   1377 O  O   . ILE A 1 220 ? -10.780 0.375   -15.937 1.00 17.53 ? 220 ILE A O   1 
ATOM   1378 C  CB  . ILE A 1 220 ? -8.201  1.810   -16.863 1.00 20.49 ? 220 ILE A CB  1 
ATOM   1379 C  CG1 . ILE A 1 220 ? -7.324  2.496   -17.942 1.00 22.15 ? 220 ILE A CG1 1 
ATOM   1380 C  CG2 . ILE A 1 220 ? -7.403  1.563   -15.566 1.00 21.81 ? 220 ILE A CG2 1 
ATOM   1381 C  CD1 . ILE A 1 220 ? -7.081  3.991   -17.629 1.00 34.86 ? 220 ILE A CD1 1 
ATOM   1382 N  N   . LEU A 1 221 ? -9.160  -1.187  -15.660 1.00 13.79 ? 221 LEU A N   1 
ATOM   1383 C  CA  . LEU A 1 221 ? -9.751  -1.776  -14.478 1.00 13.24 ? 221 LEU A CA  1 
ATOM   1384 C  C   . LEU A 1 221 ? -8.968  -1.239  -13.270 1.00 16.23 ? 221 LEU A C   1 
ATOM   1385 O  O   . LEU A 1 221 ? -7.740  -1.348  -13.218 1.00 14.95 ? 221 LEU A O   1 
ATOM   1386 C  CB  . LEU A 1 221 ? -9.768  -3.311  -14.506 1.00 13.46 ? 221 LEU A CB  1 
ATOM   1387 C  CG  . LEU A 1 221 ? -10.147 -3.984  -13.168 1.00 19.04 ? 221 LEU A CG  1 
ATOM   1388 C  CD1 . LEU A 1 221 ? -11.644 -3.929  -12.897 1.00 20.33 ? 221 LEU A CD1 1 
ATOM   1389 C  CD2 . LEU A 1 221 ? -9.677  -5.390  -13.123 1.00 22.87 ? 221 LEU A CD2 1 
ATOM   1390 N  N   . LEU A 1 222 ? -9.679  -0.617  -12.326 1.00 13.47 ? 222 LEU A N   1 
ATOM   1391 C  CA  . LEU A 1 222 ? -9.057  -0.040  -11.135 1.00 13.60 ? 222 LEU A CA  1 
ATOM   1392 C  C   . LEU A 1 222 ? -9.491  -0.785  -9.900  1.00 17.18 ? 222 LEU A C   1 
ATOM   1393 O  O   . LEU A 1 222 ? -10.650 -1.167  -9.778  1.00 16.51 ? 222 LEU A O   1 
ATOM   1394 C  CB  . LEU A 1 222 ? -9.428  1.444   -10.971 1.00 13.90 ? 222 LEU A CB  1 
ATOM   1395 C  CG  . LEU A 1 222 ? -9.192  2.368   -12.164 1.00 18.80 ? 222 LEU A CG  1 
ATOM   1396 C  CD1 . LEU A 1 222 ? -10.278 3.446   -12.230 1.00 19.42 ? 222 LEU A CD1 1 
ATOM   1397 C  CD2 . LEU A 1 222 ? -7.816  2.989   -12.111 1.00 18.06 ? 222 LEU A CD2 1 
ATOM   1398 N  N   . GLU A 1 223 ? -8.561  -0.962  -8.968  1.00 14.36 ? 223 GLU A N   1 
ATOM   1399 C  CA  . GLU A 1 223 ? -8.815  -1.590  -7.680  1.00 14.10 ? 223 GLU A CA  1 
ATOM   1400 C  C   . GLU A 1 223 ? -8.279  -0.614  -6.652  1.00 18.03 ? 223 GLU A C   1 
ATOM   1401 O  O   . GLU A 1 223 ? -7.102  -0.247  -6.701  1.00 18.56 ? 223 GLU A O   1 
ATOM   1402 C  CB  . GLU A 1 223 ? -8.128  -2.965  -7.580  1.00 15.49 ? 223 GLU A CB  1 
ATOM   1403 C  CG  . GLU A 1 223 ? -8.452  -3.698  -6.294  1.00 28.80 ? 223 GLU A CG  1 
ATOM   1404 C  CD  . GLU A 1 223 ? -7.483  -4.804  -5.924  1.00 49.12 ? 223 GLU A CD  1 
ATOM   1405 O  OE1 . GLU A 1 223 ? -7.735  -5.963  -6.322  1.00 42.24 ? 223 GLU A OE1 1 
ATOM   1406 O  OE2 . GLU A 1 223 ? -6.478  -4.517  -5.233  1.00 41.62 ? 223 GLU A OE2 1 
ATOM   1407 N  N   . VAL A 1 224 ? -9.160  -0.150  -5.767  1.00 13.59 ? 224 VAL A N   1 
ATOM   1408 C  CA  . VAL A 1 224 ? -8.824  0.818   -4.729  1.00 12.60 ? 224 VAL A CA  1 
ATOM   1409 C  C   . VAL A 1 224 ? -8.786  0.107   -3.385  1.00 15.97 ? 224 VAL A C   1 
ATOM   1410 O  O   . VAL A 1 224 ? -9.730  -0.593  -3.017  1.00 14.91 ? 224 VAL A O   1 
ATOM   1411 C  CB  . VAL A 1 224 ? -9.764  2.055   -4.755  1.00 16.00 ? 224 VAL A CB  1 
ATOM   1412 C  CG1 . VAL A 1 224 ? -9.444  3.047   -3.637  1.00 15.69 ? 224 VAL A CG1 1 
ATOM   1413 C  CG2 . VAL A 1 224 ? -9.707  2.747   -6.108  1.00 15.63 ? 224 VAL A CG2 1 
ATOM   1414 N  N   . SER A 1 225 ? -7.682  0.294   -2.663  1.00 11.86 ? 225 SER A N   1 
ATOM   1415 C  CA  . SER A 1 225 ? -7.448  -0.330  -1.371  1.00 11.13 ? 225 SER A CA  1 
ATOM   1416 C  C   . SER A 1 225 ? -6.891  0.642   -0.378  1.00 12.36 ? 225 SER A C   1 
ATOM   1417 O  O   . SER A 1 225 ? -6.306  1.654   -0.746  1.00 10.70 ? 225 SER A O   1 
ATOM   1418 C  CB  . SER A 1 225 ? -6.428  -1.462  -1.523  1.00 13.68 ? 225 SER A CB  1 
ATOM   1419 O  OG  . SER A 1 225 ? -6.958  -2.503  -2.326  1.00 27.77 ? 225 SER A OG  1 
ATOM   1420 N  N   . LEU A 1 226 ? -6.971  0.263   0.882   1.00 10.38 ? 226 LEU A N   1 
ATOM   1421 C  CA  . LEU A 1 226 ? -6.317  0.961   1.971   1.00 11.52 ? 226 LEU A CA  1 
ATOM   1422 C  C   . LEU A 1 226 ? -5.293  -0.023  2.521   1.00 16.43 ? 226 LEU A C   1 
ATOM   1423 O  O   . LEU A 1 226 ? -5.651  -1.159  2.851   1.00 15.47 ? 226 LEU A O   1 
ATOM   1424 C  CB  . LEU A 1 226 ? -7.303  1.361   3.083   1.00 11.66 ? 226 LEU A CB  1 
ATOM   1425 C  CG  . LEU A 1 226 ? -8.273  2.490   2.800   1.00 16.49 ? 226 LEU A CG  1 
ATOM   1426 C  CD1 . LEU A 1 226 ? -9.284  2.589   3.906   1.00 17.25 ? 226 LEU A CD1 1 
ATOM   1427 C  CD2 . LEU A 1 226 ? -7.555  3.843   2.640   1.00 18.05 ? 226 LEU A CD2 1 
ATOM   1428 N  N   . VAL A 1 227 ? -4.016  0.371   2.546   1.00 14.49 ? 227 VAL A N   1 
ATOM   1429 C  CA  . VAL A 1 227 ? -2.981  -0.476  3.128   1.00 14.37 ? 227 VAL A CA  1 
ATOM   1430 C  C   . VAL A 1 227 ? -2.545  0.158   4.440   1.00 17.18 ? 227 VAL A C   1 
ATOM   1431 O  O   . VAL A 1 227 ? -1.986  1.252   4.449   1.00 16.20 ? 227 VAL A O   1 
ATOM   1432 C  CB  . VAL A 1 227 ? -1.787  -0.835  2.202   1.00 17.97 ? 227 VAL A CB  1 
ATOM   1433 C  CG1 . VAL A 1 227 ? -0.735  -1.639  2.966   1.00 17.81 ? 227 VAL A CG1 1 
ATOM   1434 C  CG2 . VAL A 1 227 ? -2.254  -1.612  0.971   1.00 17.68 ? 227 VAL A CG2 1 
ATOM   1435 N  N   . PHE A 1 228 ? -2.821  -0.524  5.540   1.00 13.58 ? 228 PHE A N   1 
ATOM   1436 C  CA  . PHE A 1 228 ? -2.428  -0.067  6.866   1.00 13.15 ? 228 PHE A CA  1 
ATOM   1437 C  C   . PHE A 1 228 ? -1.052  -0.599  7.258   1.00 16.24 ? 228 PHE A C   1 
ATOM   1438 O  O   . PHE A 1 228 ? -0.754  -1.779  7.044   1.00 15.40 ? 228 PHE A O   1 
ATOM   1439 C  CB  . PHE A 1 228 ? -3.463  -0.523  7.907   1.00 14.81 ? 228 PHE A CB  1 
ATOM   1440 C  CG  . PHE A 1 228 ? -4.756  0.241   7.871   1.00 16.04 ? 228 PHE A CG  1 
ATOM   1441 C  CD1 . PHE A 1 228 ? -5.032  1.213   8.822   1.00 19.25 ? 228 PHE A CD1 1 
ATOM   1442 C  CD2 . PHE A 1 228 ? -5.721  -0.035  6.910   1.00 18.18 ? 228 PHE A CD2 1 
ATOM   1443 C  CE1 . PHE A 1 228 ? -6.236  1.924   8.786   1.00 20.04 ? 228 PHE A CE1 1 
ATOM   1444 C  CE2 . PHE A 1 228 ? -6.912  0.693   6.865   1.00 20.68 ? 228 PHE A CE2 1 
ATOM   1445 C  CZ  . PHE A 1 228 ? -7.167  1.658   7.809   1.00 18.39 ? 228 PHE A CZ  1 
ATOM   1446 N  N   . LYS A 1 229 ? -0.219  0.286   7.832   1.00 13.26 ? 229 LYS A N   1 
ATOM   1447 C  CA  . LYS A 1 229 ? 1.084   -0.030  8.409   1.00 12.62 ? 229 LYS A CA  1 
ATOM   1448 C  C   . LYS A 1 229 ? 0.858   -0.113  9.911   1.00 16.65 ? 229 LYS A C   1 
ATOM   1449 O  O   . LYS A 1 229 ? 0.461   0.875   10.525  1.00 17.48 ? 229 LYS A O   1 
ATOM   1450 C  CB  . LYS A 1 229 ? 2.143   1.027   8.039   1.00 14.21 ? 229 LYS A CB  1 
ATOM   1451 C  CG  . LYS A 1 229 ? 2.771   0.802   6.654   1.00 18.17 ? 229 LYS A CG  1 
ATOM   1452 C  CD  . LYS A 1 229 ? 3.264   -0.650  6.371   1.00 18.08 ? 229 LYS A CD  1 
ATOM   1453 C  CE  . LYS A 1 229 ? 4.323   -1.163  7.330   1.00 16.56 ? 229 LYS A CE  1 
ATOM   1454 N  NZ  . LYS A 1 229 ? 5.143   -2.249  6.735   1.00 17.83 ? 229 LYS A NZ  1 
ATOM   1455 N  N   . VAL A 1 230 ? 0.994   -1.314  10.483  1.00 13.10 ? 230 VAL A N   1 
ATOM   1456 C  CA  . VAL A 1 230 ? 0.668   -1.569  11.887  1.00 12.67 ? 230 VAL A CA  1 
ATOM   1457 C  C   . VAL A 1 230 ? 1.858   -2.064  12.712  1.00 18.81 ? 230 VAL A C   1 
ATOM   1458 O  O   . VAL A 1 230 ? 2.483   -3.085  12.400  1.00 18.10 ? 230 VAL A O   1 
ATOM   1459 C  CB  . VAL A 1 230 ? -0.579  -2.503  12.028  1.00 16.38 ? 230 VAL A CB  1 
ATOM   1460 C  CG1 . VAL A 1 230 ? -1.008  -2.654  13.489  1.00 15.64 ? 230 VAL A CG1 1 
ATOM   1461 C  CG2 . VAL A 1 230 ? -1.758  -2.016  11.171  1.00 15.76 ? 230 VAL A CG2 1 
ATOM   1462 N  N   . LYS A 1 231 ? 2.121   -1.348  13.811  1.00 16.06 ? 231 LYS A N   1 
ATOM   1463 C  CA  . LYS A 1 231 ? 3.169   -1.661  14.762  1.00 15.72 ? 231 LYS A CA  1 
ATOM   1464 C  C   . LYS A 1 231 ? 2.495   -2.349  15.953  1.00 17.94 ? 231 LYS A C   1 
ATOM   1465 O  O   . LYS A 1 231 ? 1.844   -1.691  16.768  1.00 18.76 ? 231 LYS A O   1 
ATOM   1466 C  CB  . LYS A 1 231 ? 3.877   -0.357  15.157  1.00 18.01 ? 231 LYS A CB  1 
ATOM   1467 C  CG  . LYS A 1 231 ? 5.201   -0.521  15.865  1.00 21.31 ? 231 LYS A CG  1 
ATOM   1468 C  CD  . LYS A 1 231 ? 5.693   0.852   16.343  1.00 24.53 ? 231 LYS A CD  1 
ATOM   1469 C  CE  . LYS A 1 231 ? 6.274   1.732   15.262  1.00 21.05 ? 231 LYS A CE  1 
ATOM   1470 N  NZ  . LYS A 1 231 ? 6.542   3.088   15.782  1.00 29.78 ? 231 LYS A NZ  1 
ATOM   1471 N  N   . GLU A 1 232 ? 2.593   -3.675  16.008  1.00 13.20 ? 232 GLU A N   1 
ATOM   1472 C  CA  . GLU A 1 232 ? 1.979   -4.505  17.046  1.00 12.97 ? 232 GLU A CA  1 
ATOM   1473 C  C   . GLU A 1 232 ? 2.906   -4.687  18.244  1.00 17.00 ? 232 GLU A C   1 
ATOM   1474 O  O   . GLU A 1 232 ? 4.060   -5.059  18.076  1.00 15.58 ? 232 GLU A O   1 
ATOM   1475 C  CB  . GLU A 1 232 ? 1.565   -5.876  16.467  1.00 13.95 ? 232 GLU A CB  1 
ATOM   1476 C  CG  . GLU A 1 232 ? 0.750   -6.748  17.423  1.00 18.27 ? 232 GLU A CG  1 
ATOM   1477 C  CD  . GLU A 1 232 ? 0.032   -7.939  16.807  1.00 29.35 ? 232 GLU A CD  1 
ATOM   1478 O  OE1 . GLU A 1 232 ? 0.308   -8.285  15.633  1.00 16.08 ? 232 GLU A OE1 1 
ATOM   1479 O  OE2 . GLU A 1 232 ? -0.843  -8.506  17.494  1.00 22.61 ? 232 GLU A OE2 1 
ATOM   1480 N  N   . PHE A 1 233 ? 2.385   -4.445  19.451  1.00 14.73 ? 233 PHE A N   1 
ATOM   1481 C  CA  . PHE A 1 233 ? 3.129   -4.627  20.701  1.00 14.65 ? 233 PHE A CA  1 
ATOM   1482 C  C   . PHE A 1 233 ? 2.525   -5.788  21.481  1.00 18.83 ? 233 PHE A C   1 
ATOM   1483 O  O   . PHE A 1 233 ? 1.782   -5.579  22.439  1.00 19.71 ? 233 PHE A O   1 
ATOM   1484 C  CB  . PHE A 1 233 ? 3.156   -3.328  21.528  1.00 16.31 ? 233 PHE A CB  1 
ATOM   1485 C  CG  . PHE A 1 233 ? 3.978   -2.239  20.891  1.00 18.21 ? 233 PHE A CG  1 
ATOM   1486 C  CD1 . PHE A 1 233 ? 5.347   -2.171  21.098  1.00 21.01 ? 233 PHE A CD1 1 
ATOM   1487 C  CD2 . PHE A 1 233 ? 3.386   -1.290  20.065  1.00 21.24 ? 233 PHE A CD2 1 
ATOM   1488 C  CE1 . PHE A 1 233 ? 6.113   -1.177  20.486  1.00 22.79 ? 233 PHE A CE1 1 
ATOM   1489 C  CE2 . PHE A 1 233 ? 4.150   -0.286  19.466  1.00 24.16 ? 233 PHE A CE2 1 
ATOM   1490 C  CZ  . PHE A 1 233 ? 5.504   -0.228  19.693  1.00 22.45 ? 233 PHE A CZ  1 
ATOM   1491 N  N   . ALA A 1 234 ? 2.815   -7.015  21.033  1.00 15.98 ? 234 ALA A N   1 
ATOM   1492 C  CA  . ALA A 1 234 ? 2.325   -8.254  21.650  1.00 15.39 ? 234 ALA A CA  1 
ATOM   1493 C  C   . ALA A 1 234 ? 3.226   -8.634  22.835  1.00 18.56 ? 234 ALA A C   1 
ATOM   1494 O  O   . ALA A 1 234 ? 4.395   -8.951  22.630  1.00 16.86 ? 234 ALA A O   1 
ATOM   1495 C  CB  . ALA A 1 234 ? 2.300   -9.381  20.622  1.00 15.74 ? 234 ALA A CB  1 
ATOM   1496 N  N   . PRO A 1 235 ? 2.707   -8.614  24.081  1.00 15.87 ? 235 PRO A N   1 
ATOM   1497 C  CA  . PRO A 1 235 ? 3.545   -9.000  25.227  1.00 15.87 ? 235 PRO A CA  1 
ATOM   1498 C  C   . PRO A 1 235 ? 4.061   -10.440 25.181  1.00 20.74 ? 235 PRO A C   1 
ATOM   1499 O  O   . PRO A 1 235 ? 3.471   -11.307 24.519  1.00 19.84 ? 235 PRO A O   1 
ATOM   1500 C  CB  . PRO A 1 235 ? 2.599   -8.824  26.417  1.00 17.45 ? 235 PRO A CB  1 
ATOM   1501 C  CG  . PRO A 1 235 ? 1.229   -8.962  25.838  1.00 21.52 ? 235 PRO A CG  1 
ATOM   1502 C  CD  . PRO A 1 235 ? 1.327   -8.297  24.510  1.00 17.23 ? 235 PRO A CD  1 
ATOM   1503 N  N   . ASP A 1 236 ? 5.142   -10.710 25.924  1.00 17.81 ? 236 ASP A N   1 
ATOM   1504 C  CA  . ASP A 1 236 ? 5.662   -12.071 26.038  1.00 17.62 ? 236 ASP A CA  1 
ATOM   1505 C  C   . ASP A 1 236 ? 4.789   -12.753 27.101  1.00 22.57 ? 236 ASP A C   1 
ATOM   1506 O  O   . ASP A 1 236 ? 5.197   -12.942 28.243  1.00 22.52 ? 236 ASP A O   1 
ATOM   1507 C  CB  . ASP A 1 236 ? 7.155   -12.085 26.406  1.00 18.83 ? 236 ASP A CB  1 
ATOM   1508 C  CG  . ASP A 1 236 ? 7.727   -13.486 26.543  1.00 27.44 ? 236 ASP A CG  1 
ATOM   1509 O  OD1 . ASP A 1 236 ? 7.362   -14.362 25.721  1.00 26.96 ? 236 ASP A OD1 1 
ATOM   1510 O  OD2 . ASP A 1 236 ? 8.501   -13.718 27.496  1.00 33.17 ? 236 ASP A OD2 1 
ATOM   1511 N  N   . ALA A 1 237 ? 3.541   -13.025 26.729  1.00 19.50 ? 237 ALA A N   1 
ATOM   1512 C  CA  . ALA A 1 237 ? 2.536   -13.592 27.613  1.00 19.36 ? 237 ALA A CA  1 
ATOM   1513 C  C   . ALA A 1 237 ? 1.670   -14.573 26.815  1.00 24.03 ? 237 ALA A C   1 
ATOM   1514 O  O   . ALA A 1 237 ? 1.240   -14.260 25.702  1.00 24.50 ? 237 ALA A O   1 
ATOM   1515 C  CB  . ALA A 1 237 ? 1.668   -12.478 28.200  1.00 19.58 ? 237 ALA A CB  1 
ATOM   1516 N  N   . PRO A 1 238 ? 1.419   -15.775 27.348  1.00 19.94 ? 238 PRO A N   1 
ATOM   1517 C  CA  . PRO A 1 238 ? 0.587   -16.727 26.606  1.00 19.64 ? 238 PRO A CA  1 
ATOM   1518 C  C   . PRO A 1 238 ? -0.910  -16.453 26.741  1.00 21.21 ? 238 PRO A C   1 
ATOM   1519 O  O   . PRO A 1 238 ? -1.346  -15.633 27.556  1.00 20.20 ? 238 PRO A O   1 
ATOM   1520 C  CB  . PRO A 1 238 ? 0.943   -18.061 27.270  1.00 21.60 ? 238 PRO A CB  1 
ATOM   1521 C  CG  . PRO A 1 238 ? 1.261   -17.693 28.668  1.00 25.32 ? 238 PRO A CG  1 
ATOM   1522 C  CD  . PRO A 1 238 ? 1.858   -16.330 28.646  1.00 20.92 ? 238 PRO A CD  1 
ATOM   1523 N  N   . LEU A 1 239 ? -1.694  -17.196 25.962  1.00 18.02 ? 239 LEU A N   1 
ATOM   1524 C  CA  . LEU A 1 239 ? -3.151  -17.205 26.033  1.00 16.93 ? 239 LEU A CA  1 
ATOM   1525 C  C   . LEU A 1 239 ? -3.529  -18.466 26.822  1.00 18.60 ? 239 LEU A C   1 
ATOM   1526 O  O   . LEU A 1 239 ? -3.150  -19.576 26.446  1.00 16.55 ? 239 LEU A O   1 
ATOM   1527 C  CB  . LEU A 1 239 ? -3.793  -17.224 24.635  1.00 16.40 ? 239 LEU A CB  1 
ATOM   1528 C  CG  . LEU A 1 239 ? -5.331  -17.171 24.566  1.00 19.83 ? 239 LEU A CG  1 
ATOM   1529 C  CD1 . LEU A 1 239 ? -5.894  -15.826 25.096  1.00 18.77 ? 239 LEU A CD1 1 
ATOM   1530 C  CD2 . LEU A 1 239 ? -5.818  -17.416 23.142  1.00 19.29 ? 239 LEU A CD2 1 
ATOM   1531 N  N   . PHE A 1 240 ? -4.236  -18.283 27.937  1.00 15.50 ? 240 PHE A N   1 
ATOM   1532 C  CA  . PHE A 1 240 ? -4.709  -19.392 28.767  1.00 14.57 ? 240 PHE A CA  1 
ATOM   1533 C  C   . PHE A 1 240 ? -6.217  -19.499 28.707  1.00 18.62 ? 240 PHE A C   1 
ATOM   1534 O  O   . PHE A 1 240 ? -6.894  -18.477 28.598  1.00 17.29 ? 240 PHE A O   1 
ATOM   1535 C  CB  . PHE A 1 240 ? -4.306  -19.197 30.241  1.00 15.63 ? 240 PHE A CB  1 
ATOM   1536 C  CG  . PHE A 1 240 ? -2.833  -19.289 30.577  1.00 16.70 ? 240 PHE A CG  1 
ATOM   1537 C  CD1 . PHE A 1 240 ? -2.016  -20.225 29.953  1.00 18.93 ? 240 PHE A CD1 1 
ATOM   1538 C  CD2 . PHE A 1 240 ? -2.291  -18.524 31.603  1.00 17.44 ? 240 PHE A CD2 1 
ATOM   1539 C  CE1 . PHE A 1 240 ? -0.660  -20.318 30.281  1.00 20.53 ? 240 PHE A CE1 1 
ATOM   1540 C  CE2 . PHE A 1 240 ? -0.936  -18.623 31.932  1.00 20.12 ? 240 PHE A CE2 1 
ATOM   1541 C  CZ  . PHE A 1 240 ? -0.133  -19.531 31.284  1.00 18.46 ? 240 PHE A CZ  1 
ATOM   1542 N  N   . THR A 1 241 ? -6.753  -20.733 28.843  1.00 16.21 ? 241 THR A N   1 
ATOM   1543 C  CA  . THR A 1 241 ? -8.194  -20.948 28.952  1.00 15.63 ? 241 THR A CA  1 
ATOM   1544 C  C   . THR A 1 241 ? -8.532  -20.529 30.396  1.00 19.35 ? 241 THR A C   1 
ATOM   1545 O  O   . THR A 1 241 ? -7.789  -20.866 31.327  1.00 18.32 ? 241 THR A O   1 
ATOM   1546 C  CB  . THR A 1 241 ? -8.551  -22.433 28.718  1.00 23.33 ? 241 THR A CB  1 
ATOM   1547 O  OG1 . THR A 1 241 ? -8.081  -22.855 27.437  1.00 21.71 ? 241 THR A OG1 1 
ATOM   1548 C  CG2 . THR A 1 241 ? -10.055 -22.706 28.824  1.00 22.15 ? 241 THR A CG2 1 
ATOM   1549 N  N   . GLY A 1 242 ? -9.617  -19.784 30.559  1.00 15.62 ? 242 GLY A N   1 
ATOM   1550 C  CA  . GLY A 1 242 ? -10.070 -19.337 31.865  1.00 15.15 ? 242 GLY A CA  1 
ATOM   1551 C  C   . GLY A 1 242 ? -10.684 -20.474 32.659  1.00 20.04 ? 242 GLY A C   1 
ATOM   1552 O  O   . GLY A 1 242 ? -11.380 -21.308 32.077  1.00 18.59 ? 242 GLY A O   1 
ATOM   1553 N  N   . PRO A 1 243 ? -10.468 -20.553 33.994  1.00 18.57 ? 243 PRO A N   1 
ATOM   1554 C  CA  . PRO A 1 243 ? -9.634  -19.662 34.830  1.00 18.55 ? 243 PRO A CA  1 
ATOM   1555 C  C   . PRO A 1 243 ? -8.145  -19.956 34.619  1.00 23.21 ? 243 PRO A C   1 
ATOM   1556 O  O   . PRO A 1 243 ? -7.789  -21.114 34.384  1.00 22.44 ? 243 PRO A O   1 
ATOM   1557 C  CB  . PRO A 1 243 ? -10.091 -20.002 36.255  1.00 20.15 ? 243 PRO A CB  1 
ATOM   1558 C  CG  . PRO A 1 243 ? -10.542 -21.446 36.187  1.00 24.44 ? 243 PRO A CG  1 
ATOM   1559 C  CD  . PRO A 1 243 ? -11.067 -21.656 34.784  1.00 20.06 ? 243 PRO A CD  1 
ATOM   1560 N  N   . ALA A 1 244 ? -7.279  -18.926 34.662  1.00 19.30 ? 244 ALA A N   1 
ATOM   1561 C  CA  . ALA A 1 244 ? -5.845  -19.169 34.466  1.00 19.28 ? 244 ALA A CA  1 
ATOM   1562 C  C   . ALA A 1 244 ? -5.203  -19.704 35.742  1.00 21.36 ? 244 ALA A C   1 
ATOM   1563 O  O   . ALA A 1 244 ? -5.580  -19.275 36.837  1.00 20.28 ? 244 ALA A O   1 
ATOM   1564 C  CB  . ALA A 1 244 ? -5.148  -17.916 34.011  1.00 19.79 ? 244 ALA A CB  1 
ATOM   1565 N  N   . TYR A 1 245 ? -4.260  -20.673 35.594  1.00 16.16 ? 245 TYR A N   1 
ATOM   1566 C  CA  . TYR A 1 245 ? -3.576  -21.389 36.692  1.00 18.64 ? 245 TYR A CA  1 
ATOM   1567 C  C   . TYR A 1 245 ? -4.563  -22.129 37.627  1.00 24.45 ? 245 TYR A C   1 
ATOM   1568 O  O   . TYR A 1 245 ? -4.124  -22.699 38.637  1.00 27.32 ? 245 TYR A O   1 
ATOM   1569 C  CB  . TYR A 1 245 ? -2.600  -20.482 37.488  1.00 19.53 ? 245 TYR A CB  1 
ATOM   1570 C  CG  . TYR A 1 245 ? -1.489  -19.880 36.655  1.00 20.48 ? 245 TYR A CG  1 
ATOM   1571 C  CD1 . TYR A 1 245 ? -0.375  -20.633 36.291  1.00 22.24 ? 245 TYR A CD1 1 
ATOM   1572 C  CD2 . TYR A 1 245 ? -1.543  -18.552 36.244  1.00 20.80 ? 245 TYR A CD2 1 
ATOM   1573 C  CE1 . TYR A 1 245 ? 0.655   -20.080 35.529  1.00 21.37 ? 245 TYR A CE1 1 
ATOM   1574 C  CE2 . TYR A 1 245 ? -0.523  -17.991 35.482  1.00 21.62 ? 245 TYR A CE2 1 
ATOM   1575 C  CZ  . TYR A 1 245 ? 0.570   -18.759 35.121  1.00 27.15 ? 245 TYR A CZ  1 
ATOM   1576 O  OH  . TYR A 1 245 ? 1.554   -18.197 34.351  1.00 27.14 ? 245 TYR A OH  1 
ATOM   1577 O  OXT . TYR A 1 245 ? -5.776  -22.181 37.326  1.00 44.50 ? 245 TYR A OXT 1 
HETATM 1578 C  C1  . EDO B 2 .   ? 7.149   -4.123  17.874  1.00 22.40 ? 246 EDO A C1  1 
HETATM 1579 O  O1  . EDO B 2 .   ? 6.141   -4.046  16.864  1.00 24.88 ? 246 EDO A O1  1 
HETATM 1580 C  C2  . EDO B 2 .   ? 7.760   -5.521  17.814  1.00 21.69 ? 246 EDO A C2  1 
HETATM 1581 O  O2  . EDO B 2 .   ? 8.483   -5.668  16.584  1.00 24.44 ? 246 EDO A O2  1 
HETATM 1582 O  O   . HOH C 3 .   ? 2.597   2.573   -15.884 1.00 17.26 ? 247 HOH A O   1 
HETATM 1583 O  O   . HOH C 3 .   ? -8.887  -17.887 26.775  1.00 14.65 ? 248 HOH A O   1 
HETATM 1584 O  O   . HOH C 3 .   ? -2.989  10.321  -23.247 1.00 12.38 ? 249 HOH A O   1 
HETATM 1585 O  O   . HOH C 3 .   ? -5.536  9.263   -20.747 1.00 17.48 ? 250 HOH A O   1 
HETATM 1586 O  O   . HOH C 3 .   ? -17.739 2.781   -14.562 1.00 20.21 ? 251 HOH A O   1 
HETATM 1587 O  O   . HOH C 3 .   ? -3.045  -5.900  13.530  1.00 22.01 ? 252 HOH A O   1 
HETATM 1588 O  O   . HOH C 3 .   ? -6.621  -0.849  -21.812 1.00 29.35 ? 253 HOH A O   1 
HETATM 1589 O  O   . HOH C 3 .   ? 1.659   -10.356 14.460  1.00 15.41 ? 254 HOH A O   1 
HETATM 1590 O  O   . HOH C 3 .   ? -6.786  -3.409  -11.343 1.00 15.21 ? 255 HOH A O   1 
HETATM 1591 O  O   . HOH C 3 .   ? 14.740  -0.780  9.137   1.00 26.31 ? 256 HOH A O   1 
HETATM 1592 O  O   . HOH C 3 .   ? -2.713  4.488   16.572  1.00 30.07 ? 257 HOH A O   1 
HETATM 1593 O  O   . HOH C 3 .   ? -20.714 1.264   7.693   1.00 14.15 ? 258 HOH A O   1 
HETATM 1594 O  O   . HOH C 3 .   ? -11.637 10.740  -20.543 1.00 23.41 ? 259 HOH A O   1 
HETATM 1595 O  O   . HOH C 3 .   ? -5.597  -23.920 40.386  1.00 30.92 ? 260 HOH A O   1 
HETATM 1596 O  O   . HOH C 3 .   ? -6.154  7.282   -22.958 1.00 9.42  ? 261 HOH A O   1 
HETATM 1597 O  O   . HOH C 3 .   ? -18.754 15.189  4.778   1.00 24.79 ? 262 HOH A O   1 
HETATM 1598 O  O   . HOH C 3 .   ? -11.248 -10.732 12.489  1.00 17.47 ? 263 HOH A O   1 
HETATM 1599 O  O   . HOH C 3 .   ? 5.387   15.391  -14.629 1.00 21.51 ? 264 HOH A O   1 
HETATM 1600 O  O   . HOH C 3 .   ? -20.570 2.073   14.279  1.00 14.75 ? 265 HOH A O   1 
HETATM 1601 O  O   . HOH C 3 .   ? -2.799  -5.514  18.038  1.00 24.60 ? 266 HOH A O   1 
HETATM 1602 O  O   . HOH C 3 .   ? 7.823   0.628   7.138   1.00 33.27 ? 267 HOH A O   1 
HETATM 1603 O  O   . HOH C 3 .   ? -9.309  -7.228  1.435   1.00 26.12 ? 268 HOH A O   1 
HETATM 1604 O  O   . HOH C 3 .   ? 5.190   -7.218  19.730  1.00 15.61 ? 269 HOH A O   1 
HETATM 1605 O  O   . HOH C 3 .   ? 2.347   11.751  5.235   1.00 37.32 ? 270 HOH A O   1 
HETATM 1606 O  O   . HOH C 3 .   ? 53.491  -29.489 7.640   1.00 39.93 ? 271 HOH A O   1 
HETATM 1607 O  O   . HOH C 3 .   ? -17.504 14.527  -10.042 1.00 16.10 ? 272 HOH A O   1 
HETATM 1608 O  O   . HOH C 3 .   ? 46.556  -42.575 3.202   1.00 58.56 ? 273 HOH A O   1 
HETATM 1609 O  O   . HOH C 3 .   ? 4.497   -4.996  14.033  1.00 23.33 ? 274 HOH A O   1 
HETATM 1610 O  O   . HOH C 3 .   ? 2.747   -0.210  -17.278 1.00 39.23 ? 275 HOH A O   1 
HETATM 1611 O  O   . HOH C 3 .   ? 55.294  -29.830 9.625   1.00 41.53 ? 276 HOH A O   1 
HETATM 1612 O  O   . HOH C 3 .   ? -5.533  -1.908  -4.696  1.00 25.77 ? 277 HOH A O   1 
HETATM 1613 O  O   . HOH C 3 .   ? 7.531   16.770  -14.828 1.00 53.63 ? 278 HOH A O   1 
HETATM 1614 O  O   . HOH C 3 .   ? -13.148 -19.710 30.057  1.00 31.10 ? 279 HOH A O   1 
HETATM 1615 O  O   . HOH C 3 .   ? -22.527 9.273   3.802   1.00 28.27 ? 280 HOH A O   1 
HETATM 1616 O  O   . HOH C 3 .   ? -4.987  -4.624  12.667  1.00 29.59 ? 281 HOH A O   1 
HETATM 1617 O  O   . HOH C 3 .   ? 3.826   1.800   -6.274  1.00 28.11 ? 282 HOH A O   1 
HETATM 1618 O  O   . HOH C 3 .   ? -8.348  -0.484  -23.765 1.00 35.03 ? 283 HOH A O   1 
HETATM 1619 O  O   . HOH C 3 .   ? 0.061   17.821  -11.557 1.00 24.62 ? 284 HOH A O   1 
HETATM 1620 O  O   . HOH C 3 .   ? -7.563  -6.002  -9.927  1.00 34.96 ? 285 HOH A O   1 
HETATM 1621 O  O   . HOH C 3 .   ? -10.523 -0.613  -25.565 1.00 46.58 ? 286 HOH A O   1 
HETATM 1622 O  O   . HOH C 3 .   ? 53.084  -37.715 4.298   1.00 56.64 ? 287 HOH A O   1 
HETATM 1623 O  O   . HOH C 3 .   ? -11.747 -6.382  0.651   1.00 47.55 ? 288 HOH A O   1 
HETATM 1624 O  O   . HOH C 3 .   ? -0.604  -8.631  4.334   1.00 36.17 ? 289 HOH A O   1 
HETATM 1625 O  O   . HOH C 3 .   ? -13.863 16.608  -1.935  1.00 46.63 ? 290 HOH A O   1 
HETATM 1626 O  O   . HOH C 3 .   ? 14.481  -3.249  8.673   1.00 40.46 ? 291 HOH A O   1 
HETATM 1627 O  O   . HOH C 3 .   ? 38.923  -22.861 5.921   1.00 26.38 ? 292 HOH A O   1 
HETATM 1628 O  O   . HOH C 3 .   ? 6.728   -2.760  -2.278  1.00 27.38 ? 293 HOH A O   1 
HETATM 1629 O  O   . HOH C 3 .   ? -0.925  -11.250 23.374  1.00 32.40 ? 294 HOH A O   1 
HETATM 1630 O  O   . HOH C 3 .   ? 0.955   -12.565 23.680  1.00 28.44 ? 295 HOH A O   1 
HETATM 1631 O  O   . HOH C 3 .   ? -5.274  0.514   15.902  1.00 37.22 ? 296 HOH A O   1 
HETATM 1632 O  O   . HOH C 3 .   ? -13.392 12.509  -21.408 1.00 39.08 ? 297 HOH A O   1 
HETATM 1633 O  O   . HOH C 3 .   ? -2.349  4.372   19.971  1.00 46.76 ? 298 HOH A O   1 
HETATM 1634 O  O   . HOH C 3 .   ? -13.439 -5.641  5.935   1.00 29.34 ? 299 HOH A O   1 
HETATM 1635 O  O   . HOH C 3 .   ? 3.206   -7.783  2.656   1.00 41.58 ? 300 HOH A O   1 
HETATM 1636 O  O   . HOH C 3 .   ? 5.175   -4.100  -6.410  1.00 45.43 ? 301 HOH A O   1 
HETATM 1637 O  O   . HOH C 3 .   ? 5.947   6.217   16.564  1.00 41.45 ? 302 HOH A O   1 
HETATM 1638 O  O   . HOH C 3 .   ? -7.835  -22.114 38.809  1.00 36.19 ? 303 HOH A O   1 
HETATM 1639 O  O   . HOH C 3 .   ? 13.761  -4.663  6.491   1.00 54.19 ? 304 HOH A O   1 
HETATM 1640 O  O   . HOH C 3 .   ? -2.802  18.573  -21.589 1.00 21.99 ? 305 HOH A O   1 
HETATM 1641 O  O   . HOH C 3 .   ? -9.232  1.293   -27.152 1.00 29.06 ? 306 HOH A O   1 
HETATM 1642 O  O   . HOH C 3 .   ? -15.769 -2.130  0.732   1.00 21.87 ? 307 HOH A O   1 
HETATM 1643 O  O   . HOH C 3 .   ? 53.317  -34.721 0.213   0.50 78.81 ? 308 HOH A O   1 
HETATM 1644 O  O   . HOH C 3 .   ? 4.639   -16.349 24.821  0.50 55.66 ? 309 HOH A O   1 
HETATM 1645 O  O   . HOH C 3 .   ? -0.526  -1.303  -19.325 1.00 24.86 ? 310 HOH A O   1 
HETATM 1646 O  O   . HOH C 3 .   ? 0.524   -1.472  -21.377 1.00 21.09 ? 311 HOH A O   1 
HETATM 1647 O  O   . HOH C 3 .   ? -11.364 19.012  -9.574  1.00 21.26 ? 312 HOH A O   1 
HETATM 1648 O  O   . HOH C 3 .   ? 4.805   -4.168  -3.288  1.00 31.35 ? 313 HOH A O   1 
HETATM 1649 O  O   . HOH C 3 .   ? 5.921   -7.461  0.516   1.00 40.11 ? 314 HOH A O   1 
HETATM 1650 O  O   . HOH C 3 .   ? -16.168 -10.032 10.867  1.00 53.93 ? 315 HOH A O   1 
HETATM 1651 O  O   . HOH C 3 .   ? -1.684  -5.105  -12.383 1.00 43.55 ? 316 HOH A O   1 
HETATM 1652 O  O   . HOH C 3 .   ? -0.314  -3.493  -2.968  1.00 34.12 ? 317 HOH A O   1 
HETATM 1653 O  O   . HOH C 3 .   ? -17.573 -3.045  21.541  1.00 23.40 ? 318 HOH A O   1 
HETATM 1654 O  O   . HOH C 3 .   ? -1.038  -5.660  24.598  1.00 29.63 ? 319 HOH A O   1 
HETATM 1655 O  O   . HOH C 3 .   ? 43.998  -21.205 4.078   1.00 31.61 ? 320 HOH A O   1 
# 
